data_7YPZ
#
_entry.id   7YPZ
#
_cell.length_a   105.782
_cell.length_b   105.782
_cell.length_c   304.905
_cell.angle_alpha   90.00
_cell.angle_beta   90.00
_cell.angle_gamma   90.00
#
_symmetry.space_group_name_H-M   'P 43 21 2'
#
loop_
_entity.id
_entity.type
_entity.pdbx_description
1 polymer 'GTP-binding nuclear protein Ran'
2 polymer 'YRB1 isoform 1'
3 polymer 'CRM1 isoform 1'
4 non-polymer 'MAGNESIUM ION'
5 non-polymer 'DIMETHYL SULFOXIDE'
6 non-polymer 1,2-ETHANEDIOL
7 non-polymer "GUANOSINE-5'-TRIPHOSPHATE"
8 non-polymer 'CHLORIDE ION'
9 non-polymer 'SODIUM ION'
10 non-polymer GLYCEROL
11 non-polymer '3[N-MORPHOLINO]PROPANE SULFONIC ACID'
12 non-polymer zafirlukast
13 water water
#
loop_
_entity_poly.entity_id
_entity_poly.type
_entity_poly.pdbx_seq_one_letter_code
_entity_poly.pdbx_strand_id
1 'polypeptide(L)'
;MAAQGEPEVQFKLVLVGDGGTGKTTFVKRHLTGEFEKKYVATLGVEVHPLVFHTNRGPIKFNVWDTAGLEKFGGLRDGYY
IQAQCAIIMFDVTSRVTYKNVPNWHRDLVRVCENIPIVLCGNKVDIKDRKVKAKSIVFHRKKNLQYYDISAKSNYNFEKP
FLWLARKLIGDPNLEFVAMPAAAPPEVVMDPALAAQYEHDLEVAQTTALPDEDDDL
;
A
2 'polypeptide(L)'
;DIHFEPVVHLEKVDVKTMEEDEEVLYKVRAKLFRFDADAKEWKERGTGDCKFLKNKKTNKVRILMRRDKTLKICANHIIA
PEYTLKPNVGSDRSWVYACTADIAEGEAEAFTFAIRFGSKENADKFKEEFEKAQEINKKA
;
B
3 'polypeptide(L)'
;GGSMEGILDFSNDLDIALLDQVVSTFYQGEGVQQKQAQEILTKFQDNPDAWEKVDQILQFSTNPQSKFIALSILDKLITR
KWKLLPNDHRIGIRNFVVGMIISMCQDDEVFKTQKNLINKSDLTLVQILKQEWPQNWPEFIPELIGSSSSSVNVCENNMI
VLKLLSEEVFDFSAEQMTQAKALHLKNSMSKEFEQIFKLCFQVLEQGSSSSLIVATLESLLRYLHWIPYRYIYETNILEL
LSTKFMTSPDTRAITLKCLTEVSNLKIPQDNDLIKRQTVLFFQNTLQQIATSVMPVTADLKATYANANGNDQSFLQDLAM
FLTTYLARNRALLESDESLRELLLNAHQYLIQLSKIEERELFKTTLDYWHNLVADLFYEPLKKHIYEEICSQLRLVIIEN
MVRPEEIQLYKSEREVLVYLTHLNVIDTEEIMISKLARQIDGSEWSWHNINTLSWAIGSISGTMSEDTEKRFVVTVIKDL
LGLCEQKRGKDNKAVVARDIMYVVGEYPRFLKAHWNFLRTVILKLFEFMHETHEGVQDMACDTFIKIVQKCKYHFVIQQP
RESEPFIQTIIRDIQKTTADLQPQQVHTFYKACGIIISEERSVAERNRLLSDLMQLPNMAWDTIVEQSTANPTLLLDSET
VKIIANIIKTNVAVCTSMGADFYPQLGHIYYNMLQLYRAVSSMISTQVAAEGLIATKTPKVRGLRTIKKEILKLVETYIS
KARNLDDVVKVLVEPLLNAVLEDYMNNVPDARDAEVLNCMTTVVEKVGHMIPQGVILILQSVFECTLDMINKDFTEYPEH
RVEFYKLLKVINEKSFAAFLELPPAAFKLFVDAICWAFKHNNRDVEVNGLQIALDLVKNIERMGNVPFANEFHKNYFFIF
VSETFFVLTDSDHKSGFSKQALLLMKLISLVYDNKISVPLYQEAEVPQGTSNQVYLSQYLANMLSNAFPHLTSEQIASFL
SALTKQCKDLVVFKGTLRDFLVQIKEVGGDPTDYLFAEDKENA
;
C
#
loop_
_chem_comp.id
_chem_comp.type
_chem_comp.name
_chem_comp.formula
CL non-polymer 'CHLORIDE ION' 'Cl -1'
DMS non-polymer 'DIMETHYL SULFOXIDE' 'C2 H6 O S'
EDO non-polymer 1,2-ETHANEDIOL 'C2 H6 O2'
GOL non-polymer GLYCEROL 'C3 H8 O3'
GTP non-polymer GUANOSINE-5'-TRIPHOSPHATE 'C10 H16 N5 O14 P3'
MG non-polymer 'MAGNESIUM ION' 'Mg 2'
MPO non-polymer '3[N-MORPHOLINO]PROPANE SULFONIC ACID' 'C7 H15 N O4 S'
NA non-polymer 'SODIUM ION' 'Na 1'
ZLK non-polymer zafirlukast 'C31 H33 N3 O6 S'
#
# COMPACT_ATOMS: atom_id res chain seq x y z
N GLU A 8 29.05 -10.76 16.62
CA GLU A 8 28.11 -10.04 15.71
C GLU A 8 28.36 -10.48 14.26
N VAL A 9 27.27 -10.92 13.61
CA VAL A 9 27.25 -11.35 12.22
C VAL A 9 26.49 -10.28 11.41
N GLN A 10 26.99 -9.95 10.19
CA GLN A 10 26.36 -8.95 9.32
C GLN A 10 25.93 -9.55 7.97
N PHE A 11 24.79 -9.05 7.45
CA PHE A 11 24.14 -9.53 6.24
C PHE A 11 23.81 -8.34 5.34
N LYS A 12 24.15 -8.44 4.05
CA LYS A 12 23.80 -7.41 3.06
C LYS A 12 22.32 -7.57 2.68
N LEU A 13 21.53 -6.50 2.91
CA LEU A 13 20.11 -6.44 2.58
C LEU A 13 19.90 -5.38 1.50
N VAL A 14 19.31 -5.75 0.35
CA VAL A 14 19.00 -4.79 -0.68
C VAL A 14 17.50 -4.50 -0.63
N LEU A 15 17.16 -3.22 -0.74
CA LEU A 15 15.81 -2.73 -0.72
C LEU A 15 15.53 -2.13 -2.10
N VAL A 16 14.50 -2.67 -2.80
CA VAL A 16 14.16 -2.26 -4.15
C VAL A 16 12.67 -2.01 -4.26
N GLY A 17 12.26 -1.23 -5.28
CA GLY A 17 10.85 -0.90 -5.53
C GLY A 17 10.71 0.48 -6.18
N ASP A 18 9.50 0.83 -6.66
CA ASP A 18 9.27 2.06 -7.40
C ASP A 18 9.61 3.26 -6.52
N GLY A 19 9.94 4.39 -7.19
CA GLY A 19 10.10 5.67 -6.53
C GLY A 19 8.86 6.01 -5.72
N GLY A 20 9.08 6.49 -4.49
CA GLY A 20 8.03 7.06 -3.67
C GLY A 20 7.24 6.05 -2.86
N THR A 21 7.66 4.76 -2.86
CA THR A 21 6.95 3.67 -2.19
C THR A 21 7.23 3.63 -0.68
N GLY A 22 8.32 4.29 -0.23
CA GLY A 22 8.57 4.39 1.21
C GLY A 22 9.84 3.69 1.70
N LYS A 23 10.73 3.28 0.78
CA LYS A 23 11.95 2.56 1.12
C LYS A 23 12.81 3.36 2.10
N THR A 24 13.23 4.57 1.72
CA THR A 24 14.13 5.37 2.52
C THR A 24 13.45 5.76 3.84
N THR A 25 12.17 6.11 3.77
CA THR A 25 11.36 6.49 4.92
C THR A 25 11.35 5.34 5.94
N PHE A 26 11.14 4.12 5.45
CA PHE A 26 11.08 2.92 6.27
C PHE A 26 12.42 2.67 6.97
N VAL A 27 13.53 2.77 6.23
CA VAL A 27 14.85 2.52 6.78
C VAL A 27 15.19 3.60 7.82
N LYS A 28 14.97 4.88 7.47
CA LYS A 28 15.27 6.00 8.37
C LYS A 28 14.54 5.83 9.69
N ARG A 29 13.28 5.43 9.64
CA ARG A 29 12.50 5.23 10.84
C ARG A 29 13.19 4.16 11.71
N HIS A 30 13.65 3.08 11.08
CA HIS A 30 14.38 2.03 11.77
C HIS A 30 15.71 2.50 12.33
N LEU A 31 16.42 3.42 11.64
CA LEU A 31 17.74 3.90 12.05
C LEU A 31 17.67 4.86 13.25
N THR A 32 16.77 5.86 13.16
CA THR A 32 16.76 7.03 14.04
C THR A 32 15.44 7.16 14.82
N GLY A 33 14.37 6.51 14.34
CA GLY A 33 13.04 6.63 14.93
C GLY A 33 12.17 7.70 14.26
N GLU A 34 12.75 8.51 13.36
CA GLU A 34 12.08 9.65 12.77
C GLU A 34 11.20 9.21 11.59
N PHE A 35 10.11 9.97 11.35
CA PHE A 35 9.27 9.81 10.18
C PHE A 35 9.48 11.02 9.26
N GLU A 36 10.19 10.80 8.14
CA GLU A 36 10.40 11.86 7.14
C GLU A 36 9.16 11.98 6.24
N LYS A 37 8.49 13.13 6.30
CA LYS A 37 7.30 13.42 5.49
C LYS A 37 7.68 13.84 4.07
N LYS A 38 8.86 14.45 3.88
CA LYS A 38 9.26 14.94 2.56
C LYS A 38 9.70 13.76 1.72
N TYR A 39 9.50 13.84 0.39
CA TYR A 39 10.01 12.89 -0.60
C TYR A 39 11.28 13.45 -1.25
N VAL A 40 12.46 12.98 -0.85
CA VAL A 40 13.71 13.29 -1.52
C VAL A 40 14.21 12.00 -2.15
N ALA A 41 14.11 11.91 -3.49
CA ALA A 41 14.45 10.72 -4.25
C ALA A 41 15.88 10.28 -3.94
N THR A 42 16.08 8.99 -3.64
CA THR A 42 17.43 8.46 -3.42
C THR A 42 18.19 8.57 -4.74
N LEU A 43 19.47 8.93 -4.68
CA LEU A 43 20.37 8.97 -5.83
C LEU A 43 21.23 7.70 -5.83
N GLY A 44 20.93 6.74 -6.70
CA GLY A 44 21.67 5.48 -6.75
C GLY A 44 21.38 4.56 -5.56
N VAL A 45 22.15 4.70 -4.48
CA VAL A 45 21.97 3.89 -3.28
C VAL A 45 22.43 4.68 -2.05
N GLU A 46 21.80 4.42 -0.91
CA GLU A 46 22.25 4.85 0.41
C GLU A 46 22.51 3.60 1.24
N VAL A 47 23.70 3.48 1.84
CA VAL A 47 24.08 2.31 2.61
C VAL A 47 24.14 2.67 4.10
N HIS A 48 23.37 1.98 4.95
CA HIS A 48 23.38 2.21 6.39
C HIS A 48 23.43 0.87 7.14
N PRO A 49 24.29 0.73 8.16
CA PRO A 49 24.19 -0.40 9.08
C PRO A 49 22.97 -0.25 9.99
N LEU A 50 22.28 -1.36 10.24
CA LEU A 50 21.11 -1.44 11.11
C LEU A 50 21.24 -2.71 11.97
N VAL A 51 21.22 -2.56 13.30
CA VAL A 51 21.44 -3.64 14.25
C VAL A 51 20.13 -3.93 15.02
N PHE A 52 19.81 -5.21 15.18
CA PHE A 52 18.76 -5.65 16.08
C PHE A 52 19.37 -6.54 17.14
N HIS A 53 18.88 -6.44 18.38
CA HIS A 53 19.23 -7.32 19.48
C HIS A 53 18.23 -8.49 19.51
N THR A 54 18.76 -9.73 19.49
CA THR A 54 17.97 -10.96 19.48
C THR A 54 18.35 -11.84 20.67
N ASN A 55 17.54 -12.89 20.93
CA ASN A 55 17.83 -13.90 21.96
C ASN A 55 19.06 -14.72 21.60
N ARG A 56 19.51 -14.62 20.33
CA ARG A 56 20.70 -15.27 19.83
C ARG A 56 21.85 -14.27 19.65
N GLY A 57 21.73 -13.07 20.26
CA GLY A 57 22.74 -12.02 20.13
C GLY A 57 22.41 -11.02 19.03
N PRO A 58 23.28 -10.01 18.80
CA PRO A 58 22.98 -8.94 17.85
C PRO A 58 23.16 -9.39 16.40
N ILE A 59 22.27 -8.89 15.51
CA ILE A 59 22.36 -9.14 14.09
C ILE A 59 22.44 -7.78 13.38
N LYS A 60 23.41 -7.64 12.48
CA LYS A 60 23.64 -6.41 11.72
C LYS A 60 23.22 -6.61 10.27
N PHE A 61 22.36 -5.71 9.76
CA PHE A 61 22.05 -5.63 8.34
C PHE A 61 22.80 -4.44 7.73
N ASN A 62 23.54 -4.72 6.65
N ASN A 62 23.56 -4.70 6.66
CA ASN A 62 24.13 -3.70 5.79
CA ASN A 62 24.12 -3.65 5.83
C ASN A 62 23.05 -3.37 4.75
C ASN A 62 23.06 -3.36 4.76
N VAL A 63 22.28 -2.29 5.00
CA VAL A 63 21.09 -2.00 4.20
C VAL A 63 21.49 -1.15 3.00
N TRP A 64 21.27 -1.69 1.80
CA TRP A 64 21.47 -1.01 0.52
C TRP A 64 20.10 -0.54 0.03
N ASP A 65 19.78 0.73 0.35
CA ASP A 65 18.51 1.36 0.03
C ASP A 65 18.63 2.00 -1.36
N THR A 66 18.14 1.30 -2.40
CA THR A 66 18.40 1.67 -3.80
C THR A 66 17.33 2.66 -4.30
N ALA A 67 17.69 3.37 -5.38
CA ALA A 67 16.82 4.32 -6.07
C ALA A 67 15.81 3.57 -6.94
N GLY A 68 14.53 3.96 -6.79
CA GLY A 68 13.42 3.42 -7.55
C GLY A 68 13.15 4.15 -8.86
N LEU A 69 13.55 5.42 -8.98
CA LEU A 69 13.30 6.19 -10.20
C LEU A 69 14.41 5.91 -11.21
N GLU A 70 13.99 5.67 -12.46
CA GLU A 70 14.89 5.25 -13.53
C GLU A 70 16.02 6.26 -13.69
N LYS A 71 15.70 7.56 -13.62
CA LYS A 71 16.67 8.62 -13.87
C LYS A 71 17.71 8.70 -12.75
N PHE A 72 17.42 8.14 -11.56
CA PHE A 72 18.37 8.16 -10.44
C PHE A 72 18.85 6.76 -10.08
N GLY A 73 18.72 5.81 -11.02
CA GLY A 73 18.92 4.39 -10.78
C GLY A 73 20.38 3.98 -10.52
N GLY A 74 21.33 4.79 -10.99
CA GLY A 74 22.75 4.55 -10.80
C GLY A 74 23.19 3.21 -11.38
N LEU A 75 23.82 2.37 -10.54
CA LEU A 75 24.36 1.08 -10.96
C LEU A 75 23.27 0.03 -11.14
N ARG A 76 22.07 0.29 -10.60
CA ARG A 76 20.92 -0.59 -10.75
C ARG A 76 21.24 -1.97 -10.14
N ASP A 77 21.30 -3.03 -10.97
CA ASP A 77 21.47 -4.39 -10.50
C ASP A 77 22.89 -4.62 -9.97
N GLY A 78 23.83 -3.75 -10.34
CA GLY A 78 25.13 -3.67 -9.71
C GLY A 78 25.07 -3.57 -8.18
N TYR A 79 23.99 -3.00 -7.63
CA TYR A 79 23.82 -2.92 -6.18
C TYR A 79 23.47 -4.27 -5.57
N TYR A 80 22.99 -5.24 -6.37
CA TYR A 80 22.44 -6.45 -5.80
C TYR A 80 23.54 -7.51 -5.52
N ILE A 81 24.74 -7.33 -6.08
CA ILE A 81 25.82 -8.31 -6.00
C ILE A 81 26.13 -8.65 -4.54
N GLN A 82 26.15 -9.96 -4.22
CA GLN A 82 26.45 -10.51 -2.90
C GLN A 82 25.40 -10.09 -1.85
N ALA A 83 24.20 -9.67 -2.27
CA ALA A 83 23.10 -9.51 -1.34
C ALA A 83 22.73 -10.86 -0.75
N GLN A 84 22.45 -10.90 0.56
CA GLN A 84 22.08 -12.12 1.26
C GLN A 84 20.57 -12.14 1.54
N CYS A 85 19.90 -11.00 1.34
CA CYS A 85 18.47 -10.91 1.57
C CYS A 85 17.96 -9.64 0.90
N ALA A 86 16.62 -9.51 0.79
CA ALA A 86 16.04 -8.37 0.11
C ALA A 86 14.63 -8.09 0.60
N ILE A 87 14.26 -6.81 0.49
CA ILE A 87 12.87 -6.35 0.56
C ILE A 87 12.52 -5.72 -0.79
N ILE A 88 11.40 -6.18 -1.38
CA ILE A 88 10.77 -5.51 -2.51
C ILE A 88 9.61 -4.70 -1.94
N MET A 89 9.58 -3.40 -2.20
CA MET A 89 8.55 -2.51 -1.65
C MET A 89 7.61 -2.03 -2.76
N PHE A 90 6.30 -1.93 -2.46
CA PHE A 90 5.38 -1.17 -3.27
C PHE A 90 4.47 -0.37 -2.33
N ASP A 91 3.56 0.39 -2.92
CA ASP A 91 2.65 1.27 -2.21
C ASP A 91 1.23 0.82 -2.52
N VAL A 92 0.48 0.39 -1.49
CA VAL A 92 -0.88 -0.13 -1.66
C VAL A 92 -1.82 0.99 -2.15
N THR A 93 -1.39 2.26 -2.13
CA THR A 93 -2.17 3.35 -2.69
C THR A 93 -1.84 3.60 -4.17
N SER A 94 -0.86 2.89 -4.78
CA SER A 94 -0.46 3.12 -6.17
C SER A 94 -0.33 1.80 -6.93
N ARG A 95 -1.33 1.50 -7.78
CA ARG A 95 -1.42 0.23 -8.49
C ARG A 95 -0.19 -0.02 -9.37
N VAL A 96 0.34 1.03 -9.99
CA VAL A 96 1.49 0.89 -10.86
C VAL A 96 2.65 0.26 -10.06
N THR A 97 2.77 0.62 -8.77
CA THR A 97 3.92 0.18 -7.97
C THR A 97 3.84 -1.33 -7.76
N TYR A 98 2.62 -1.89 -7.68
CA TYR A 98 2.45 -3.33 -7.58
C TYR A 98 2.63 -4.02 -8.94
N LYS A 99 2.18 -3.37 -10.02
CA LYS A 99 2.38 -3.86 -11.38
C LYS A 99 3.87 -4.04 -11.68
N ASN A 100 4.73 -3.22 -11.04
CA ASN A 100 6.17 -3.24 -11.30
C ASN A 100 6.92 -4.23 -10.39
N VAL A 101 6.22 -4.83 -9.42
CA VAL A 101 6.84 -5.76 -8.49
C VAL A 101 7.52 -6.90 -9.25
N PRO A 102 6.89 -7.56 -10.25
CA PRO A 102 7.56 -8.62 -11.01
C PRO A 102 8.83 -8.19 -11.74
N ASN A 103 8.92 -6.90 -12.11
CA ASN A 103 10.10 -6.34 -12.78
C ASN A 103 11.26 -6.22 -11.79
N TRP A 104 10.98 -5.68 -10.60
CA TRP A 104 12.00 -5.60 -9.56
C TRP A 104 12.47 -7.00 -9.17
N HIS A 105 11.54 -7.94 -9.00
CA HIS A 105 11.85 -9.30 -8.60
C HIS A 105 12.74 -9.97 -9.65
N ARG A 106 12.36 -9.85 -10.93
CA ARG A 106 13.14 -10.34 -12.06
C ARG A 106 14.59 -9.88 -11.98
N ASP A 107 14.81 -8.56 -11.89
CA ASP A 107 16.15 -8.00 -11.88
C ASP A 107 16.96 -8.49 -10.69
N LEU A 108 16.29 -8.63 -9.54
CA LEU A 108 16.91 -9.05 -8.28
C LEU A 108 17.37 -10.51 -8.34
N VAL A 109 16.48 -11.44 -8.73
CA VAL A 109 16.78 -12.87 -8.64
C VAL A 109 17.72 -13.30 -9.75
N ARG A 110 17.88 -12.52 -10.82
CA ARG A 110 18.87 -12.86 -11.84
C ARG A 110 20.28 -12.69 -11.27
N VAL A 111 20.44 -11.77 -10.29
CA VAL A 111 21.71 -11.54 -9.61
C VAL A 111 21.81 -12.37 -8.31
N CYS A 112 20.72 -12.51 -7.55
CA CYS A 112 20.68 -13.17 -6.25
C CYS A 112 19.69 -14.34 -6.28
N GLU A 113 20.19 -15.53 -6.65
CA GLU A 113 19.32 -16.61 -7.08
C GLU A 113 18.64 -17.31 -5.90
N ASN A 114 19.28 -17.32 -4.71
CA ASN A 114 18.79 -18.16 -3.63
C ASN A 114 18.79 -17.40 -2.30
N ILE A 115 18.06 -16.27 -2.23
CA ILE A 115 18.06 -15.44 -1.03
C ILE A 115 16.63 -15.28 -0.49
N PRO A 116 16.46 -15.15 0.84
CA PRO A 116 15.15 -14.79 1.41
C PRO A 116 14.77 -13.37 1.03
N ILE A 117 13.52 -13.20 0.57
CA ILE A 117 12.97 -11.95 0.09
C ILE A 117 11.59 -11.76 0.71
N VAL A 118 11.34 -10.55 1.25
CA VAL A 118 10.04 -10.14 1.75
C VAL A 118 9.47 -9.13 0.76
N LEU A 119 8.19 -9.32 0.40
CA LEU A 119 7.41 -8.33 -0.32
C LEU A 119 6.61 -7.52 0.70
N CYS A 120 6.73 -6.19 0.61
CA CYS A 120 6.11 -5.26 1.55
C CYS A 120 5.20 -4.28 0.82
N GLY A 121 3.89 -4.36 1.11
CA GLY A 121 2.94 -3.35 0.68
C GLY A 121 2.87 -2.25 1.73
N ASN A 122 3.46 -1.09 1.40
CA ASN A 122 3.58 0.02 2.34
C ASN A 122 2.37 0.96 2.22
N LYS A 123 2.16 1.79 3.25
CA LYS A 123 1.19 2.88 3.31
C LYS A 123 -0.23 2.36 3.58
N VAL A 124 -0.36 1.27 4.37
CA VAL A 124 -1.67 0.71 4.69
C VAL A 124 -2.43 1.60 5.67
N ASP A 125 -1.76 2.62 6.24
CA ASP A 125 -2.41 3.63 7.08
C ASP A 125 -3.39 4.51 6.31
N ILE A 126 -3.23 4.61 4.99
CA ILE A 126 -4.05 5.47 4.14
C ILE A 126 -5.37 4.78 3.85
N LYS A 127 -6.48 5.51 4.06
CA LYS A 127 -7.83 4.95 4.04
C LYS A 127 -8.21 4.44 2.64
N ASP A 128 -7.94 5.24 1.60
CA ASP A 128 -8.28 4.88 0.22
C ASP A 128 -7.18 3.98 -0.37
N ARG A 129 -7.27 2.68 -0.08
CA ARG A 129 -6.31 1.70 -0.56
C ARG A 129 -6.66 1.29 -1.99
N LYS A 130 -5.67 1.25 -2.89
CA LYS A 130 -5.91 0.98 -4.30
C LYS A 130 -5.49 -0.43 -4.69
N VAL A 131 -4.48 -1.00 -4.01
CA VAL A 131 -4.09 -2.39 -4.24
C VAL A 131 -4.72 -3.28 -3.16
N LYS A 132 -5.86 -3.90 -3.48
CA LYS A 132 -6.65 -4.69 -2.56
C LYS A 132 -5.92 -6.00 -2.22
N ALA A 133 -6.15 -6.49 -0.99
CA ALA A 133 -5.56 -7.72 -0.48
C ALA A 133 -5.69 -8.86 -1.50
N LYS A 134 -6.88 -9.01 -2.08
CA LYS A 134 -7.20 -10.07 -3.03
C LYS A 134 -6.29 -10.03 -4.26
N SER A 135 -5.80 -8.85 -4.67
CA SER A 135 -4.94 -8.69 -5.83
C SER A 135 -3.51 -9.16 -5.57
N ILE A 136 -3.08 -9.16 -4.30
CA ILE A 136 -1.68 -9.36 -3.97
C ILE A 136 -1.41 -10.86 -3.83
N VAL A 137 -0.95 -11.49 -4.92
CA VAL A 137 -0.70 -12.93 -5.00
C VAL A 137 0.71 -13.24 -5.57
N PHE A 138 1.50 -12.22 -5.96
CA PHE A 138 2.72 -12.47 -6.72
C PHE A 138 3.75 -13.26 -5.90
N HIS A 139 3.75 -13.03 -4.57
CA HIS A 139 4.68 -13.67 -3.65
C HIS A 139 4.53 -15.20 -3.60
N ARG A 140 3.35 -15.74 -3.94
CA ARG A 140 3.04 -17.12 -3.66
C ARG A 140 3.94 -18.07 -4.46
N LYS A 141 3.92 -17.94 -5.80
CA LYS A 141 4.72 -18.80 -6.66
C LYS A 141 6.19 -18.43 -6.57
N LYS A 142 6.53 -17.23 -6.07
CA LYS A 142 7.94 -16.84 -5.97
C LYS A 142 8.50 -17.11 -4.57
N ASN A 143 7.67 -17.65 -3.66
CA ASN A 143 8.09 -18.02 -2.32
C ASN A 143 8.63 -16.80 -1.56
N LEU A 144 8.00 -15.64 -1.76
CA LEU A 144 8.33 -14.46 -0.96
C LEU A 144 7.42 -14.43 0.27
N GLN A 145 7.96 -13.99 1.41
CA GLN A 145 7.13 -13.55 2.53
C GLN A 145 6.43 -12.25 2.10
N TYR A 146 5.19 -12.01 2.57
CA TYR A 146 4.46 -10.78 2.32
C TYR A 146 4.03 -10.16 3.66
N TYR A 147 4.23 -8.83 3.81
CA TYR A 147 3.60 -8.08 4.90
C TYR A 147 2.96 -6.81 4.37
N ASP A 148 1.72 -6.55 4.81
CA ASP A 148 1.20 -5.19 4.87
C ASP A 148 2.03 -4.42 5.89
N ILE A 149 2.58 -3.24 5.51
CA ILE A 149 3.29 -2.39 6.46
C ILE A 149 2.87 -0.92 6.32
N SER A 150 3.18 -0.14 7.36
CA SER A 150 3.15 1.32 7.31
C SER A 150 4.35 1.88 8.08
N ALA A 151 5.29 2.49 7.36
CA ALA A 151 6.36 3.26 7.96
C ALA A 151 5.79 4.40 8.82
N LYS A 152 4.54 4.82 8.58
CA LYS A 152 3.99 5.99 9.26
C LYS A 152 3.32 5.62 10.57
N SER A 153 2.52 4.53 10.58
CA SER A 153 1.83 4.06 11.78
C SER A 153 2.64 3.00 12.53
N ASN A 154 3.73 2.49 11.93
CA ASN A 154 4.56 1.41 12.46
C ASN A 154 3.85 0.05 12.41
N TYR A 155 2.73 -0.05 11.68
CA TYR A 155 2.05 -1.32 11.47
C TYR A 155 3.02 -2.34 10.85
N ASN A 156 3.22 -3.50 11.52
CA ASN A 156 4.11 -4.59 11.06
C ASN A 156 5.53 -4.12 10.78
N PHE A 157 5.96 -3.08 11.48
CA PHE A 157 7.19 -2.32 11.22
C PHE A 157 8.45 -3.18 11.27
N GLU A 158 8.47 -4.08 12.26
CA GLU A 158 9.62 -4.91 12.57
C GLU A 158 9.57 -6.25 11.83
N LYS A 159 8.40 -6.61 11.26
CA LYS A 159 8.14 -7.92 10.69
C LYS A 159 9.13 -8.29 9.57
N PRO A 160 9.43 -7.41 8.59
CA PRO A 160 10.35 -7.82 7.52
C PRO A 160 11.69 -8.25 8.09
N PHE A 161 12.27 -7.47 9.04
CA PHE A 161 13.59 -7.77 9.57
C PHE A 161 13.57 -9.02 10.46
N LEU A 162 12.51 -9.20 11.24
CA LEU A 162 12.40 -10.38 12.09
C LEU A 162 12.37 -11.65 11.23
N TRP A 163 11.61 -11.62 10.11
CA TRP A 163 11.48 -12.77 9.24
C TRP A 163 12.82 -13.05 8.56
N LEU A 164 13.50 -12.02 8.05
CA LEU A 164 14.81 -12.22 7.43
C LEU A 164 15.82 -12.75 8.44
N ALA A 165 15.81 -12.23 9.67
CA ALA A 165 16.72 -12.67 10.73
C ALA A 165 16.56 -14.17 11.00
N ARG A 166 15.30 -14.62 11.09
CA ARG A 166 14.99 -16.03 11.30
C ARG A 166 15.54 -16.87 10.14
N LYS A 167 15.38 -16.39 8.90
CA LYS A 167 15.84 -17.10 7.72
C LYS A 167 17.37 -17.15 7.69
N LEU A 168 18.05 -16.02 7.93
CA LEU A 168 19.51 -15.92 7.80
C LEU A 168 20.22 -16.67 8.93
N ILE A 169 19.73 -16.58 10.18
CA ILE A 169 20.33 -17.26 11.32
C ILE A 169 19.95 -18.75 11.28
N GLY A 170 18.82 -19.06 10.64
CA GLY A 170 18.31 -20.42 10.54
C GLY A 170 17.70 -20.88 11.85
N ASP A 171 17.00 -19.96 12.54
CA ASP A 171 16.34 -20.25 13.82
C ASP A 171 14.93 -19.67 13.77
N PRO A 172 13.89 -20.52 13.68
CA PRO A 172 12.52 -20.04 13.56
C PRO A 172 11.95 -19.42 14.84
N ASN A 173 12.61 -19.63 15.99
CA ASN A 173 12.22 -19.07 17.29
C ASN A 173 13.09 -17.88 17.72
N LEU A 174 13.89 -17.32 16.80
CA LEU A 174 14.62 -16.09 17.08
C LEU A 174 13.60 -15.01 17.43
N GLU A 175 13.86 -14.22 18.49
CA GLU A 175 13.01 -13.12 18.91
C GLU A 175 13.88 -11.85 18.95
N PHE A 176 13.29 -10.68 18.67
CA PHE A 176 13.90 -9.41 19.06
C PHE A 176 13.73 -9.26 20.57
N VAL A 177 14.78 -8.81 21.26
CA VAL A 177 14.73 -8.65 22.70
C VAL A 177 15.09 -7.19 23.01
N ALA A 178 14.74 -6.74 24.22
CA ALA A 178 15.08 -5.42 24.72
C ALA A 178 16.60 -5.30 24.84
N MET A 179 17.18 -4.40 24.02
CA MET A 179 18.59 -4.04 24.13
C MET A 179 18.89 -3.58 25.55
N PRO A 180 19.94 -4.09 26.23
CA PRO A 180 20.28 -3.66 27.60
C PRO A 180 20.43 -2.14 27.78
N ALA A 181 20.10 -1.65 28.99
CA ALA A 181 19.98 -0.23 29.29
C ALA A 181 20.89 0.16 30.45
N ALA A 182 22.10 0.64 30.14
CA ALA A 182 23.12 1.04 31.11
C ALA A 182 22.59 2.17 32.01
N ALA A 183 23.11 2.23 33.23
CA ALA A 183 22.90 3.36 34.13
C ALA A 183 23.38 4.64 33.43
N PRO A 184 22.55 5.70 33.33
CA PRO A 184 22.95 6.93 32.67
C PRO A 184 23.79 7.79 33.60
N PRO A 185 24.75 8.59 33.08
CA PRO A 185 25.64 9.38 33.93
C PRO A 185 24.99 10.62 34.53
N GLU A 186 25.50 11.06 35.69
CA GLU A 186 25.25 12.39 36.24
C GLU A 186 26.24 13.35 35.58
N VAL A 187 25.76 14.51 35.08
CA VAL A 187 26.66 15.60 34.68
C VAL A 187 26.22 16.87 35.42
N VAL A 188 27.16 17.82 35.56
CA VAL A 188 26.91 19.16 36.08
C VAL A 188 26.61 20.08 34.90
N MET A 189 25.69 21.04 35.09
CA MET A 189 25.39 22.06 34.08
C MET A 189 26.61 22.98 33.95
N ASP A 190 27.12 23.14 32.73
CA ASP A 190 28.29 23.97 32.44
C ASP A 190 27.90 25.44 32.61
N PRO A 191 28.56 26.22 33.50
CA PRO A 191 28.19 27.64 33.68
C PRO A 191 28.37 28.47 32.41
N ALA A 192 29.35 28.09 31.58
CA ALA A 192 29.67 28.77 30.33
C ALA A 192 28.59 28.59 29.26
N LEU A 193 27.83 27.46 29.28
CA LEU A 193 26.82 27.14 28.26
C LEU A 193 25.39 27.45 28.72
N ALA A 194 25.23 28.12 29.86
CA ALA A 194 23.93 28.51 30.44
C ALA A 194 23.12 29.34 29.44
N ALA A 195 23.74 30.43 28.94
CA ALA A 195 23.15 31.34 27.97
C ALA A 195 22.86 30.62 26.65
N GLN A 196 23.76 29.70 26.24
CA GLN A 196 23.60 28.88 25.05
C GLN A 196 22.26 28.15 25.07
N TYR A 197 21.94 27.49 26.19
CA TYR A 197 20.77 26.62 26.28
C TYR A 197 19.48 27.43 26.33
N GLU A 198 19.47 28.58 27.00
CA GLU A 198 18.34 29.50 26.96
C GLU A 198 17.90 29.73 25.50
N HIS A 199 18.87 30.08 24.62
CA HIS A 199 18.62 30.35 23.21
C HIS A 199 17.94 29.17 22.54
N ASP A 200 18.63 28.03 22.58
CA ASP A 200 18.24 26.80 21.90
C ASP A 200 16.86 26.32 22.36
N LEU A 201 16.56 26.47 23.65
CA LEU A 201 15.28 26.09 24.24
C LEU A 201 14.19 27.05 23.79
N GLU A 202 14.53 28.34 23.71
CA GLU A 202 13.67 29.40 23.17
C GLU A 202 13.10 28.99 21.81
N VAL A 203 14.01 28.62 20.89
CA VAL A 203 13.69 28.27 19.50
C VAL A 203 12.82 27.00 19.44
N ALA A 204 13.15 26.02 20.29
CA ALA A 204 12.48 24.73 20.31
C ALA A 204 11.05 24.85 20.82
N GLN A 205 10.85 25.64 21.89
CA GLN A 205 9.54 25.88 22.47
C GLN A 205 8.59 26.58 21.50
N THR A 206 9.13 27.46 20.63
CA THR A 206 8.35 28.27 19.72
C THR A 206 8.25 27.64 18.33
N THR A 207 8.80 26.42 18.16
CA THR A 207 8.57 25.60 16.99
C THR A 207 7.56 24.49 17.35
N ALA A 208 6.43 24.46 16.64
CA ALA A 208 5.34 23.53 16.93
C ALA A 208 5.80 22.09 16.69
N LEU A 209 5.32 21.15 17.53
CA LEU A 209 5.51 19.73 17.31
C LEU A 209 4.62 19.28 16.14
N PRO A 210 5.09 18.36 15.26
CA PRO A 210 4.26 17.93 14.13
C PRO A 210 3.11 17.01 14.56
N ASP A 211 2.05 16.96 13.74
CA ASP A 211 0.98 15.97 13.82
C ASP A 211 0.28 16.00 15.17
N GLU A 212 -0.15 17.19 15.59
CA GLU A 212 -0.79 17.40 16.89
C GLU A 212 -2.16 16.72 16.95
N ASP A 213 -2.64 16.12 15.85
CA ASP A 213 -3.94 15.44 15.81
C ASP A 213 -3.80 13.92 16.05
N ASP A 214 -2.57 13.40 16.10
CA ASP A 214 -2.34 11.96 16.28
C ASP A 214 -2.63 11.53 17.71
N ASP A 215 -2.74 10.20 17.91
CA ASP A 215 -3.05 9.56 19.19
C ASP A 215 -1.94 9.81 20.21
N LEU A 216 -0.69 9.75 19.74
CA LEU A 216 0.51 10.16 20.48
C LEU A 216 1.33 11.10 19.60
N THR B 17 18.42 -6.97 30.06
CA THR B 17 17.80 -5.63 29.88
C THR B 17 18.51 -4.57 30.75
N MET B 18 19.01 -4.99 31.92
CA MET B 18 19.66 -4.14 32.92
C MET B 18 18.64 -3.23 33.62
N GLU B 19 17.42 -3.76 33.88
CA GLU B 19 16.35 -3.05 34.57
C GLU B 19 15.83 -3.83 35.78
N GLU B 20 16.50 -4.95 36.12
CA GLU B 20 16.12 -5.85 37.20
C GLU B 20 16.43 -5.24 38.58
N ASP B 21 17.37 -4.29 38.62
CA ASP B 21 17.81 -3.64 39.85
C ASP B 21 16.94 -2.42 40.20
N GLU B 22 15.86 -2.17 39.43
CA GLU B 22 15.12 -0.92 39.48
C GLU B 22 13.62 -1.14 39.73
N GLU B 23 13.02 -0.25 40.52
CA GLU B 23 11.58 -0.17 40.77
C GLU B 23 10.97 0.76 39.72
N VAL B 24 9.77 0.41 39.19
CA VAL B 24 9.02 1.23 38.23
C VAL B 24 8.06 2.16 39.00
N LEU B 25 8.38 3.46 39.05
CA LEU B 25 7.64 4.46 39.82
C LEU B 25 6.40 4.93 39.05
N TYR B 26 6.57 5.12 37.74
CA TYR B 26 5.53 5.66 36.85
C TYR B 26 5.78 5.10 35.45
N LYS B 27 4.69 4.82 34.73
CA LYS B 27 4.71 4.32 33.37
C LYS B 27 3.62 5.04 32.59
N VAL B 28 3.92 5.50 31.37
CA VAL B 28 2.93 6.18 30.53
C VAL B 28 3.35 6.10 29.06
N ARG B 29 2.36 5.92 28.17
CA ARG B 29 2.57 5.93 26.72
C ARG B 29 2.87 7.37 26.30
N ALA B 30 3.91 7.54 25.46
CA ALA B 30 4.40 8.83 25.00
C ALA B 30 5.04 8.70 23.63
N LYS B 31 5.13 9.83 22.93
CA LYS B 31 5.97 10.03 21.75
C LYS B 31 7.04 11.03 22.15
N LEU B 32 8.31 10.72 21.84
CA LEU B 32 9.47 11.55 22.11
C LEU B 32 10.05 12.10 20.81
N PHE B 33 10.40 13.39 20.85
CA PHE B 33 11.03 14.14 19.78
C PHE B 33 12.33 14.76 20.30
N ARG B 34 13.30 14.94 19.40
CA ARG B 34 14.51 15.70 19.64
C ARG B 34 14.52 16.87 18.65
N PHE B 35 15.02 18.02 19.09
CA PHE B 35 15.09 19.19 18.23
C PHE B 35 16.39 19.14 17.45
N ASP B 36 16.29 18.98 16.14
CA ASP B 36 17.39 19.21 15.23
C ASP B 36 17.49 20.73 15.05
N ALA B 37 18.69 21.30 15.22
CA ALA B 37 18.88 22.74 15.11
C ALA B 37 19.33 23.13 13.70
N ASP B 38 19.96 22.19 12.97
CA ASP B 38 20.40 22.38 11.59
C ASP B 38 19.22 22.78 10.71
N ALA B 39 18.14 21.97 10.74
CA ALA B 39 16.82 22.33 10.23
C ALA B 39 15.94 22.63 11.43
N LYS B 40 15.33 23.82 11.52
CA LYS B 40 14.57 24.19 12.71
C LYS B 40 13.31 23.32 12.80
N GLU B 41 13.46 21.99 12.99
CA GLU B 41 12.32 21.09 13.09
C GLU B 41 12.56 20.03 14.16
N TRP B 42 11.46 19.60 14.77
CA TRP B 42 11.39 18.44 15.66
C TRP B 42 11.44 17.16 14.83
N LYS B 43 12.19 16.16 15.32
CA LYS B 43 12.24 14.84 14.71
C LYS B 43 11.89 13.78 15.77
N GLU B 44 10.93 12.91 15.43
CA GLU B 44 10.58 11.78 16.28
C GLU B 44 11.83 10.96 16.60
N ARG B 45 11.90 10.50 17.86
CA ARG B 45 12.96 9.59 18.29
C ARG B 45 12.36 8.23 18.65
N GLY B 46 11.10 8.20 19.06
CA GLY B 46 10.45 6.94 19.40
C GLY B 46 9.05 7.16 19.97
N THR B 47 8.27 6.07 19.96
CA THR B 47 6.96 5.97 20.57
C THR B 47 6.91 4.68 21.37
N GLY B 48 6.37 4.75 22.59
CA GLY B 48 6.25 3.57 23.45
C GLY B 48 6.09 3.96 24.91
N ASP B 49 6.43 3.03 25.83
CA ASP B 49 6.26 3.25 27.26
C ASP B 49 7.46 4.05 27.78
N CYS B 50 7.16 5.24 28.32
CA CYS B 50 8.11 6.02 29.10
C CYS B 50 7.99 5.57 30.56
N LYS B 51 9.12 5.19 31.16
CA LYS B 51 9.16 4.66 32.51
C LYS B 51 10.13 5.48 33.36
N PHE B 52 9.73 5.74 34.62
CA PHE B 52 10.58 6.30 35.65
C PHE B 52 11.08 5.14 36.51
N LEU B 53 12.39 4.88 36.49
CA LEU B 53 13.00 3.73 37.15
C LEU B 53 13.86 4.19 38.32
N LYS B 54 13.55 3.71 39.55
CA LYS B 54 14.33 4.01 40.74
C LYS B 54 15.28 2.84 41.01
N ASN B 55 16.59 3.12 40.87
CA ASN B 55 17.67 2.18 41.15
C ASN B 55 17.66 1.85 42.64
N LYS B 56 17.61 0.55 43.01
CA LYS B 56 17.41 0.12 44.39
C LYS B 56 18.70 0.24 45.21
N LYS B 57 19.84 0.47 44.55
CA LYS B 57 21.14 0.63 45.18
C LYS B 57 21.40 2.10 45.54
N THR B 58 21.22 3.00 44.55
CA THR B 58 21.58 4.41 44.65
C THR B 58 20.36 5.30 44.92
N ASN B 59 19.13 4.77 44.73
CA ASN B 59 17.87 5.50 44.84
C ASN B 59 17.74 6.58 43.75
N LYS B 60 18.55 6.48 42.68
CA LYS B 60 18.55 7.41 41.55
C LYS B 60 17.43 7.05 40.59
N VAL B 61 16.60 8.04 40.20
CA VAL B 61 15.48 7.86 39.27
C VAL B 61 15.89 8.36 37.88
N ARG B 62 15.75 7.48 36.88
CA ARG B 62 16.01 7.78 35.48
C ARG B 62 14.71 7.67 34.68
N ILE B 63 14.68 8.35 33.53
CA ILE B 63 13.73 8.08 32.46
C ILE B 63 14.33 6.99 31.56
N LEU B 64 13.59 5.89 31.36
CA LEU B 64 13.91 4.90 30.34
C LEU B 64 12.70 4.72 29.43
N MET B 65 12.90 4.99 28.13
CA MET B 65 11.85 4.88 27.14
C MET B 65 12.33 3.95 26.02
N ARG B 66 11.46 2.99 25.65
CA ARG B 66 11.73 2.00 24.61
C ARG B 66 10.66 2.12 23.51
N ARG B 67 11.08 1.92 22.24
CA ARG B 67 10.18 1.94 21.09
C ARG B 67 9.27 0.70 21.08
N ASP B 68 7.99 0.89 20.74
CA ASP B 68 7.11 -0.20 20.34
C ASP B 68 7.77 -1.01 19.23
N LYS B 69 7.48 -2.33 19.19
CA LYS B 69 7.90 -3.23 18.10
C LYS B 69 9.33 -3.71 18.29
N THR B 70 10.30 -2.79 18.39
CA THR B 70 11.73 -3.12 18.38
C THR B 70 12.33 -3.17 19.79
N LEU B 71 11.68 -2.48 20.75
CA LEU B 71 12.10 -2.30 22.14
C LEU B 71 13.46 -1.61 22.26
N LYS B 72 13.89 -0.90 21.20
CA LYS B 72 15.13 -0.13 21.22
C LYS B 72 14.95 1.14 22.06
N ILE B 73 16.04 1.59 22.69
CA ILE B 73 16.02 2.68 23.67
C ILE B 73 15.98 3.99 22.92
N CYS B 74 14.98 4.86 23.21
CA CYS B 74 14.92 6.19 22.63
C CYS B 74 15.19 7.28 23.68
N ALA B 75 15.15 6.92 24.98
CA ALA B 75 15.54 7.82 26.06
C ALA B 75 16.12 7.03 27.22
N ASN B 76 17.24 7.54 27.75
CA ASN B 76 17.94 6.98 28.90
C ASN B 76 18.81 8.09 29.52
N HIS B 77 18.29 8.74 30.58
CA HIS B 77 18.96 9.85 31.27
C HIS B 77 18.41 9.99 32.69
N ILE B 78 19.24 10.54 33.60
CA ILE B 78 18.81 10.89 34.95
C ILE B 78 17.83 12.05 34.84
N ILE B 79 16.77 12.03 35.68
CA ILE B 79 15.89 13.17 35.86
C ILE B 79 16.59 14.18 36.78
N ALA B 80 17.51 14.95 36.19
CA ALA B 80 18.32 15.94 36.88
C ALA B 80 17.45 16.98 37.58
N PRO B 81 17.73 17.29 38.87
CA PRO B 81 17.00 18.37 39.56
C PRO B 81 16.98 19.73 38.85
N GLU B 82 17.95 20.00 37.98
CA GLU B 82 18.10 21.29 37.31
C GLU B 82 17.28 21.38 36.01
N TYR B 83 16.67 20.28 35.54
CA TYR B 83 15.84 20.30 34.35
C TYR B 83 14.48 20.96 34.67
N THR B 84 13.92 21.69 33.69
CA THR B 84 12.58 22.29 33.80
C THR B 84 11.74 21.90 32.59
N LEU B 85 10.54 21.37 32.87
CA LEU B 85 9.51 21.10 31.88
C LEU B 85 8.85 22.41 31.45
N LYS B 86 8.85 22.70 30.13
CA LYS B 86 8.26 23.91 29.57
C LYS B 86 7.21 23.52 28.56
N PRO B 87 6.14 24.34 28.36
CA PRO B 87 5.13 24.05 27.35
C PRO B 87 5.73 24.25 25.96
N ASN B 88 5.18 23.52 24.98
CA ASN B 88 5.39 23.80 23.56
C ASN B 88 4.22 24.65 23.02
N VAL B 89 4.51 25.62 22.15
CA VAL B 89 3.51 26.53 21.61
C VAL B 89 2.36 25.78 20.93
N GLY B 90 2.64 24.57 20.41
CA GLY B 90 1.69 23.83 19.58
C GLY B 90 0.76 22.89 20.35
N SER B 91 1.04 22.63 21.63
CA SER B 91 0.47 21.48 22.31
C SER B 91 0.02 21.85 23.73
N ASP B 92 -1.05 21.19 24.22
CA ASP B 92 -1.48 21.27 25.60
C ASP B 92 -1.24 19.94 26.33
N ARG B 93 -0.47 19.04 25.69
CA ARG B 93 -0.22 17.69 26.19
C ARG B 93 1.24 17.27 25.94
N SER B 94 2.18 18.23 25.99
CA SER B 94 3.60 18.03 25.72
C SER B 94 4.45 18.87 26.68
N TRP B 95 5.70 18.42 26.94
CA TRP B 95 6.72 19.19 27.65
C TRP B 95 7.98 19.23 26.81
N VAL B 96 8.73 20.36 26.85
CA VAL B 96 10.07 20.40 26.31
C VAL B 96 11.03 20.72 27.45
N TYR B 97 12.19 20.03 27.44
CA TYR B 97 13.28 20.26 28.38
C TYR B 97 14.61 19.95 27.69
N ALA B 98 15.66 20.67 28.10
CA ALA B 98 17.05 20.36 27.78
C ALA B 98 17.49 19.18 28.64
N CYS B 99 18.18 18.23 28.01
CA CYS B 99 18.82 17.12 28.69
C CYS B 99 20.31 17.19 28.35
N THR B 100 21.19 17.11 29.35
CA THR B 100 22.61 17.36 29.13
C THR B 100 23.36 16.05 28.79
N ALA B 101 22.81 14.89 29.19
CA ALA B 101 23.50 13.61 29.03
C ALA B 101 22.51 12.45 28.88
N ASP B 102 22.08 12.20 27.62
CA ASP B 102 21.27 11.05 27.26
C ASP B 102 22.16 10.01 26.58
N ILE B 103 21.98 8.72 26.92
CA ILE B 103 22.84 7.64 26.45
C ILE B 103 22.06 6.60 25.62
N ALA B 104 20.90 6.97 25.06
CA ALA B 104 20.11 6.08 24.22
C ALA B 104 20.97 5.54 23.06
N GLU B 105 21.77 6.40 22.40
CA GLU B 105 22.60 6.01 21.26
C GLU B 105 24.07 5.87 21.66
N GLY B 106 24.33 5.28 22.83
CA GLY B 106 25.69 5.11 23.35
C GLY B 106 26.23 6.39 23.98
N GLU B 107 27.04 7.14 23.21
CA GLU B 107 27.76 8.33 23.64
C GLU B 107 26.81 9.35 24.30
N ALA B 108 27.06 9.70 25.57
CA ALA B 108 26.28 10.70 26.29
C ALA B 108 26.26 12.01 25.48
N GLU B 109 25.06 12.52 25.17
CA GLU B 109 24.91 13.73 24.40
C GLU B 109 23.81 14.61 25.00
N ALA B 110 23.92 15.91 24.73
CA ALA B 110 22.91 16.90 25.04
C ALA B 110 21.84 16.88 23.94
N PHE B 111 20.57 16.99 24.33
CA PHE B 111 19.44 17.09 23.42
C PHE B 111 18.43 18.06 24.00
N THR B 112 17.70 18.79 23.13
CA THR B 112 16.41 19.38 23.47
C THR B 112 15.33 18.38 23.12
N PHE B 113 14.68 17.81 24.15
CA PHE B 113 13.63 16.82 24.03
C PHE B 113 12.26 17.51 24.09
N ALA B 114 11.28 16.91 23.38
CA ALA B 114 9.87 17.16 23.57
C ALA B 114 9.21 15.80 23.72
N ILE B 115 8.32 15.67 24.72
CA ILE B 115 7.59 14.42 24.95
C ILE B 115 6.11 14.77 24.96
N ARG B 116 5.31 13.99 24.23
CA ARG B 116 3.89 14.23 24.07
C ARG B 116 3.13 12.97 24.51
N PHE B 117 1.94 13.17 25.12
CA PHE B 117 1.13 12.12 25.71
C PHE B 117 -0.24 12.07 25.04
N GLY B 118 -1.08 11.11 25.44
CA GLY B 118 -2.40 10.93 24.90
C GLY B 118 -3.38 12.03 25.28
N SER B 119 -3.10 12.78 26.37
CA SER B 119 -4.02 13.74 26.96
C SER B 119 -3.27 14.74 27.83
N LYS B 120 -3.92 15.89 28.09
CA LYS B 120 -3.42 16.91 29.02
C LYS B 120 -3.21 16.30 30.41
N GLU B 121 -4.18 15.48 30.85
CA GLU B 121 -4.12 14.77 32.12
C GLU B 121 -2.83 13.95 32.23
N ASN B 122 -2.49 13.19 31.18
CA ASN B 122 -1.28 12.40 31.17
C ASN B 122 -0.06 13.31 31.29
N ALA B 123 -0.08 14.44 30.56
CA ALA B 123 1.02 15.37 30.55
C ALA B 123 1.20 16.02 31.93
N ASP B 124 0.09 16.39 32.58
CA ASP B 124 0.11 17.01 33.91
C ASP B 124 0.58 15.99 34.97
N LYS B 125 0.06 14.75 34.90
CA LYS B 125 0.50 13.67 35.79
C LYS B 125 2.02 13.45 35.64
N PHE B 126 2.50 13.32 34.40
CA PHE B 126 3.92 13.19 34.08
C PHE B 126 4.75 14.26 34.81
N LYS B 127 4.32 15.53 34.69
CA LYS B 127 4.98 16.68 35.30
C LYS B 127 5.08 16.51 36.83
N GLU B 128 3.95 16.15 37.45
CA GLU B 128 3.87 15.83 38.87
C GLU B 128 4.93 14.79 39.25
N GLU B 129 4.96 13.66 38.51
CA GLU B 129 5.86 12.55 38.77
C GLU B 129 7.33 12.93 38.53
N PHE B 130 7.59 13.73 37.48
CA PHE B 130 8.93 14.20 37.13
C PHE B 130 9.52 15.04 38.25
N GLU B 131 8.68 15.87 38.89
CA GLU B 131 9.08 16.70 40.01
C GLU B 131 9.36 15.83 41.24
N LYS B 132 8.47 14.89 41.56
CA LYS B 132 8.69 13.90 42.61
C LYS B 132 10.04 13.18 42.45
N ALA B 133 10.39 12.81 41.21
CA ALA B 133 11.65 12.15 40.88
C ALA B 133 12.84 13.07 41.11
N GLN B 134 12.69 14.34 40.69
CA GLN B 134 13.72 15.37 40.89
C GLN B 134 14.04 15.52 42.38
N GLU B 135 13.00 15.46 43.22
CA GLU B 135 13.13 15.57 44.68
C GLU B 135 13.84 14.33 45.23
N ILE B 136 13.42 13.13 44.78
CA ILE B 136 14.10 11.88 45.11
C ILE B 136 15.59 12.00 44.74
N ASN B 137 15.88 12.53 43.55
CA ASN B 137 17.25 12.64 43.05
C ASN B 137 18.06 13.72 43.79
N LYS B 138 17.41 14.66 44.51
CA LYS B 138 18.11 15.69 45.28
C LYS B 138 18.76 15.12 46.54
N LYS B 139 18.19 14.06 47.15
CA LYS B 139 18.76 13.36 48.28
C LYS B 139 20.14 12.79 47.92
N GLY C 2 41.07 11.10 -3.01
CA GLY C 2 42.46 10.94 -3.52
C GLY C 2 42.47 10.51 -4.99
N SER C 3 43.23 9.45 -5.29
CA SER C 3 43.48 8.98 -6.65
C SER C 3 42.18 8.51 -7.32
N MET C 4 41.15 8.16 -6.52
CA MET C 4 39.97 7.42 -6.98
C MET C 4 39.29 8.09 -8.18
N GLU C 5 39.30 9.44 -8.24
CA GLU C 5 38.63 10.20 -9.29
C GLU C 5 39.35 10.08 -10.64
N GLY C 6 40.53 9.44 -10.64
CA GLY C 6 41.35 9.26 -11.84
C GLY C 6 40.61 8.58 -13.00
N ILE C 7 39.78 7.58 -12.69
CA ILE C 7 39.07 6.78 -13.69
C ILE C 7 38.07 7.64 -14.48
N LEU C 8 37.63 8.77 -13.91
CA LEU C 8 36.69 9.68 -14.56
C LEU C 8 37.37 10.54 -15.63
N ASP C 9 38.71 10.62 -15.63
CA ASP C 9 39.45 11.40 -16.61
C ASP C 9 39.69 10.54 -17.86
N PHE C 10 38.85 10.74 -18.90
CA PHE C 10 38.87 9.94 -20.12
C PHE C 10 39.91 10.44 -21.12
N SER C 11 40.47 11.64 -20.89
CA SER C 11 41.55 12.20 -21.69
C SER C 11 42.83 11.37 -21.54
N ASN C 12 42.92 10.59 -20.44
CA ASN C 12 43.94 9.57 -20.22
C ASN C 12 43.33 8.18 -20.41
N ASP C 13 44.18 7.16 -20.65
CA ASP C 13 43.76 5.76 -20.74
C ASP C 13 43.37 5.26 -19.36
N LEU C 14 42.55 4.19 -19.30
CA LEU C 14 41.94 3.73 -18.06
C LEU C 14 42.93 2.91 -17.25
N ASP C 15 43.10 3.26 -15.96
CA ASP C 15 43.90 2.47 -15.03
C ASP C 15 42.99 1.41 -14.40
N ILE C 16 43.14 0.15 -14.85
CA ILE C 16 42.28 -0.95 -14.47
C ILE C 16 42.46 -1.26 -12.97
N ALA C 17 43.72 -1.24 -12.49
CA ALA C 17 44.03 -1.47 -11.07
C ALA C 17 43.30 -0.44 -10.20
N LEU C 18 43.16 0.79 -10.71
CA LEU C 18 42.48 1.87 -10.00
C LEU C 18 40.97 1.61 -9.98
N LEU C 19 40.38 1.25 -11.13
CA LEU C 19 38.97 0.86 -11.23
C LEU C 19 38.67 -0.24 -10.22
N ASP C 20 39.54 -1.25 -10.13
CA ASP C 20 39.34 -2.40 -9.25
C ASP C 20 39.37 -1.95 -7.78
N GLN C 21 40.11 -0.89 -7.46
CA GLN C 21 40.18 -0.39 -6.10
C GLN C 21 38.89 0.36 -5.74
N VAL C 22 38.47 1.26 -6.65
CA VAL C 22 37.22 2.01 -6.52
C VAL C 22 36.06 1.03 -6.28
N VAL C 23 35.97 0.01 -7.14
CA VAL C 23 34.95 -1.01 -7.06
C VAL C 23 35.03 -1.74 -5.72
N SER C 24 36.23 -2.14 -5.29
CA SER C 24 36.43 -2.78 -3.99
C SER C 24 35.97 -1.90 -2.83
N THR C 25 36.34 -0.61 -2.89
CA THR C 25 35.97 0.37 -1.88
C THR C 25 34.45 0.50 -1.79
N PHE C 26 33.77 0.46 -2.94
CA PHE C 26 32.31 0.56 -2.97
C PHE C 26 31.66 -0.68 -2.35
N TYR C 27 32.07 -1.88 -2.80
CA TYR C 27 31.39 -3.11 -2.43
C TYR C 27 31.78 -3.55 -1.01
N GLN C 28 33.06 -3.32 -0.62
CA GLN C 28 33.62 -3.81 0.64
C GLN C 28 33.95 -2.68 1.63
N GLY C 29 34.05 -1.42 1.18
CA GLY C 29 34.43 -0.30 2.05
C GLY C 29 33.29 0.16 2.95
N GLU C 30 33.47 1.31 3.63
CA GLU C 30 32.55 1.79 4.66
C GLU C 30 32.50 3.31 4.71
N GLY C 31 31.38 3.85 5.22
CA GLY C 31 31.16 5.26 5.47
C GLY C 31 31.49 6.16 4.29
N VAL C 32 32.43 7.10 4.54
CA VAL C 32 32.80 8.17 3.62
C VAL C 32 33.42 7.58 2.34
N GLN C 33 34.36 6.63 2.51
CA GLN C 33 35.07 5.99 1.42
C GLN C 33 34.10 5.30 0.46
N GLN C 34 33.20 4.47 0.99
CA GLN C 34 32.18 3.76 0.22
C GLN C 34 31.34 4.73 -0.60
N LYS C 35 30.89 5.83 0.01
CA LYS C 35 30.04 6.84 -0.62
C LYS C 35 30.75 7.51 -1.80
N GLN C 36 32.01 7.94 -1.61
CA GLN C 36 32.79 8.56 -2.68
C GLN C 36 33.00 7.61 -3.87
N ALA C 37 33.40 6.37 -3.58
CA ALA C 37 33.58 5.35 -4.61
C ALA C 37 32.28 5.17 -5.42
N GLN C 38 31.13 5.15 -4.71
CA GLN C 38 29.79 5.03 -5.29
C GLN C 38 29.53 6.08 -6.36
N GLU C 39 29.80 7.35 -6.02
CA GLU C 39 29.55 8.50 -6.89
C GLU C 39 30.45 8.42 -8.11
N ILE C 40 31.71 8.02 -7.88
CA ILE C 40 32.69 7.91 -8.93
C ILE C 40 32.26 6.84 -9.93
N LEU C 41 31.93 5.62 -9.46
CA LEU C 41 31.47 4.52 -10.31
C LEU C 41 30.25 4.91 -11.14
N THR C 42 29.31 5.64 -10.53
CA THR C 42 28.06 6.04 -11.19
C THR C 42 28.36 6.97 -12.36
N LYS C 43 29.26 7.94 -12.15
CA LYS C 43 29.68 8.88 -13.20
C LYS C 43 30.47 8.15 -14.29
N PHE C 44 31.34 7.22 -13.90
CA PHE C 44 32.04 6.36 -14.86
C PHE C 44 31.01 5.69 -15.76
N GLN C 45 30.09 4.91 -15.16
CA GLN C 45 29.12 4.09 -15.88
C GLN C 45 28.25 4.92 -16.82
N ASP C 46 27.89 6.15 -16.41
CA ASP C 46 26.95 6.99 -17.15
C ASP C 46 27.67 7.84 -18.20
N ASN C 47 29.00 7.81 -18.23
CA ASN C 47 29.75 8.45 -19.29
C ASN C 47 29.39 7.78 -20.62
N PRO C 48 28.93 8.54 -21.64
CA PRO C 48 28.46 7.94 -22.90
C PRO C 48 29.51 7.22 -23.75
N ASP C 49 30.81 7.42 -23.46
CA ASP C 49 31.88 6.72 -24.15
C ASP C 49 32.44 5.58 -23.31
N ALA C 50 31.89 5.37 -22.09
CA ALA C 50 32.36 4.34 -21.19
C ALA C 50 32.35 2.95 -21.84
N TRP C 51 31.42 2.72 -22.79
CA TRP C 51 31.27 1.41 -23.43
C TRP C 51 32.54 1.05 -24.20
N GLU C 52 33.24 2.05 -24.74
CA GLU C 52 34.48 1.84 -25.47
C GLU C 52 35.53 1.16 -24.58
N LYS C 53 35.39 1.31 -23.26
CA LYS C 53 36.37 0.83 -22.28
C LYS C 53 36.09 -0.62 -21.85
N VAL C 54 34.91 -1.17 -22.23
CA VAL C 54 34.44 -2.46 -21.75
C VAL C 54 35.40 -3.59 -22.13
N ASP C 55 35.83 -3.63 -23.41
CA ASP C 55 36.77 -4.62 -23.94
C ASP C 55 37.99 -4.74 -23.02
N GLN C 56 38.60 -3.57 -22.76
CA GLN C 56 39.77 -3.37 -21.91
C GLN C 56 39.53 -3.93 -20.51
N ILE C 57 38.40 -3.58 -19.86
CA ILE C 57 38.06 -4.01 -18.51
C ILE C 57 37.87 -5.53 -18.45
N LEU C 58 37.15 -6.10 -19.43
CA LEU C 58 36.82 -7.52 -19.44
C LEU C 58 38.07 -8.38 -19.64
N GLN C 59 39.10 -7.85 -20.31
CA GLN C 59 40.34 -8.58 -20.58
C GLN C 59 41.31 -8.48 -19.40
N PHE C 60 41.45 -7.27 -18.81
CA PHE C 60 42.59 -6.95 -17.96
C PHE C 60 42.21 -6.78 -16.48
N SER C 61 40.92 -6.75 -16.11
CA SER C 61 40.51 -6.65 -14.71
C SER C 61 40.63 -8.02 -14.03
N THR C 62 40.98 -8.01 -12.72
CA THR C 62 40.98 -9.20 -11.87
C THR C 62 39.83 -9.16 -10.86
N ASN C 63 39.00 -8.11 -10.90
CA ASN C 63 37.87 -7.92 -10.00
C ASN C 63 36.59 -8.27 -10.76
N PRO C 64 35.87 -9.35 -10.37
CA PRO C 64 34.65 -9.75 -11.05
C PRO C 64 33.53 -8.71 -10.97
N GLN C 65 33.53 -7.88 -9.91
CA GLN C 65 32.57 -6.80 -9.75
C GLN C 65 32.80 -5.71 -10.81
N SER C 66 34.07 -5.47 -11.17
CA SER C 66 34.41 -4.55 -12.24
C SER C 66 33.84 -5.05 -13.58
N LYS C 67 33.95 -6.36 -13.82
CA LYS C 67 33.52 -6.95 -15.07
C LYS C 67 32.00 -6.87 -15.16
N PHE C 68 31.32 -7.04 -14.01
CA PHE C 68 29.88 -6.93 -13.90
C PHE C 68 29.41 -5.55 -14.35
N ILE C 69 30.01 -4.51 -13.77
CA ILE C 69 29.70 -3.11 -14.09
C ILE C 69 30.03 -2.81 -15.56
N ALA C 70 31.13 -3.37 -16.09
CA ALA C 70 31.46 -3.27 -17.50
C ALA C 70 30.31 -3.78 -18.38
N LEU C 71 29.74 -4.95 -18.05
CA LEU C 71 28.65 -5.52 -18.81
C LEU C 71 27.38 -4.67 -18.68
N SER C 72 27.11 -4.07 -17.52
CA SER C 72 26.05 -3.08 -17.35
C SER C 72 26.20 -1.95 -18.37
N ILE C 73 27.42 -1.43 -18.51
CA ILE C 73 27.72 -0.36 -19.45
C ILE C 73 27.41 -0.83 -20.88
N LEU C 74 27.85 -2.05 -21.21
CA LEU C 74 27.63 -2.64 -22.53
C LEU C 74 26.12 -2.77 -22.79
N ASP C 75 25.36 -3.19 -21.77
CA ASP C 75 23.92 -3.37 -21.88
C ASP C 75 23.22 -2.05 -22.23
N LYS C 76 23.66 -0.93 -21.65
CA LYS C 76 23.12 0.38 -22.01
C LYS C 76 23.31 0.64 -23.50
N LEU C 77 24.53 0.41 -24.02
CA LEU C 77 24.81 0.54 -25.44
C LEU C 77 23.88 -0.34 -26.28
N ILE C 78 23.80 -1.65 -25.94
CA ILE C 78 23.06 -2.63 -26.74
C ILE C 78 21.56 -2.27 -26.80
N THR C 79 20.97 -1.85 -25.67
CA THR C 79 19.53 -1.64 -25.59
C THR C 79 19.12 -0.27 -26.13
N ARG C 80 20.04 0.72 -26.19
CA ARG C 80 19.68 2.09 -26.53
C ARG C 80 20.28 2.55 -27.86
N LYS C 81 21.53 2.19 -28.19
CA LYS C 81 22.27 2.84 -29.27
C LYS C 81 22.87 1.84 -30.25
N TRP C 82 22.49 0.57 -30.15
CA TRP C 82 23.10 -0.52 -30.89
C TRP C 82 23.11 -0.29 -32.39
N LYS C 83 21.99 0.19 -32.93
CA LYS C 83 21.77 0.27 -34.38
C LYS C 83 22.59 1.39 -35.01
N LEU C 84 23.19 2.28 -34.21
CA LEU C 84 24.17 3.26 -34.67
C LEU C 84 25.50 2.59 -35.07
N LEU C 85 25.82 1.42 -34.50
CA LEU C 85 27.11 0.80 -34.73
C LEU C 85 27.17 0.22 -36.14
N PRO C 86 28.29 0.37 -36.86
CA PRO C 86 28.54 -0.42 -38.08
C PRO C 86 28.37 -1.92 -37.85
N ASN C 87 27.98 -2.66 -38.91
CA ASN C 87 27.76 -4.09 -38.82
C ASN C 87 29.01 -4.81 -38.30
N ASP C 88 30.19 -4.40 -38.77
CA ASP C 88 31.46 -4.99 -38.38
C ASP C 88 31.64 -4.92 -36.86
N HIS C 89 31.32 -3.75 -36.26
CA HIS C 89 31.48 -3.52 -34.83
C HIS C 89 30.50 -4.38 -34.04
N ARG C 90 29.25 -4.51 -34.52
CA ARG C 90 28.21 -5.29 -33.87
C ARG C 90 28.57 -6.78 -33.82
N ILE C 91 29.14 -7.28 -34.93
CA ILE C 91 29.65 -8.65 -35.03
C ILE C 91 30.86 -8.82 -34.11
N GLY C 92 31.75 -7.82 -34.07
CA GLY C 92 32.85 -7.81 -33.13
C GLY C 92 32.39 -8.02 -31.69
N ILE C 93 31.43 -7.20 -31.24
CA ILE C 93 30.93 -7.22 -29.87
C ILE C 93 30.28 -8.59 -29.58
N ARG C 94 29.37 -9.00 -30.45
CA ARG C 94 28.70 -10.29 -30.39
C ARG C 94 29.68 -11.45 -30.19
N ASN C 95 30.74 -11.49 -31.00
CA ASN C 95 31.74 -12.57 -30.97
C ASN C 95 32.53 -12.52 -29.65
N PHE C 96 32.97 -11.33 -29.22
CA PHE C 96 33.65 -11.11 -27.95
C PHE C 96 32.83 -11.66 -26.77
N VAL C 97 31.53 -11.35 -26.73
CA VAL C 97 30.64 -11.78 -25.64
C VAL C 97 30.51 -13.31 -25.63
N VAL C 98 30.19 -13.92 -26.80
CA VAL C 98 30.09 -15.37 -26.95
C VAL C 98 31.39 -16.04 -26.49
N GLY C 99 32.53 -15.56 -27.01
CA GLY C 99 33.86 -16.03 -26.63
C GLY C 99 34.13 -15.98 -25.13
N MET C 100 33.74 -14.88 -24.46
CA MET C 100 33.92 -14.72 -23.02
C MET C 100 33.08 -15.74 -22.25
N ILE C 101 31.84 -15.99 -22.71
CA ILE C 101 30.93 -16.95 -22.09
C ILE C 101 31.52 -18.37 -22.18
N ILE C 102 31.88 -18.81 -23.39
CA ILE C 102 32.43 -20.15 -23.61
C ILE C 102 33.71 -20.36 -22.79
N SER C 103 34.58 -19.35 -22.80
CA SER C 103 35.83 -19.37 -22.06
C SER C 103 35.59 -19.57 -20.56
N MET C 104 34.68 -18.81 -19.95
CA MET C 104 34.38 -18.93 -18.53
C MET C 104 33.77 -20.30 -18.19
N CYS C 105 33.06 -20.91 -19.16
CA CYS C 105 32.42 -22.22 -19.00
C CYS C 105 33.41 -23.38 -19.12
N GLN C 106 34.41 -23.25 -20.00
CA GLN C 106 35.42 -24.28 -20.25
C GLN C 106 36.42 -24.38 -19.08
N ASP C 107 36.48 -23.34 -18.23
CA ASP C 107 37.24 -23.32 -16.99
C ASP C 107 36.33 -23.70 -15.81
N ASP C 108 36.50 -24.93 -15.27
CA ASP C 108 35.65 -25.48 -14.22
C ASP C 108 35.63 -24.62 -12.96
N GLU C 109 36.80 -24.09 -12.58
CA GLU C 109 37.00 -23.26 -11.39
C GLU C 109 36.17 -21.98 -11.50
N VAL C 110 36.25 -21.31 -12.66
CA VAL C 110 35.52 -20.07 -12.95
C VAL C 110 34.02 -20.36 -13.02
N PHE C 111 33.62 -21.40 -13.77
CA PHE C 111 32.23 -21.82 -13.88
C PHE C 111 31.59 -22.03 -12.51
N LYS C 112 32.33 -22.62 -11.57
CA LYS C 112 31.84 -22.95 -10.24
C LYS C 112 31.65 -21.67 -9.41
N THR C 113 32.62 -20.75 -9.48
CA THR C 113 32.82 -19.67 -8.51
C THR C 113 32.35 -18.29 -9.02
N GLN C 114 32.14 -18.11 -10.34
CA GLN C 114 31.84 -16.81 -10.94
C GLN C 114 30.45 -16.80 -11.60
N LYS C 115 29.46 -17.44 -10.96
CA LYS C 115 28.10 -17.54 -11.47
C LYS C 115 27.50 -16.18 -11.75
N ASN C 116 27.78 -15.18 -10.87
CA ASN C 116 27.28 -13.82 -11.03
C ASN C 116 27.64 -13.27 -12.40
N LEU C 117 28.93 -13.35 -12.75
CA LEU C 117 29.45 -12.77 -13.97
C LEU C 117 28.98 -13.55 -15.20
N ILE C 118 28.87 -14.89 -15.10
CA ILE C 118 28.40 -15.71 -16.22
C ILE C 118 26.95 -15.36 -16.54
N ASN C 119 26.10 -15.29 -15.50
CA ASN C 119 24.68 -15.01 -15.64
C ASN C 119 24.46 -13.63 -16.26
N LYS C 120 25.24 -12.65 -15.82
CA LYS C 120 25.23 -11.30 -16.35
C LYS C 120 25.64 -11.29 -17.82
N SER C 121 26.68 -12.08 -18.15
CA SER C 121 27.14 -12.28 -19.53
C SER C 121 26.03 -12.87 -20.38
N ASP C 122 25.35 -13.90 -19.87
CA ASP C 122 24.27 -14.57 -20.58
C ASP C 122 23.16 -13.57 -20.90
N LEU C 123 22.83 -12.70 -19.93
CA LEU C 123 21.78 -11.70 -20.11
C LEU C 123 22.22 -10.70 -21.18
N THR C 124 23.50 -10.30 -21.17
CA THR C 124 24.07 -9.42 -22.19
C THR C 124 23.92 -10.05 -23.59
N LEU C 125 24.23 -11.34 -23.72
CA LEU C 125 24.04 -12.07 -24.96
C LEU C 125 22.57 -12.00 -25.40
N VAL C 126 21.64 -12.19 -24.45
CA VAL C 126 20.22 -12.16 -24.77
C VAL C 126 19.80 -10.78 -25.26
N GLN C 127 20.36 -9.69 -24.69
CA GLN C 127 20.07 -8.35 -25.17
C GLN C 127 20.54 -8.21 -26.63
N ILE C 128 21.69 -8.84 -26.98
CA ILE C 128 22.18 -8.84 -28.35
C ILE C 128 21.23 -9.61 -29.27
N LEU C 129 20.71 -10.79 -28.83
CA LEU C 129 19.78 -11.58 -29.61
C LEU C 129 18.50 -10.80 -29.94
N LYS C 130 18.04 -9.96 -29.00
CA LYS C 130 16.84 -9.17 -29.20
C LYS C 130 17.04 -8.18 -30.34
N GLN C 131 18.29 -7.73 -30.52
CA GLN C 131 18.68 -6.78 -31.57
C GLN C 131 19.00 -7.50 -32.89
N GLU C 132 19.67 -8.66 -32.81
CA GLU C 132 20.34 -9.26 -33.96
C GLU C 132 19.59 -10.46 -34.51
N TRP C 133 18.75 -11.14 -33.70
CA TRP C 133 18.31 -12.51 -33.99
C TRP C 133 16.81 -12.56 -34.29
N PRO C 134 16.35 -13.39 -35.25
CA PRO C 134 17.22 -14.19 -36.12
C PRO C 134 17.73 -13.56 -37.41
N GLN C 135 17.14 -12.44 -37.85
CA GLN C 135 17.44 -11.83 -39.14
C GLN C 135 18.95 -11.70 -39.41
N ASN C 136 19.75 -11.35 -38.39
CA ASN C 136 21.19 -11.12 -38.54
C ASN C 136 22.04 -12.22 -37.90
N TRP C 137 21.44 -13.36 -37.55
CA TRP C 137 22.14 -14.41 -36.83
C TRP C 137 21.37 -15.71 -36.95
N PRO C 138 21.06 -16.16 -38.19
CA PRO C 138 20.19 -17.32 -38.40
C PRO C 138 20.72 -18.62 -37.80
N GLU C 139 22.03 -18.66 -37.51
CA GLU C 139 22.71 -19.88 -37.11
C GLU C 139 22.77 -19.99 -35.58
N PHE C 140 22.26 -18.99 -34.84
CA PHE C 140 22.47 -18.92 -33.39
C PHE C 140 22.01 -20.20 -32.70
N ILE C 141 20.79 -20.65 -33.00
CA ILE C 141 20.20 -21.80 -32.31
C ILE C 141 20.92 -23.09 -32.75
N PRO C 142 21.07 -23.42 -34.06
CA PRO C 142 21.92 -24.54 -34.47
C PRO C 142 23.27 -24.60 -33.77
N GLU C 143 24.01 -23.48 -33.71
CA GLU C 143 25.31 -23.41 -33.06
C GLU C 143 25.25 -23.69 -31.56
N LEU C 144 24.26 -23.10 -30.85
CA LEU C 144 24.06 -23.33 -29.43
C LEU C 144 23.79 -24.81 -29.15
N ILE C 145 22.88 -25.40 -29.94
CA ILE C 145 22.55 -26.82 -29.85
C ILE C 145 23.82 -27.65 -30.08
N GLY C 146 24.61 -27.28 -31.11
CA GLY C 146 25.84 -27.99 -31.43
C GLY C 146 26.87 -27.90 -30.31
N SER C 147 27.09 -26.67 -29.81
CA SER C 147 28.06 -26.38 -28.73
C SER C 147 27.68 -27.10 -27.43
N SER C 148 26.41 -27.51 -27.28
CA SER C 148 25.91 -28.12 -26.05
C SER C 148 26.52 -29.51 -25.81
N SER C 149 26.78 -30.27 -26.88
CA SER C 149 27.30 -31.64 -26.79
C SER C 149 28.79 -31.67 -26.42
N SER C 150 29.51 -30.56 -26.64
CA SER C 150 30.94 -30.44 -26.44
C SER C 150 31.35 -30.45 -24.97
N SER C 151 30.45 -30.06 -24.06
CA SER C 151 30.77 -29.85 -22.65
C SER C 151 29.50 -29.68 -21.82
N VAL C 152 29.51 -30.24 -20.58
CA VAL C 152 28.38 -30.22 -19.66
C VAL C 152 28.15 -28.79 -19.13
N ASN C 153 29.25 -28.04 -18.90
CA ASN C 153 29.22 -26.66 -18.44
C ASN C 153 28.56 -25.76 -19.49
N VAL C 154 28.97 -25.91 -20.76
CA VAL C 154 28.42 -25.12 -21.85
C VAL C 154 26.95 -25.44 -22.04
N CYS C 155 26.61 -26.75 -22.05
CA CYS C 155 25.23 -27.22 -22.17
C CYS C 155 24.35 -26.61 -21.08
N GLU C 156 24.83 -26.64 -19.82
CA GLU C 156 24.13 -26.08 -18.67
C GLU C 156 23.92 -24.58 -18.84
N ASN C 157 24.98 -23.87 -19.26
CA ASN C 157 24.93 -22.43 -19.45
C ASN C 157 24.01 -22.08 -20.63
N ASN C 158 23.97 -22.94 -21.67
CA ASN C 158 23.06 -22.76 -22.80
C ASN C 158 21.60 -22.83 -22.32
N MET C 159 21.30 -23.64 -21.30
CA MET C 159 19.96 -23.71 -20.75
C MET C 159 19.59 -22.40 -20.05
N ILE C 160 20.59 -21.72 -19.44
CA ILE C 160 20.37 -20.43 -18.79
C ILE C 160 20.08 -19.36 -19.84
N VAL C 161 20.83 -19.40 -20.96
CA VAL C 161 20.63 -18.46 -22.06
C VAL C 161 19.21 -18.62 -22.61
N LEU C 162 18.77 -19.86 -22.86
CA LEU C 162 17.47 -20.15 -23.46
C LEU C 162 16.32 -19.78 -22.54
N LYS C 163 16.51 -20.01 -21.23
CA LYS C 163 15.59 -19.55 -20.21
C LYS C 163 15.41 -18.02 -20.26
N LEU C 164 16.53 -17.27 -20.24
CA LEU C 164 16.51 -15.82 -20.28
C LEU C 164 15.86 -15.31 -21.57
N LEU C 165 16.17 -15.97 -22.69
CA LEU C 165 15.57 -15.61 -23.98
C LEU C 165 14.04 -15.74 -23.92
N SER C 166 13.56 -16.92 -23.45
CA SER C 166 12.14 -17.20 -23.31
C SER C 166 11.45 -16.17 -22.42
N GLU C 167 12.07 -15.80 -21.29
CA GLU C 167 11.55 -14.77 -20.40
C GLU C 167 11.45 -13.43 -21.12
N GLU C 168 12.53 -13.01 -21.82
CA GLU C 168 12.56 -11.69 -22.44
C GLU C 168 11.55 -11.59 -23.60
N VAL C 169 11.27 -12.71 -24.27
CA VAL C 169 10.41 -12.71 -25.46
C VAL C 169 8.94 -12.89 -25.07
N PHE C 170 8.66 -13.81 -24.14
CA PHE C 170 7.28 -14.16 -23.78
C PHE C 170 6.81 -13.54 -22.47
N ASP C 171 7.69 -13.36 -21.48
CA ASP C 171 7.24 -13.00 -20.13
C ASP C 171 7.35 -11.50 -19.88
N PHE C 172 8.32 -10.79 -20.49
CA PHE C 172 8.57 -9.38 -20.17
C PHE C 172 8.59 -8.49 -21.42
N SER C 173 8.11 -9.00 -22.56
CA SER C 173 8.15 -8.26 -23.83
C SER C 173 7.07 -7.18 -23.86
N ALA C 174 5.95 -7.44 -23.18
CA ALA C 174 4.75 -6.63 -23.30
C ALA C 174 5.08 -5.16 -23.13
N GLU C 175 5.92 -4.83 -22.13
CA GLU C 175 6.13 -3.44 -21.79
C GLU C 175 7.41 -2.89 -22.44
N GLN C 176 8.28 -3.76 -22.99
CA GLN C 176 9.65 -3.39 -23.33
C GLN C 176 9.92 -3.35 -24.84
N MET C 177 9.01 -3.90 -25.66
CA MET C 177 9.19 -3.99 -27.11
C MET C 177 7.95 -3.46 -27.78
N THR C 178 8.05 -3.10 -29.06
CA THR C 178 6.89 -2.79 -29.85
C THR C 178 6.12 -4.10 -30.07
N GLN C 179 4.81 -3.99 -30.31
CA GLN C 179 3.96 -5.13 -30.63
C GLN C 179 4.54 -5.94 -31.80
N ALA C 180 4.99 -5.22 -32.85
CA ALA C 180 5.58 -5.87 -34.02
C ALA C 180 6.85 -6.64 -33.66
N LYS C 181 7.73 -6.06 -32.82
CA LYS C 181 8.99 -6.70 -32.50
C LYS C 181 8.76 -7.92 -31.59
N ALA C 182 7.81 -7.81 -30.66
CA ALA C 182 7.45 -8.91 -29.76
C ALA C 182 6.92 -10.09 -30.59
N LEU C 183 6.01 -9.83 -31.53
CA LEU C 183 5.47 -10.85 -32.41
C LEU C 183 6.58 -11.51 -33.24
N HIS C 184 7.49 -10.70 -33.81
CA HIS C 184 8.63 -11.19 -34.57
C HIS C 184 9.47 -12.16 -33.75
N LEU C 185 9.84 -11.78 -32.51
CA LEU C 185 10.69 -12.64 -31.68
C LEU C 185 9.93 -13.89 -31.23
N LYS C 186 8.64 -13.77 -30.90
CA LYS C 186 7.82 -14.89 -30.50
C LYS C 186 7.70 -15.92 -31.64
N ASN C 187 7.40 -15.46 -32.86
CA ASN C 187 7.32 -16.34 -34.02
C ASN C 187 8.66 -17.02 -34.28
N SER C 188 9.76 -16.26 -34.10
CA SER C 188 11.10 -16.81 -34.31
C SER C 188 11.36 -17.95 -33.33
N MET C 189 11.04 -17.77 -32.04
CA MET C 189 11.29 -18.80 -31.05
C MET C 189 10.42 -20.02 -31.33
N SER C 190 9.14 -19.76 -31.67
CA SER C 190 8.18 -20.79 -32.02
C SER C 190 8.71 -21.64 -33.18
N LYS C 191 9.22 -20.99 -34.23
CA LYS C 191 9.73 -21.67 -35.42
C LYS C 191 10.90 -22.59 -35.10
N GLU C 192 11.78 -22.24 -34.15
CA GLU C 192 12.96 -23.05 -33.86
C GLU C 192 12.77 -23.93 -32.62
N PHE C 193 11.55 -24.00 -32.04
CA PHE C 193 11.39 -24.64 -30.75
C PHE C 193 11.54 -26.16 -30.85
N GLU C 194 11.05 -26.74 -31.96
CA GLU C 194 11.20 -28.17 -32.23
C GLU C 194 12.63 -28.60 -31.90
N GLN C 195 13.62 -27.86 -32.41
CA GLN C 195 15.03 -28.21 -32.21
C GLN C 195 15.43 -27.99 -30.75
N ILE C 196 14.98 -26.89 -30.12
CA ILE C 196 15.31 -26.59 -28.73
C ILE C 196 14.74 -27.70 -27.81
N PHE C 197 13.52 -28.16 -28.09
CA PHE C 197 12.87 -29.16 -27.25
C PHE C 197 13.63 -30.49 -27.32
N LYS C 198 14.05 -30.89 -28.53
CA LYS C 198 14.83 -32.10 -28.74
C LYS C 198 16.04 -32.12 -27.81
N LEU C 199 16.82 -31.01 -27.76
CA LEU C 199 17.96 -30.89 -26.85
C LEU C 199 17.55 -31.04 -25.38
N CYS C 200 16.54 -30.28 -24.92
N CYS C 200 16.54 -30.25 -24.95
CA CYS C 200 16.09 -30.32 -23.54
CA CYS C 200 15.96 -30.26 -23.60
C CYS C 200 15.64 -31.74 -23.17
C CYS C 200 15.62 -31.69 -23.19
N PHE C 201 14.81 -32.37 -24.02
CA PHE C 201 14.35 -33.74 -23.80
C PHE C 201 15.50 -34.74 -23.70
N GLN C 202 16.51 -34.64 -24.59
CA GLN C 202 17.66 -35.53 -24.58
C GLN C 202 18.42 -35.39 -23.25
N VAL C 203 18.69 -34.14 -22.82
CA VAL C 203 19.35 -33.89 -21.54
C VAL C 203 18.56 -34.53 -20.39
N LEU C 204 17.24 -34.34 -20.37
CA LEU C 204 16.40 -34.88 -19.29
C LEU C 204 16.42 -36.41 -19.30
N GLU C 205 16.44 -37.04 -20.50
CA GLU C 205 16.51 -38.49 -20.61
C GLU C 205 17.90 -39.01 -20.22
N GLN C 206 18.98 -38.37 -20.71
CA GLN C 206 20.35 -38.87 -20.62
C GLN C 206 20.93 -38.65 -19.23
N GLY C 207 20.52 -37.55 -18.57
CA GLY C 207 20.64 -37.42 -17.13
C GLY C 207 22.07 -37.17 -16.68
N SER C 208 22.34 -37.54 -15.42
CA SER C 208 23.67 -37.60 -14.80
C SER C 208 23.91 -36.37 -13.93
N SER C 209 24.25 -35.23 -14.55
CA SER C 209 24.60 -34.02 -13.82
C SER C 209 23.33 -33.31 -13.33
N SER C 210 23.21 -33.16 -12.00
CA SER C 210 22.02 -32.60 -11.41
C SER C 210 21.94 -31.09 -11.70
N SER C 211 23.08 -30.39 -11.68
CA SER C 211 23.11 -28.96 -11.99
C SER C 211 22.66 -28.71 -13.44
N LEU C 212 23.04 -29.59 -14.36
CA LEU C 212 22.58 -29.52 -15.75
C LEU C 212 21.06 -29.79 -15.84
N ILE C 213 20.60 -30.83 -15.11
CA ILE C 213 19.21 -31.23 -15.10
C ILE C 213 18.35 -30.10 -14.51
N VAL C 214 18.80 -29.50 -13.40
CA VAL C 214 18.08 -28.38 -12.79
C VAL C 214 17.97 -27.20 -13.76
N ALA C 215 19.08 -26.79 -14.40
CA ALA C 215 19.05 -25.69 -15.37
C ALA C 215 18.07 -25.97 -16.51
N THR C 216 18.04 -27.22 -17.00
CA THR C 216 17.15 -27.65 -18.07
C THR C 216 15.68 -27.54 -17.63
N LEU C 217 15.35 -28.02 -16.41
CA LEU C 217 13.99 -27.90 -15.90
C LEU C 217 13.60 -26.45 -15.64
N GLU C 218 14.56 -25.60 -15.24
CA GLU C 218 14.29 -24.16 -15.06
C GLU C 218 13.86 -23.55 -16.39
N SER C 219 14.53 -23.93 -17.51
CA SER C 219 14.14 -23.41 -18.82
C SER C 219 12.77 -23.97 -19.21
N LEU C 220 12.52 -25.27 -18.94
CA LEU C 220 11.22 -25.87 -19.24
C LEU C 220 10.07 -25.11 -18.58
N LEU C 221 10.27 -24.67 -17.32
CA LEU C 221 9.25 -23.93 -16.58
C LEU C 221 8.81 -22.70 -17.40
N ARG C 222 9.79 -22.00 -17.98
CA ARG C 222 9.53 -20.83 -18.81
C ARG C 222 8.83 -21.26 -20.11
N TYR C 223 9.29 -22.35 -20.75
CA TYR C 223 8.67 -22.82 -21.98
C TYR C 223 7.18 -23.10 -21.79
N LEU C 224 6.81 -23.59 -20.59
CA LEU C 224 5.45 -24.02 -20.31
C LEU C 224 4.47 -22.85 -20.33
N HIS C 225 4.95 -21.60 -20.19
CA HIS C 225 4.11 -20.40 -20.31
C HIS C 225 3.52 -20.26 -21.71
N TRP C 226 4.15 -20.85 -22.76
CA TRP C 226 3.74 -20.59 -24.14
C TRP C 226 3.70 -21.82 -25.07
N ILE C 227 4.41 -22.93 -24.80
CA ILE C 227 4.48 -24.01 -25.78
C ILE C 227 3.16 -24.76 -25.85
N PRO C 228 2.83 -25.33 -27.03
CA PRO C 228 1.64 -26.19 -27.19
C PRO C 228 1.73 -27.45 -26.33
N TYR C 229 0.57 -27.96 -25.91
CA TYR C 229 0.46 -29.09 -24.99
C TYR C 229 1.17 -30.35 -25.52
N ARG C 230 1.21 -30.54 -26.85
CA ARG C 230 1.67 -31.80 -27.43
C ARG C 230 3.13 -32.11 -27.04
N TYR C 231 3.96 -31.09 -26.83
CA TYR C 231 5.34 -31.32 -26.41
C TYR C 231 5.43 -32.01 -25.03
N ILE C 232 4.35 -31.90 -24.24
CA ILE C 232 4.27 -32.46 -22.90
C ILE C 232 3.54 -33.81 -22.92
N TYR C 233 2.37 -33.84 -23.58
CA TYR C 233 1.46 -34.97 -23.57
C TYR C 233 1.81 -36.03 -24.63
N GLU C 234 2.48 -35.67 -25.74
CA GLU C 234 2.77 -36.61 -26.82
C GLU C 234 4.24 -37.06 -26.80
N THR C 235 4.97 -36.75 -25.72
CA THR C 235 6.31 -37.26 -25.46
C THR C 235 6.32 -37.93 -24.09
N ASN C 236 7.48 -38.46 -23.69
CA ASN C 236 7.60 -39.15 -22.41
C ASN C 236 7.71 -38.15 -21.24
N ILE C 237 7.78 -36.85 -21.53
CA ILE C 237 8.22 -35.89 -20.53
C ILE C 237 7.30 -35.86 -19.31
N LEU C 238 5.98 -36.02 -19.49
CA LEU C 238 5.07 -36.04 -18.35
C LEU C 238 5.49 -37.12 -17.34
N GLU C 239 5.83 -38.31 -17.84
CA GLU C 239 6.22 -39.43 -17.01
C GLU C 239 7.50 -39.11 -16.25
N LEU C 240 8.49 -38.50 -16.94
CA LEU C 240 9.77 -38.20 -16.32
C LEU C 240 9.60 -37.22 -15.17
N LEU C 241 8.88 -36.11 -15.42
CA LEU C 241 8.61 -35.10 -14.41
C LEU C 241 7.92 -35.71 -13.19
N SER C 242 6.89 -36.56 -13.41
CA SER C 242 6.02 -37.02 -12.34
C SER C 242 6.54 -38.28 -11.62
N THR C 243 7.68 -38.84 -12.06
CA THR C 243 8.31 -39.99 -11.41
C THR C 243 9.75 -39.64 -11.03
N LYS C 244 10.66 -39.75 -12.01
CA LYS C 244 12.10 -39.61 -11.82
C LYS C 244 12.42 -38.30 -11.08
N PHE C 245 12.01 -37.16 -11.63
CA PHE C 245 12.46 -35.87 -11.11
C PHE C 245 11.83 -35.50 -9.76
N MET C 246 10.73 -36.17 -9.35
CA MET C 246 10.14 -35.95 -8.04
C MET C 246 10.89 -36.72 -6.93
N THR C 247 11.64 -37.77 -7.30
CA THR C 247 12.26 -38.66 -6.31
C THR C 247 13.51 -38.01 -5.70
N SER C 248 14.30 -37.29 -6.51
CA SER C 248 15.52 -36.66 -6.04
C SER C 248 15.22 -35.23 -5.60
N PRO C 249 15.77 -34.76 -4.46
CA PRO C 249 15.40 -33.44 -3.92
C PRO C 249 15.95 -32.25 -4.70
N ASP C 250 17.11 -32.43 -5.36
CA ASP C 250 17.72 -31.41 -6.22
C ASP C 250 16.73 -30.95 -7.31
N THR C 251 15.97 -31.89 -7.91
CA THR C 251 15.09 -31.61 -9.05
C THR C 251 13.62 -31.40 -8.66
N ARG C 252 13.29 -31.62 -7.37
CA ARG C 252 11.91 -31.81 -6.92
C ARG C 252 11.16 -30.48 -6.87
N ALA C 253 11.82 -29.44 -6.36
CA ALA C 253 11.24 -28.11 -6.26
C ALA C 253 10.88 -27.57 -7.65
N ILE C 254 11.83 -27.62 -8.59
CA ILE C 254 11.60 -27.09 -9.93
C ILE C 254 10.54 -27.95 -10.65
N THR C 255 10.58 -29.27 -10.46
CA THR C 255 9.67 -30.20 -11.12
C THR C 255 8.23 -29.92 -10.70
N LEU C 256 8.02 -29.72 -9.39
CA LEU C 256 6.71 -29.40 -8.86
C LEU C 256 6.17 -28.13 -9.53
N LYS C 257 7.04 -27.12 -9.69
CA LYS C 257 6.61 -25.88 -10.33
C LYS C 257 6.28 -26.12 -11.80
N CYS C 258 7.04 -26.98 -12.49
CA CYS C 258 6.75 -27.37 -13.87
C CYS C 258 5.37 -28.02 -13.96
N LEU C 259 5.07 -28.94 -13.04
CA LEU C 259 3.81 -29.69 -13.07
C LEU C 259 2.62 -28.81 -12.73
N THR C 260 2.84 -27.77 -11.90
CA THR C 260 1.83 -26.77 -11.67
C THR C 260 1.49 -26.05 -12.99
N GLU C 261 2.52 -25.68 -13.78
CA GLU C 261 2.28 -25.00 -15.05
C GLU C 261 1.70 -26.00 -16.06
N VAL C 262 2.13 -27.27 -16.01
CA VAL C 262 1.57 -28.31 -16.88
C VAL C 262 0.05 -28.35 -16.66
N SER C 263 -0.36 -28.19 -15.38
CA SER C 263 -1.75 -28.25 -15.00
C SER C 263 -2.52 -27.05 -15.55
N ASN C 264 -1.82 -25.99 -15.99
CA ASN C 264 -2.42 -24.80 -16.60
C ASN C 264 -2.34 -24.81 -18.14
N LEU C 265 -1.76 -25.83 -18.80
CA LEU C 265 -1.68 -25.84 -20.26
C LEU C 265 -3.09 -25.81 -20.87
N LYS C 266 -3.23 -25.23 -22.07
CA LYS C 266 -4.46 -25.35 -22.84
C LYS C 266 -4.44 -26.71 -23.53
N ILE C 267 -5.49 -27.51 -23.26
CA ILE C 267 -5.56 -28.94 -23.51
C ILE C 267 -6.93 -29.28 -24.09
N PRO C 268 -7.05 -30.22 -25.07
CA PRO C 268 -8.37 -30.66 -25.55
C PRO C 268 -9.24 -31.24 -24.43
N GLN C 269 -10.55 -30.92 -24.43
CA GLN C 269 -11.48 -31.19 -23.34
C GLN C 269 -12.33 -32.46 -23.54
N ASP C 270 -12.24 -33.07 -24.74
CA ASP C 270 -13.16 -34.10 -25.21
C ASP C 270 -12.38 -35.35 -25.63
N ASN C 271 -11.24 -35.58 -24.96
CA ASN C 271 -10.30 -36.62 -25.36
C ASN C 271 -9.94 -37.49 -24.15
N ASP C 272 -10.33 -38.78 -24.18
CA ASP C 272 -10.19 -39.68 -23.04
C ASP C 272 -8.74 -40.04 -22.75
N LEU C 273 -7.87 -40.15 -23.79
CA LEU C 273 -6.47 -40.47 -23.58
C LEU C 273 -5.78 -39.37 -22.75
N ILE C 274 -6.01 -38.12 -23.14
CA ILE C 274 -5.45 -36.96 -22.45
C ILE C 274 -5.96 -36.91 -21.01
N LYS C 275 -7.25 -37.17 -20.80
CA LYS C 275 -7.82 -37.21 -19.47
C LYS C 275 -7.10 -38.24 -18.60
N ARG C 276 -6.82 -39.42 -19.16
CA ARG C 276 -6.10 -40.46 -18.45
C ARG C 276 -4.66 -40.02 -18.15
N GLN C 277 -4.02 -39.32 -19.09
CA GLN C 277 -2.66 -38.84 -18.87
C GLN C 277 -2.60 -37.80 -17.74
N THR C 278 -3.65 -36.98 -17.63
CA THR C 278 -3.77 -35.92 -16.65
C THR C 278 -3.93 -36.52 -15.25
N VAL C 279 -4.78 -37.55 -15.16
CA VAL C 279 -4.93 -38.39 -13.98
C VAL C 279 -3.59 -39.01 -13.58
N LEU C 280 -2.88 -39.62 -14.54
CA LEU C 280 -1.71 -40.43 -14.27
C LEU C 280 -0.56 -39.61 -13.67
N PHE C 281 -0.28 -38.42 -14.22
CA PHE C 281 0.84 -37.61 -13.73
C PHE C 281 0.56 -37.13 -12.30
N PHE C 282 -0.71 -36.88 -11.98
CA PHE C 282 -1.14 -36.52 -10.63
C PHE C 282 -0.90 -37.69 -9.68
N GLN C 283 -1.35 -38.89 -10.09
CA GLN C 283 -1.19 -40.11 -9.31
C GLN C 283 0.29 -40.38 -9.03
N ASN C 284 1.13 -40.27 -10.08
CA ASN C 284 2.57 -40.48 -9.99
C ASN C 284 3.19 -39.47 -9.02
N THR C 285 2.82 -38.18 -9.15
CA THR C 285 3.39 -37.13 -8.32
C THR C 285 3.10 -37.38 -6.83
N LEU C 286 1.83 -37.64 -6.50
CA LEU C 286 1.39 -37.91 -5.14
C LEU C 286 2.00 -39.20 -4.59
N GLN C 287 2.19 -40.23 -5.45
CA GLN C 287 2.84 -41.45 -5.00
C GLN C 287 4.29 -41.14 -4.61
N GLN C 288 5.00 -40.35 -5.43
CA GLN C 288 6.38 -40.00 -5.12
C GLN C 288 6.44 -39.18 -3.84
N ILE C 289 5.44 -38.34 -3.57
CA ILE C 289 5.40 -37.53 -2.34
C ILE C 289 5.29 -38.47 -1.13
N ALA C 290 4.29 -39.37 -1.18
CA ALA C 290 3.95 -40.28 -0.10
C ALA C 290 5.10 -41.24 0.25
N THR C 291 5.95 -41.57 -0.73
CA THR C 291 7.00 -42.55 -0.56
C THR C 291 8.37 -41.91 -0.33
N SER C 292 8.64 -40.74 -0.92
CA SER C 292 9.97 -40.15 -0.88
C SER C 292 10.04 -38.92 0.04
N VAL C 293 8.90 -38.30 0.39
CA VAL C 293 8.93 -37.07 1.16
C VAL C 293 8.22 -37.23 2.51
N MET C 294 6.89 -37.38 2.53
CA MET C 294 6.17 -37.61 3.77
C MET C 294 4.82 -38.23 3.46
N PRO C 295 4.34 -39.13 4.34
CA PRO C 295 2.99 -39.70 4.19
C PRO C 295 1.88 -38.70 4.46
N VAL C 296 0.67 -39.11 4.08
CA VAL C 296 -0.53 -38.29 4.17
C VAL C 296 -0.77 -37.83 5.62
N THR C 297 -0.34 -38.63 6.60
CA THR C 297 -0.58 -38.39 8.00
C THR C 297 0.42 -37.40 8.62
N ALA C 298 1.48 -37.03 7.90
CA ALA C 298 2.58 -36.24 8.45
C ALA C 298 2.07 -34.89 8.97
N ASP C 299 2.70 -34.43 10.06
CA ASP C 299 2.40 -33.17 10.70
C ASP C 299 3.17 -32.05 9.99
N LEU C 300 2.56 -31.47 8.95
CA LEU C 300 3.21 -30.45 8.14
C LEU C 300 3.32 -29.13 8.92
N LYS C 301 2.43 -28.90 9.89
CA LYS C 301 2.51 -27.75 10.78
C LYS C 301 3.85 -27.75 11.50
N ALA C 302 4.17 -28.89 12.12
CA ALA C 302 5.45 -29.10 12.79
C ALA C 302 6.64 -28.94 11.82
N THR C 303 6.58 -29.62 10.66
CA THR C 303 7.68 -29.59 9.70
C THR C 303 7.97 -28.14 9.25
N TYR C 304 6.93 -27.42 8.84
CA TYR C 304 7.07 -26.05 8.37
C TYR C 304 7.70 -25.18 9.46
N ALA C 305 7.16 -25.26 10.69
CA ALA C 305 7.64 -24.50 11.84
C ALA C 305 9.14 -24.73 12.05
N ASN C 306 9.62 -25.98 11.85
CA ASN C 306 11.00 -26.39 12.07
C ASN C 306 11.93 -25.76 11.04
N ALA C 307 11.41 -25.49 9.83
CA ALA C 307 12.06 -24.68 8.81
C ALA C 307 13.43 -25.24 8.39
N ASN C 308 13.57 -26.57 8.37
CA ASN C 308 14.79 -27.23 7.91
C ASN C 308 14.93 -27.07 6.41
N GLY C 309 16.19 -26.91 5.93
CA GLY C 309 16.48 -26.83 4.50
C GLY C 309 15.44 -26.00 3.75
N ASN C 310 14.97 -26.53 2.61
CA ASN C 310 14.06 -25.83 1.71
C ASN C 310 12.63 -26.35 1.90
N ASP C 311 12.33 -26.84 3.11
CA ASP C 311 11.07 -27.48 3.45
C ASP C 311 9.91 -26.50 3.28
N GLN C 312 10.12 -25.23 3.67
CA GLN C 312 9.04 -24.24 3.65
C GLN C 312 8.63 -23.99 2.21
N SER C 313 9.60 -23.71 1.34
CA SER C 313 9.38 -23.54 -0.09
C SER C 313 8.73 -24.75 -0.73
N PHE C 314 9.20 -25.95 -0.38
CA PHE C 314 8.62 -27.18 -0.91
C PHE C 314 7.14 -27.29 -0.57
N LEU C 315 6.79 -27.01 0.69
CA LEU C 315 5.41 -27.13 1.16
C LEU C 315 4.51 -26.07 0.52
N GLN C 316 5.02 -24.84 0.39
CA GLN C 316 4.36 -23.79 -0.39
C GLN C 316 4.08 -24.30 -1.80
N ASP C 317 5.10 -24.85 -2.46
CA ASP C 317 4.97 -25.30 -3.84
C ASP C 317 3.98 -26.46 -3.95
N LEU C 318 3.91 -27.32 -2.92
CA LEU C 318 2.97 -28.43 -2.92
C LEU C 318 1.54 -27.92 -2.86
N ALA C 319 1.31 -26.93 -1.99
CA ALA C 319 0.00 -26.29 -1.86
C ALA C 319 -0.42 -25.70 -3.20
N MET C 320 0.49 -24.99 -3.87
CA MET C 320 0.22 -24.38 -5.17
C MET C 320 -0.12 -25.46 -6.21
N PHE C 321 0.63 -26.57 -6.23
CA PHE C 321 0.37 -27.67 -7.15
C PHE C 321 -0.97 -28.36 -6.90
N LEU C 322 -1.23 -28.76 -5.65
CA LEU C 322 -2.50 -29.41 -5.33
C LEU C 322 -3.70 -28.50 -5.64
N THR C 323 -3.69 -27.24 -5.21
CA THR C 323 -4.82 -26.34 -5.42
C THR C 323 -5.07 -26.06 -6.91
N THR C 324 -3.98 -25.83 -7.68
CA THR C 324 -4.05 -25.57 -9.11
C THR C 324 -4.64 -26.76 -9.85
N TYR C 325 -4.07 -27.95 -9.62
CA TYR C 325 -4.52 -29.16 -10.29
C TYR C 325 -5.97 -29.47 -9.91
N LEU C 326 -6.30 -29.46 -8.62
CA LEU C 326 -7.61 -29.90 -8.16
C LEU C 326 -8.69 -28.92 -8.61
N ALA C 327 -8.39 -27.62 -8.60
CA ALA C 327 -9.35 -26.62 -9.02
C ALA C 327 -9.72 -26.82 -10.49
N ARG C 328 -8.83 -27.39 -11.29
CA ARG C 328 -9.12 -27.64 -12.69
C ARG C 328 -9.65 -29.06 -12.93
N ASN C 329 -9.14 -30.06 -12.19
CA ASN C 329 -9.23 -31.45 -12.64
C ASN C 329 -9.93 -32.39 -11.66
N ARG C 330 -10.46 -31.90 -10.54
CA ARG C 330 -10.89 -32.84 -9.53
C ARG C 330 -12.08 -33.67 -10.05
N ALA C 331 -12.87 -33.13 -10.97
CA ALA C 331 -13.97 -33.87 -11.59
C ALA C 331 -13.45 -35.13 -12.28
N LEU C 332 -12.22 -35.11 -12.84
CA LEU C 332 -11.61 -36.31 -13.41
C LEU C 332 -11.49 -37.43 -12.36
N LEU C 333 -11.35 -37.07 -11.09
CA LEU C 333 -11.11 -38.05 -10.03
C LEU C 333 -12.38 -38.49 -9.33
N GLU C 334 -13.55 -37.88 -9.61
CA GLU C 334 -14.70 -37.95 -8.72
C GLU C 334 -15.66 -39.12 -8.99
N SER C 335 -15.78 -39.60 -10.24
CA SER C 335 -16.76 -40.64 -10.59
C SER C 335 -16.18 -42.05 -10.64
N ASP C 336 -14.87 -42.19 -10.93
CA ASP C 336 -14.19 -43.48 -10.95
C ASP C 336 -13.85 -43.91 -9.51
N GLU C 337 -14.36 -45.06 -9.06
CA GLU C 337 -14.18 -45.55 -7.70
C GLU C 337 -12.70 -45.89 -7.43
N SER C 338 -11.94 -46.17 -8.49
CA SER C 338 -10.52 -46.51 -8.37
C SER C 338 -9.66 -45.27 -8.12
N LEU C 339 -10.20 -44.06 -8.35
CA LEU C 339 -9.50 -42.80 -8.13
C LEU C 339 -9.94 -42.10 -6.84
N ARG C 340 -10.83 -42.72 -6.05
CA ARG C 340 -11.39 -42.09 -4.87
C ARG C 340 -10.29 -41.84 -3.84
N GLU C 341 -9.41 -42.83 -3.62
CA GLU C 341 -8.35 -42.73 -2.62
C GLU C 341 -7.35 -41.64 -3.00
N LEU C 342 -7.01 -41.53 -4.29
CA LEU C 342 -6.15 -40.47 -4.78
C LEU C 342 -6.76 -39.09 -4.52
N LEU C 343 -8.05 -38.94 -4.83
CA LEU C 343 -8.78 -37.69 -4.62
C LEU C 343 -8.74 -37.29 -3.15
N LEU C 344 -8.99 -38.25 -2.26
CA LEU C 344 -9.12 -37.91 -0.86
C LEU C 344 -7.75 -37.74 -0.20
N ASN C 345 -6.72 -38.48 -0.63
CA ASN C 345 -5.36 -38.28 -0.16
C ASN C 345 -4.85 -36.89 -0.54
N ALA C 346 -5.10 -36.43 -1.78
CA ALA C 346 -4.68 -35.12 -2.22
C ALA C 346 -5.32 -34.02 -1.35
N HIS C 347 -6.61 -34.14 -1.09
CA HIS C 347 -7.33 -33.24 -0.19
C HIS C 347 -6.86 -33.37 1.27
N GLN C 348 -6.48 -34.58 1.72
CA GLN C 348 -5.93 -34.75 3.07
C GLN C 348 -4.60 -33.98 3.20
N TYR C 349 -3.74 -34.05 2.17
CA TYR C 349 -2.51 -33.26 2.17
C TYR C 349 -2.85 -31.78 2.33
N LEU C 350 -3.90 -31.34 1.64
CA LEU C 350 -4.30 -29.94 1.72
C LEU C 350 -4.83 -29.59 3.12
N ILE C 351 -5.58 -30.48 3.76
CA ILE C 351 -5.99 -30.27 5.15
C ILE C 351 -4.75 -30.09 6.01
N GLN C 352 -3.72 -30.94 5.84
CA GLN C 352 -2.51 -30.84 6.64
C GLN C 352 -1.76 -29.52 6.35
N LEU C 353 -1.73 -29.08 5.08
CA LEU C 353 -1.07 -27.83 4.71
C LEU C 353 -1.80 -26.62 5.31
N SER C 354 -3.12 -26.75 5.48
CA SER C 354 -3.99 -25.70 5.98
C SER C 354 -3.77 -25.46 7.46
N LYS C 355 -3.08 -26.40 8.14
CA LYS C 355 -2.84 -26.27 9.57
C LYS C 355 -1.52 -25.54 9.84
N ILE C 356 -0.72 -25.31 8.81
CA ILE C 356 0.56 -24.60 8.95
C ILE C 356 0.28 -23.17 9.41
N GLU C 357 1.07 -22.72 10.39
CA GLU C 357 1.00 -21.35 10.89
C GLU C 357 1.83 -20.44 9.98
N GLU C 358 1.21 -20.01 8.90
CA GLU C 358 1.79 -19.15 7.86
C GLU C 358 0.64 -18.51 7.11
N ARG C 359 0.42 -17.23 7.38
CA ARG C 359 -0.74 -16.50 6.95
C ARG C 359 -0.94 -16.60 5.45
N GLU C 360 0.13 -16.37 4.68
CA GLU C 360 0.01 -16.29 3.23
C GLU C 360 -0.24 -17.67 2.60
N LEU C 361 0.30 -18.72 3.22
CA LEU C 361 0.06 -20.09 2.77
C LEU C 361 -1.40 -20.47 3.04
N PHE C 362 -1.87 -20.14 4.25
CA PHE C 362 -3.25 -20.34 4.65
C PHE C 362 -4.23 -19.72 3.65
N LYS C 363 -3.92 -18.51 3.18
CA LYS C 363 -4.78 -17.82 2.24
C LYS C 363 -4.85 -18.54 0.89
N THR C 364 -3.71 -19.13 0.49
CA THR C 364 -3.64 -19.89 -0.75
C THR C 364 -4.57 -21.10 -0.65
N THR C 365 -4.48 -21.86 0.45
CA THR C 365 -5.33 -23.03 0.65
C THR C 365 -6.79 -22.61 0.80
N LEU C 366 -7.03 -21.47 1.47
CA LEU C 366 -8.38 -20.97 1.70
C LEU C 366 -9.10 -20.64 0.39
N ASP C 367 -8.38 -20.06 -0.57
CA ASP C 367 -8.95 -19.78 -1.88
C ASP C 367 -9.41 -21.09 -2.51
N TYR C 368 -8.63 -22.18 -2.36
CA TYR C 368 -9.04 -23.47 -2.90
C TYR C 368 -10.27 -23.98 -2.16
N TRP C 369 -10.24 -23.99 -0.83
CA TRP C 369 -11.37 -24.46 -0.05
C TRP C 369 -12.65 -23.69 -0.42
N HIS C 370 -12.54 -22.38 -0.67
CA HIS C 370 -13.69 -21.58 -1.10
C HIS C 370 -14.27 -22.11 -2.41
N ASN C 371 -13.40 -22.41 -3.38
CA ASN C 371 -13.78 -23.02 -4.65
C ASN C 371 -14.50 -24.36 -4.43
N LEU C 372 -13.96 -25.23 -3.56
CA LEU C 372 -14.51 -26.56 -3.35
C LEU C 372 -15.91 -26.48 -2.74
N VAL C 373 -16.07 -25.76 -1.61
CA VAL C 373 -17.30 -25.85 -0.85
C VAL C 373 -18.42 -25.08 -1.57
N ALA C 374 -18.06 -24.02 -2.33
CA ALA C 374 -19.00 -23.37 -3.23
C ALA C 374 -19.54 -24.39 -4.25
N ASP C 375 -18.65 -25.22 -4.81
CA ASP C 375 -19.01 -26.29 -5.75
C ASP C 375 -19.95 -27.31 -5.11
N LEU C 376 -19.63 -27.77 -3.88
CA LEU C 376 -20.43 -28.75 -3.18
C LEU C 376 -21.80 -28.20 -2.80
N PHE C 377 -21.90 -26.88 -2.63
CA PHE C 377 -23.17 -26.22 -2.36
C PHE C 377 -24.10 -26.30 -3.58
N TYR C 378 -23.55 -26.30 -4.81
CA TYR C 378 -24.33 -26.19 -6.05
C TYR C 378 -24.34 -27.48 -6.85
N GLU C 379 -23.17 -28.13 -6.97
CA GLU C 379 -23.01 -29.33 -7.82
C GLU C 379 -23.72 -30.54 -7.21
N PRO C 380 -24.66 -31.17 -7.94
CA PRO C 380 -25.39 -32.35 -7.45
C PRO C 380 -24.53 -33.61 -7.30
N LEU C 381 -24.83 -34.38 -6.24
CA LEU C 381 -24.21 -35.69 -5.87
C LEU C 381 -22.71 -35.57 -5.58
N LYS C 382 -22.22 -34.43 -5.10
CA LYS C 382 -20.76 -34.33 -4.86
C LYS C 382 -20.38 -34.16 -3.39
N LYS C 383 -21.29 -33.64 -2.55
CA LYS C 383 -20.92 -33.31 -1.17
C LYS C 383 -20.54 -34.57 -0.39
N HIS C 384 -21.24 -35.69 -0.61
CA HIS C 384 -21.01 -36.93 0.13
C HIS C 384 -19.58 -37.46 -0.01
N ILE C 385 -18.90 -37.16 -1.12
CA ILE C 385 -17.53 -37.56 -1.39
C ILE C 385 -16.59 -36.97 -0.33
N TYR C 386 -16.87 -35.72 0.07
CA TYR C 386 -15.93 -34.89 0.80
C TYR C 386 -16.30 -34.73 2.28
N GLU C 387 -17.22 -35.57 2.79
CA GLU C 387 -17.79 -35.41 4.12
C GLU C 387 -16.71 -35.30 5.20
N GLU C 388 -15.69 -36.17 5.15
CA GLU C 388 -14.64 -36.25 6.18
C GLU C 388 -13.63 -35.11 5.99
N ILE C 389 -13.36 -34.74 4.73
CA ILE C 389 -12.56 -33.55 4.42
C ILE C 389 -13.23 -32.30 5.01
N CYS C 390 -14.54 -32.15 4.76
CA CYS C 390 -15.30 -31.00 5.19
C CYS C 390 -15.36 -30.90 6.70
N SER C 391 -15.43 -32.05 7.39
CA SER C 391 -15.49 -32.08 8.85
C SER C 391 -14.18 -31.55 9.45
N GLN C 392 -13.04 -32.02 8.94
CA GLN C 392 -11.74 -31.51 9.35
C GLN C 392 -11.63 -30.02 9.05
N LEU C 393 -12.14 -29.58 7.88
CA LEU C 393 -12.00 -28.21 7.43
C LEU C 393 -12.79 -27.29 8.36
N ARG C 394 -13.96 -27.73 8.85
CA ARG C 394 -14.74 -26.93 9.80
C ARG C 394 -13.86 -26.57 11.00
N LEU C 395 -13.13 -27.55 11.54
CA LEU C 395 -12.28 -27.31 12.69
C LEU C 395 -11.16 -26.33 12.32
N VAL C 396 -10.52 -26.55 11.17
CA VAL C 396 -9.44 -25.68 10.72
C VAL C 396 -9.94 -24.22 10.60
N ILE C 397 -11.11 -23.99 9.99
CA ILE C 397 -11.56 -22.62 9.77
C ILE C 397 -11.91 -21.97 11.12
N ILE C 398 -12.60 -22.71 11.99
CA ILE C 398 -13.06 -22.20 13.26
C ILE C 398 -11.83 -21.83 14.11
N GLU C 399 -10.81 -22.69 14.13
CA GLU C 399 -9.62 -22.41 14.92
C GLU C 399 -8.78 -21.27 14.32
N ASN C 400 -9.04 -20.86 13.07
CA ASN C 400 -8.23 -19.87 12.38
C ASN C 400 -9.00 -18.59 12.11
N MET C 401 -10.20 -18.42 12.69
CA MET C 401 -11.05 -17.28 12.39
C MET C 401 -10.37 -16.02 12.92
N VAL C 402 -10.29 -14.99 12.09
CA VAL C 402 -9.74 -13.68 12.43
C VAL C 402 -10.90 -12.71 12.69
N ARG C 403 -10.57 -11.59 13.35
CA ARG C 403 -11.49 -10.49 13.64
C ARG C 403 -12.04 -9.96 12.32
N PRO C 404 -13.30 -9.48 12.28
CA PRO C 404 -13.85 -8.88 11.07
C PRO C 404 -13.16 -7.62 10.53
N GLU C 405 -12.29 -7.03 11.36
CA GLU C 405 -11.47 -5.84 10.99
C GLU C 405 -10.56 -6.22 9.81
N GLU C 406 -10.07 -7.46 9.80
CA GLU C 406 -9.27 -7.97 8.65
C GLU C 406 -10.33 -8.43 7.65
N ILE C 407 -10.82 -7.47 6.85
CA ILE C 407 -12.02 -7.58 5.95
C ILE C 407 -11.92 -8.66 4.87
N GLN C 408 -10.83 -8.72 4.10
CA GLN C 408 -10.77 -9.74 3.04
C GLN C 408 -10.66 -11.16 3.61
N LEU C 409 -9.82 -11.34 4.63
CA LEU C 409 -9.56 -12.67 5.17
C LEU C 409 -10.79 -13.14 5.97
N TYR C 410 -11.41 -12.23 6.75
CA TYR C 410 -12.62 -12.55 7.49
C TYR C 410 -13.72 -12.94 6.52
N LYS C 411 -13.88 -12.14 5.45
CA LYS C 411 -14.88 -12.41 4.44
C LYS C 411 -14.72 -13.81 3.82
N SER C 412 -13.48 -14.14 3.40
CA SER C 412 -13.14 -15.44 2.82
C SER C 412 -13.49 -16.54 3.81
N GLU C 413 -13.02 -16.42 5.05
CA GLU C 413 -13.22 -17.44 6.07
C GLU C 413 -14.72 -17.63 6.33
N ARG C 414 -15.42 -16.52 6.53
CA ARG C 414 -16.85 -16.54 6.78
C ARG C 414 -17.57 -17.30 5.66
N GLU C 415 -17.24 -16.99 4.41
CA GLU C 415 -17.96 -17.59 3.30
C GLU C 415 -17.73 -19.10 3.29
N VAL C 416 -16.50 -19.54 3.60
CA VAL C 416 -16.20 -20.96 3.64
C VAL C 416 -16.98 -21.61 4.78
N LEU C 417 -17.03 -20.98 5.94
CA LEU C 417 -17.72 -21.54 7.09
C LEU C 417 -19.23 -21.59 6.86
N VAL C 418 -19.79 -20.54 6.24
CA VAL C 418 -21.20 -20.51 5.87
C VAL C 418 -21.54 -21.70 4.96
N TYR C 419 -20.78 -21.88 3.87
CA TYR C 419 -21.01 -23.01 2.99
C TYR C 419 -20.92 -24.35 3.74
N LEU C 420 -19.91 -24.50 4.59
CA LEU C 420 -19.71 -25.74 5.37
C LEU C 420 -20.84 -25.96 6.38
N THR C 421 -21.38 -24.88 6.95
CA THR C 421 -22.48 -24.98 7.90
C THR C 421 -23.75 -25.50 7.20
N HIS C 422 -24.05 -24.91 6.04
CA HIS C 422 -25.12 -25.39 5.17
C HIS C 422 -24.95 -26.88 4.84
N LEU C 423 -23.74 -27.32 4.49
CA LEU C 423 -23.50 -28.72 4.14
C LEU C 423 -23.72 -29.68 5.33
N ASN C 424 -23.42 -29.25 6.57
CA ASN C 424 -23.70 -30.08 7.74
C ASN C 424 -23.78 -29.20 8.99
N VAL C 425 -25.00 -28.74 9.29
CA VAL C 425 -25.25 -27.80 10.37
C VAL C 425 -24.98 -28.47 11.73
N ILE C 426 -25.30 -29.76 11.84
CA ILE C 426 -25.12 -30.50 13.08
C ILE C 426 -23.62 -30.60 13.42
N ASP C 427 -22.79 -30.96 12.44
CA ASP C 427 -21.34 -31.04 12.64
C ASP C 427 -20.79 -29.67 13.06
N THR C 428 -21.20 -28.59 12.41
CA THR C 428 -20.70 -27.26 12.76
C THR C 428 -21.04 -26.90 14.21
N GLU C 429 -22.31 -27.04 14.57
CA GLU C 429 -22.82 -26.79 15.92
C GLU C 429 -22.02 -27.59 16.95
N GLU C 430 -21.84 -28.90 16.71
CA GLU C 430 -21.16 -29.79 17.65
C GLU C 430 -19.74 -29.28 17.90
N ILE C 431 -19.04 -28.92 16.83
CA ILE C 431 -17.67 -28.44 16.93
C ILE C 431 -17.61 -27.15 17.76
N MET C 432 -18.54 -26.22 17.50
CA MET C 432 -18.54 -24.95 18.21
C MET C 432 -18.88 -25.12 19.69
N ILE C 433 -19.87 -25.96 20.00
CA ILE C 433 -20.27 -26.23 21.38
C ILE C 433 -19.12 -26.93 22.11
N SER C 434 -18.44 -27.90 21.48
CA SER C 434 -17.34 -28.57 22.17
C SER C 434 -16.13 -27.64 22.33
N LYS C 435 -15.85 -26.74 21.37
CA LYS C 435 -14.78 -25.76 21.57
C LYS C 435 -15.10 -24.85 22.76
N LEU C 436 -16.40 -24.52 22.92
CA LEU C 436 -16.91 -23.71 24.02
C LEU C 436 -16.69 -24.43 25.35
N ALA C 437 -16.97 -25.74 25.39
CA ALA C 437 -16.77 -26.57 26.57
C ALA C 437 -15.29 -26.56 27.02
N ARG C 438 -14.35 -26.53 26.05
CA ARG C 438 -12.91 -26.50 26.33
C ARG C 438 -12.46 -25.11 26.83
N GLN C 439 -13.25 -24.07 26.55
CA GLN C 439 -13.05 -22.75 27.14
C GLN C 439 -13.47 -22.79 28.62
N ILE C 440 -14.63 -23.42 28.89
CA ILE C 440 -15.23 -23.50 30.22
C ILE C 440 -14.44 -24.42 31.15
N ASP C 441 -13.86 -25.51 30.64
CA ASP C 441 -13.07 -26.43 31.45
C ASP C 441 -11.61 -25.98 31.56
N GLY C 442 -11.22 -24.88 30.88
CA GLY C 442 -9.89 -24.31 31.05
C GLY C 442 -8.80 -24.91 30.16
N SER C 443 -9.06 -26.04 29.49
CA SER C 443 -8.03 -26.75 28.74
C SER C 443 -7.53 -25.96 27.53
N GLU C 444 -8.39 -25.13 26.91
CA GLU C 444 -8.03 -24.28 25.78
C GLU C 444 -8.31 -22.80 26.07
N TRP C 445 -8.66 -22.45 27.33
CA TRP C 445 -8.94 -21.08 27.73
C TRP C 445 -7.75 -20.16 27.46
N SER C 446 -8.01 -19.06 26.75
CA SER C 446 -7.15 -17.89 26.61
C SER C 446 -8.00 -16.78 25.99
N TRP C 447 -7.55 -15.52 26.06
CA TRP C 447 -8.31 -14.41 25.47
C TRP C 447 -8.38 -14.61 23.96
N HIS C 448 -7.24 -14.94 23.34
CA HIS C 448 -7.18 -15.19 21.91
C HIS C 448 -8.21 -16.25 21.50
N ASN C 449 -8.33 -17.33 22.29
CA ASN C 449 -9.11 -18.51 21.93
C ASN C 449 -10.61 -18.24 22.11
N ILE C 450 -11.04 -17.57 23.20
CA ILE C 450 -12.45 -17.24 23.35
C ILE C 450 -12.85 -16.20 22.29
N ASN C 451 -11.95 -15.27 21.96
CA ASN C 451 -12.16 -14.28 20.92
C ASN C 451 -12.40 -14.94 19.56
N THR C 452 -11.48 -15.83 19.15
CA THR C 452 -11.53 -16.44 17.82
C THR C 452 -12.81 -17.27 17.70
N LEU C 453 -13.15 -18.02 18.77
CA LEU C 453 -14.37 -18.81 18.81
C LEU C 453 -15.60 -17.92 18.65
N SER C 454 -15.62 -16.77 19.34
CA SER C 454 -16.74 -15.84 19.29
C SER C 454 -16.92 -15.30 17.87
N TRP C 455 -15.80 -14.95 17.20
CA TRP C 455 -15.82 -14.48 15.82
C TRP C 455 -16.36 -15.58 14.90
N ALA C 456 -15.97 -16.85 15.13
CA ALA C 456 -16.46 -17.97 14.32
C ALA C 456 -17.97 -18.15 14.49
N ILE C 457 -18.43 -18.17 15.76
CA ILE C 457 -19.84 -18.32 16.09
C ILE C 457 -20.66 -17.19 15.44
N GLY C 458 -20.15 -15.96 15.50
CA GLY C 458 -20.79 -14.82 14.89
C GLY C 458 -20.92 -14.93 13.37
N SER C 459 -19.91 -15.53 12.74
CA SER C 459 -19.77 -15.54 11.28
C SER C 459 -20.86 -16.33 10.58
N ILE C 460 -21.49 -17.32 11.24
CA ILE C 460 -22.46 -18.20 10.60
C ILE C 460 -23.92 -17.78 10.90
N SER C 461 -24.14 -16.61 11.53
CA SER C 461 -25.48 -16.06 11.72
C SER C 461 -26.25 -16.09 10.40
N GLY C 462 -27.49 -16.60 10.39
CA GLY C 462 -28.35 -16.58 9.20
C GLY C 462 -28.28 -17.85 8.36
N THR C 463 -27.46 -18.83 8.76
CA THR C 463 -27.26 -20.05 7.98
C THR C 463 -28.21 -21.15 8.47
N MET C 464 -28.44 -21.23 9.80
CA MET C 464 -29.35 -22.18 10.39
C MET C 464 -30.81 -21.73 10.16
N SER C 465 -31.74 -22.68 10.25
CA SER C 465 -33.15 -22.39 10.38
C SER C 465 -33.35 -21.54 11.64
N GLU C 466 -34.42 -20.74 11.68
CA GLU C 466 -34.67 -19.88 12.82
C GLU C 466 -34.78 -20.71 14.11
N ASP C 467 -35.46 -21.85 14.04
CA ASP C 467 -35.61 -22.73 15.22
C ASP C 467 -34.25 -23.26 15.70
N THR C 468 -33.44 -23.79 14.78
CA THR C 468 -32.12 -24.32 15.14
C THR C 468 -31.27 -23.19 15.71
N GLU C 469 -31.30 -22.03 15.05
CA GLU C 469 -30.54 -20.87 15.49
C GLU C 469 -30.94 -20.47 16.92
N LYS C 470 -32.25 -20.47 17.20
CA LYS C 470 -32.77 -20.13 18.51
C LYS C 470 -32.12 -21.00 19.61
N ARG C 471 -32.15 -22.34 19.43
CA ARG C 471 -31.58 -23.27 20.41
C ARG C 471 -30.07 -23.06 20.51
N PHE C 472 -29.41 -22.87 19.37
CA PHE C 472 -27.97 -22.66 19.33
C PHE C 472 -27.59 -21.37 20.08
N VAL C 473 -28.28 -20.26 19.80
CA VAL C 473 -27.93 -18.96 20.37
C VAL C 473 -28.09 -19.02 21.90
N VAL C 474 -29.21 -19.57 22.37
CA VAL C 474 -29.48 -19.73 23.80
C VAL C 474 -28.36 -20.54 24.45
N THR C 475 -28.03 -21.71 23.89
CA THR C 475 -26.95 -22.55 24.39
C THR C 475 -25.65 -21.75 24.51
N VAL C 476 -25.27 -21.01 23.46
CA VAL C 476 -24.04 -20.24 23.42
C VAL C 476 -24.04 -19.14 24.49
N ILE C 477 -25.13 -18.37 24.64
CA ILE C 477 -25.22 -17.27 25.58
C ILE C 477 -25.20 -17.80 27.03
N LYS C 478 -25.96 -18.86 27.32
CA LYS C 478 -25.87 -19.57 28.60
C LYS C 478 -24.41 -19.90 28.91
N ASP C 479 -23.70 -20.53 27.96
CA ASP C 479 -22.36 -21.03 28.19
C ASP C 479 -21.38 -19.88 28.44
N LEU C 480 -21.46 -18.82 27.63
CA LEU C 480 -20.58 -17.66 27.79
C LEU C 480 -20.87 -16.92 29.12
N LEU C 481 -22.15 -16.86 29.53
CA LEU C 481 -22.56 -16.27 30.80
C LEU C 481 -21.96 -17.05 31.98
N GLY C 482 -22.06 -18.38 31.94
CA GLY C 482 -21.43 -19.25 32.92
C GLY C 482 -19.93 -19.05 32.96
N LEU C 483 -19.31 -18.93 31.78
CA LEU C 483 -17.89 -18.65 31.63
C LEU C 483 -17.52 -17.34 32.34
N CYS C 484 -18.33 -16.29 32.11
CA CYS C 484 -18.14 -14.97 32.71
C CYS C 484 -18.14 -15.02 34.24
N GLU C 485 -19.15 -15.70 34.83
CA GLU C 485 -19.28 -15.91 36.27
C GLU C 485 -18.01 -16.57 36.81
N GLN C 486 -17.68 -17.76 36.26
CA GLN C 486 -16.47 -18.52 36.51
C GLN C 486 -15.23 -17.64 36.68
N LYS C 487 -14.97 -16.77 35.70
CA LYS C 487 -13.71 -16.03 35.62
C LYS C 487 -13.63 -15.00 36.74
N ARG C 488 -12.39 -14.75 37.22
CA ARG C 488 -12.10 -13.81 38.29
C ARG C 488 -11.25 -12.67 37.72
N GLY C 489 -11.43 -11.45 38.25
CA GLY C 489 -10.69 -10.29 37.81
C GLY C 489 -11.38 -9.60 36.64
N LYS C 490 -11.36 -8.26 36.62
CA LYS C 490 -12.09 -7.46 35.64
C LYS C 490 -11.58 -7.72 34.22
N ASP C 491 -10.27 -7.99 34.08
CA ASP C 491 -9.64 -8.28 32.80
C ASP C 491 -10.37 -9.45 32.10
N ASN C 492 -10.46 -10.58 32.81
CA ASN C 492 -11.09 -11.80 32.33
C ASN C 492 -12.58 -11.56 32.04
N LYS C 493 -13.31 -10.96 32.98
CA LYS C 493 -14.74 -10.76 32.85
C LYS C 493 -15.04 -9.84 31.67
N ALA C 494 -14.16 -8.86 31.41
CA ALA C 494 -14.39 -7.89 30.35
C ALA C 494 -14.18 -8.53 28.98
N VAL C 495 -13.23 -9.47 28.88
CA VAL C 495 -12.96 -10.22 27.66
C VAL C 495 -14.21 -11.01 27.27
N VAL C 496 -14.77 -11.77 28.21
CA VAL C 496 -15.94 -12.60 27.96
C VAL C 496 -17.17 -11.73 27.70
N ALA C 497 -17.37 -10.67 28.49
CA ALA C 497 -18.50 -9.77 28.33
C ALA C 497 -18.50 -9.12 26.94
N ARG C 498 -17.33 -8.69 26.47
CA ARG C 498 -17.14 -8.20 25.11
C ARG C 498 -17.56 -9.27 24.08
N ASP C 499 -17.22 -10.55 24.34
CA ASP C 499 -17.50 -11.64 23.40
C ASP C 499 -18.99 -11.94 23.39
N ILE C 500 -19.64 -11.86 24.56
CA ILE C 500 -21.09 -11.99 24.65
C ILE C 500 -21.76 -10.92 23.81
N MET C 501 -21.34 -9.66 24.02
N MET C 501 -21.37 -9.66 23.98
CA MET C 501 -21.86 -8.51 23.29
CA MET C 501 -22.00 -8.57 23.25
C MET C 501 -21.69 -8.73 21.78
C MET C 501 -21.69 -8.70 21.75
N TYR C 502 -20.51 -9.22 21.40
CA TYR C 502 -20.18 -9.47 19.99
C TYR C 502 -21.17 -10.48 19.40
N VAL C 503 -21.35 -11.63 20.06
CA VAL C 503 -22.19 -12.70 19.53
C VAL C 503 -23.62 -12.21 19.37
N VAL C 504 -24.16 -11.55 20.40
CA VAL C 504 -25.52 -11.06 20.44
C VAL C 504 -25.76 -10.07 19.30
N GLY C 505 -24.79 -9.19 19.04
CA GLY C 505 -24.86 -8.22 17.96
C GLY C 505 -24.91 -8.83 16.57
N GLU C 506 -24.39 -10.07 16.41
CA GLU C 506 -24.34 -10.74 15.13
C GLU C 506 -25.59 -11.60 14.89
N TYR C 507 -26.56 -11.64 15.83
CA TYR C 507 -27.74 -12.48 15.70
C TYR C 507 -29.02 -11.65 15.80
N PRO C 508 -29.25 -10.69 14.87
CA PRO C 508 -30.40 -9.80 14.94
C PRO C 508 -31.73 -10.53 14.81
N ARG C 509 -31.77 -11.59 13.99
CA ARG C 509 -33.00 -12.34 13.78
C ARG C 509 -33.55 -12.84 15.11
N PHE C 510 -32.66 -13.30 16.00
CA PHE C 510 -32.99 -13.75 17.35
C PHE C 510 -33.48 -12.58 18.21
N LEU C 511 -32.78 -11.43 18.14
CA LEU C 511 -33.17 -10.25 18.91
C LEU C 511 -34.56 -9.76 18.48
N LYS C 512 -34.84 -9.80 17.16
CA LYS C 512 -36.08 -9.31 16.58
C LYS C 512 -37.30 -10.14 17.00
N ALA C 513 -37.09 -11.42 17.34
CA ALA C 513 -38.13 -12.36 17.73
C ALA C 513 -38.38 -12.35 19.23
N HIS C 514 -37.42 -11.84 20.02
CA HIS C 514 -37.40 -11.93 21.47
C HIS C 514 -37.23 -10.53 22.09
N TRP C 515 -38.28 -9.70 22.01
CA TRP C 515 -38.25 -8.31 22.49
C TRP C 515 -37.75 -8.22 23.92
N ASN C 516 -38.22 -9.11 24.78
CA ASN C 516 -37.80 -9.19 26.17
C ASN C 516 -36.27 -9.27 26.27
N PHE C 517 -35.64 -10.16 25.48
CA PHE C 517 -34.19 -10.33 25.48
C PHE C 517 -33.52 -9.06 24.92
N LEU C 518 -34.05 -8.51 23.82
CA LEU C 518 -33.46 -7.34 23.18
C LEU C 518 -33.36 -6.18 24.18
N ARG C 519 -34.47 -5.93 24.90
CA ARG C 519 -34.57 -4.87 25.89
C ARG C 519 -33.49 -5.04 26.97
N THR C 520 -33.40 -6.26 27.54
CA THR C 520 -32.37 -6.64 28.50
C THR C 520 -30.97 -6.32 27.98
N VAL C 521 -30.68 -6.73 26.73
CA VAL C 521 -29.37 -6.51 26.13
C VAL C 521 -29.07 -5.00 26.12
N ILE C 522 -30.02 -4.19 25.65
CA ILE C 522 -29.80 -2.75 25.52
C ILE C 522 -29.54 -2.15 26.92
N LEU C 523 -30.39 -2.51 27.90
CA LEU C 523 -30.26 -2.00 29.26
C LEU C 523 -28.92 -2.42 29.86
N LYS C 524 -28.43 -3.62 29.53
CA LYS C 524 -27.13 -4.06 30.00
C LYS C 524 -26.03 -3.23 29.35
N LEU C 525 -26.18 -2.94 28.04
CA LEU C 525 -25.23 -2.09 27.32
C LEU C 525 -25.15 -0.72 27.97
N PHE C 526 -26.29 -0.17 28.38
CA PHE C 526 -26.35 1.10 29.08
C PHE C 526 -25.58 1.01 30.40
N GLU C 527 -25.73 -0.11 31.15
CA GLU C 527 -24.96 -0.32 32.36
C GLU C 527 -23.46 -0.29 32.07
N PHE C 528 -23.05 -0.98 30.99
CA PHE C 528 -21.65 -1.07 30.60
C PHE C 528 -21.07 0.29 30.20
N MET C 529 -21.93 1.25 29.80
CA MET C 529 -21.47 2.60 29.42
C MET C 529 -21.01 3.40 30.65
N HIS C 530 -21.12 2.82 31.85
CA HIS C 530 -20.61 3.40 33.09
C HIS C 530 -19.32 2.71 33.57
N GLU C 531 -18.89 1.62 32.93
CA GLU C 531 -17.66 0.90 33.24
C GLU C 531 -16.45 1.61 32.61
N THR C 532 -15.51 2.09 33.43
CA THR C 532 -14.30 2.79 32.98
C THR C 532 -13.19 1.82 32.57
N HIS C 533 -13.30 0.54 32.96
CA HIS C 533 -12.37 -0.51 32.52
C HIS C 533 -12.21 -0.43 31.00
N GLU C 534 -10.96 -0.37 30.51
CA GLU C 534 -10.66 0.03 29.14
C GLU C 534 -11.35 -0.92 28.16
N GLY C 535 -11.89 -0.35 27.07
CA GLY C 535 -12.49 -1.11 25.98
C GLY C 535 -14.00 -1.35 26.13
N VAL C 536 -14.51 -1.28 27.37
CA VAL C 536 -15.87 -1.70 27.70
C VAL C 536 -16.89 -0.69 27.15
N GLN C 537 -16.66 0.61 27.41
CA GLN C 537 -17.52 1.68 26.93
C GLN C 537 -17.57 1.69 25.40
N ASP C 538 -16.41 1.53 24.73
CA ASP C 538 -16.35 1.47 23.27
C ASP C 538 -17.15 0.28 22.72
N MET C 539 -17.00 -0.91 23.33
N MET C 539 -16.94 -0.89 23.35
CA MET C 539 -17.70 -2.08 22.82
CA MET C 539 -17.62 -2.15 23.03
C MET C 539 -19.20 -1.94 23.10
C MET C 539 -19.14 -1.95 23.13
N ALA C 540 -19.58 -1.45 24.30
CA ALA C 540 -20.97 -1.12 24.60
C ALA C 540 -21.60 -0.20 23.53
N CYS C 541 -20.90 0.88 23.17
CA CYS C 541 -21.41 1.84 22.19
C CYS C 541 -21.44 1.23 20.78
N ASP C 542 -20.37 0.50 20.44
CA ASP C 542 -20.26 -0.15 19.14
C ASP C 542 -21.38 -1.17 18.99
N THR C 543 -21.67 -1.93 20.07
CA THR C 543 -22.69 -2.97 20.01
C THR C 543 -24.07 -2.32 19.89
N PHE C 544 -24.30 -1.25 20.66
CA PHE C 544 -25.55 -0.50 20.63
C PHE C 544 -25.88 -0.09 19.19
N ILE C 545 -24.98 0.62 18.50
CA ILE C 545 -25.27 1.13 17.16
C ILE C 545 -25.40 -0.03 16.17
N LYS C 546 -24.60 -1.10 16.35
CA LYS C 546 -24.73 -2.29 15.49
C LYS C 546 -26.11 -2.94 15.62
N ILE C 547 -26.59 -3.13 16.87
CA ILE C 547 -27.91 -3.70 17.09
C ILE C 547 -28.97 -2.78 16.49
N VAL C 548 -28.80 -1.46 16.67
CA VAL C 548 -29.77 -0.49 16.19
C VAL C 548 -29.83 -0.52 14.66
N GLN C 549 -28.68 -0.55 13.98
CA GLN C 549 -28.68 -0.62 12.52
C GLN C 549 -29.51 -1.81 12.02
N LYS C 550 -29.49 -2.93 12.75
CA LYS C 550 -30.17 -4.16 12.34
C LYS C 550 -31.61 -4.25 12.85
N CYS C 551 -31.94 -3.70 14.04
CA CYS C 551 -33.22 -3.95 14.71
C CYS C 551 -34.02 -2.66 14.98
N LYS C 552 -33.68 -1.55 14.28
CA LYS C 552 -34.22 -0.22 14.53
C LYS C 552 -35.76 -0.19 14.63
N TYR C 553 -36.46 -0.90 13.74
CA TYR C 553 -37.93 -0.91 13.73
C TYR C 553 -38.50 -1.31 15.10
N HIS C 554 -37.78 -2.17 15.85
CA HIS C 554 -38.25 -2.65 17.14
C HIS C 554 -38.17 -1.58 18.24
N PHE C 555 -37.47 -0.46 17.98
CA PHE C 555 -37.29 0.62 18.95
C PHE C 555 -38.30 1.75 18.72
N VAL C 556 -39.00 1.72 17.57
CA VAL C 556 -39.82 2.83 17.11
C VAL C 556 -41.32 2.49 17.20
N ILE C 557 -41.66 1.19 17.18
CA ILE C 557 -43.02 0.71 17.45
C ILE C 557 -43.20 0.56 18.96
N GLN C 558 -44.46 0.61 19.41
CA GLN C 558 -44.82 0.25 20.77
C GLN C 558 -44.88 -1.29 20.84
N GLN C 559 -43.92 -1.90 21.54
CA GLN C 559 -43.93 -3.33 21.79
C GLN C 559 -45.06 -3.64 22.76
N PRO C 560 -45.82 -4.74 22.60
CA PRO C 560 -46.88 -5.08 23.57
C PRO C 560 -46.28 -5.15 24.99
N ARG C 561 -47.01 -4.58 25.97
CA ARG C 561 -46.63 -4.58 27.38
C ARG C 561 -45.55 -3.51 27.68
N GLU C 562 -45.34 -2.57 26.75
CA GLU C 562 -44.58 -1.34 26.98
C GLU C 562 -45.57 -0.16 26.94
N SER C 563 -45.27 0.93 27.67
CA SER C 563 -46.14 2.09 27.71
C SER C 563 -45.90 3.01 26.51
N GLU C 564 -44.73 2.85 25.85
CA GLU C 564 -44.30 3.74 24.78
C GLU C 564 -43.26 3.04 23.93
N PRO C 565 -42.98 3.51 22.69
CA PRO C 565 -41.83 3.07 21.91
C PRO C 565 -40.54 3.25 22.72
N PHE C 566 -39.63 2.28 22.62
CA PHE C 566 -38.43 2.26 23.44
C PHE C 566 -37.51 3.46 23.16
N ILE C 567 -37.55 4.01 21.94
CA ILE C 567 -36.78 5.22 21.59
C ILE C 567 -37.10 6.35 22.56
N GLN C 568 -38.37 6.46 23.00
CA GLN C 568 -38.78 7.50 23.94
C GLN C 568 -38.05 7.26 25.25
N THR C 569 -37.97 5.99 25.68
CA THR C 569 -37.34 5.59 26.93
C THR C 569 -35.84 5.91 26.92
N ILE C 570 -35.16 5.60 25.81
CA ILE C 570 -33.74 5.92 25.62
C ILE C 570 -33.54 7.44 25.73
N ILE C 571 -34.38 8.22 25.04
CA ILE C 571 -34.22 9.66 24.99
C ILE C 571 -34.43 10.23 26.40
N ARG C 572 -35.49 9.78 27.10
CA ARG C 572 -35.83 10.30 28.43
C ARG C 572 -34.63 10.21 29.36
N ASP C 573 -33.86 9.12 29.27
CA ASP C 573 -32.80 8.83 30.23
C ASP C 573 -31.41 9.18 29.69
N ILE C 574 -31.31 9.88 28.54
CA ILE C 574 -30.08 9.99 27.77
C ILE C 574 -28.97 10.66 28.60
N GLN C 575 -29.32 11.66 29.42
CA GLN C 575 -28.32 12.34 30.25
C GLN C 575 -27.58 11.32 31.13
N LYS C 576 -28.37 10.54 31.89
CA LYS C 576 -27.86 9.53 32.81
C LYS C 576 -27.10 8.45 32.04
N THR C 577 -27.67 7.93 30.95
CA THR C 577 -27.05 6.87 30.15
C THR C 577 -25.64 7.24 29.70
N THR C 578 -25.44 8.50 29.24
CA THR C 578 -24.24 8.95 28.54
C THR C 578 -23.29 9.75 29.42
N ALA C 579 -23.60 9.89 30.72
CA ALA C 579 -22.90 10.76 31.65
C ALA C 579 -21.39 10.46 31.76
N ASP C 580 -20.97 9.18 31.61
CA ASP C 580 -19.57 8.79 31.82
C ASP C 580 -18.84 8.54 30.50
N LEU C 581 -19.49 8.79 29.36
CA LEU C 581 -18.90 8.52 28.05
C LEU C 581 -17.98 9.66 27.63
N GLN C 582 -16.92 9.33 26.87
CA GLN C 582 -16.09 10.32 26.17
C GLN C 582 -16.91 10.98 25.05
N PRO C 583 -16.56 12.21 24.60
CA PRO C 583 -17.32 12.88 23.55
C PRO C 583 -17.61 12.04 22.30
N GLN C 584 -16.63 11.27 21.80
CA GLN C 584 -16.79 10.47 20.58
C GLN C 584 -17.80 9.35 20.82
N GLN C 585 -17.81 8.75 22.02
CA GLN C 585 -18.77 7.72 22.39
C GLN C 585 -20.18 8.32 22.46
N VAL C 586 -20.31 9.52 23.04
CA VAL C 586 -21.59 10.23 23.09
C VAL C 586 -22.12 10.42 21.67
N HIS C 587 -21.24 10.79 20.72
CA HIS C 587 -21.62 11.07 19.34
C HIS C 587 -22.16 9.81 18.65
N THR C 588 -21.51 8.67 18.90
CA THR C 588 -21.98 7.38 18.41
C THR C 588 -23.38 7.09 18.95
N PHE C 589 -23.58 7.35 20.23
CA PHE C 589 -24.87 7.14 20.88
C PHE C 589 -25.96 7.96 20.18
N TYR C 590 -25.72 9.28 19.98
CA TYR C 590 -26.70 10.15 19.35
C TYR C 590 -26.93 9.72 17.89
N LYS C 591 -25.87 9.28 17.21
CA LYS C 591 -26.00 8.76 15.86
C LYS C 591 -26.96 7.56 15.83
N ALA C 592 -26.78 6.64 16.78
CA ALA C 592 -27.62 5.44 16.86
C ALA C 592 -29.07 5.85 17.04
N CYS C 593 -29.33 6.82 17.94
CA CYS C 593 -30.68 7.33 18.16
C CYS C 593 -31.25 7.94 16.88
N GLY C 594 -30.43 8.65 16.11
CA GLY C 594 -30.81 9.17 14.81
C GLY C 594 -31.31 8.10 13.83
N ILE C 595 -30.62 6.95 13.79
CA ILE C 595 -31.01 5.79 12.98
C ILE C 595 -32.46 5.39 13.32
N ILE C 596 -32.73 5.20 14.62
CA ILE C 596 -34.06 4.83 15.10
C ILE C 596 -35.10 5.85 14.65
N ILE C 597 -34.85 7.15 14.89
CA ILE C 597 -35.81 8.22 14.64
C ILE C 597 -36.18 8.32 13.16
N SER C 598 -35.22 8.03 12.26
CA SER C 598 -35.47 8.05 10.82
C SER C 598 -36.44 6.93 10.38
N GLU C 599 -36.63 5.89 11.21
CA GLU C 599 -37.63 4.86 10.96
C GLU C 599 -39.06 5.38 11.14
N GLU C 600 -39.26 6.41 11.96
CA GLU C 600 -40.57 7.00 12.22
C GLU C 600 -40.98 7.86 11.03
N ARG C 601 -41.98 7.41 10.26
CA ARG C 601 -42.34 8.05 9.00
C ARG C 601 -43.51 9.02 9.15
N SER C 602 -44.14 9.10 10.34
CA SER C 602 -45.02 10.22 10.65
C SER C 602 -44.17 11.46 10.95
N VAL C 603 -44.38 12.55 10.20
CA VAL C 603 -43.49 13.71 10.23
C VAL C 603 -43.54 14.38 11.61
N ALA C 604 -44.74 14.60 12.15
CA ALA C 604 -44.91 15.29 13.42
C ALA C 604 -44.18 14.54 14.54
N GLU C 605 -44.33 13.21 14.54
CA GLU C 605 -43.73 12.37 15.57
C GLU C 605 -42.21 12.34 15.39
N ARG C 606 -41.74 12.25 14.13
CA ARG C 606 -40.32 12.23 13.83
C ARG C 606 -39.67 13.51 14.36
N ASN C 607 -40.26 14.67 14.02
CA ASN C 607 -39.76 15.99 14.39
C ASN C 607 -39.74 16.20 15.90
N ARG C 608 -40.73 15.64 16.61
CA ARG C 608 -40.80 15.71 18.07
C ARG C 608 -39.69 14.86 18.69
N LEU C 609 -39.48 13.62 18.20
CA LEU C 609 -38.37 12.78 18.64
C LEU C 609 -37.02 13.49 18.41
N LEU C 610 -36.85 14.11 17.23
CA LEU C 610 -35.60 14.78 16.88
C LEU C 610 -35.38 15.95 17.84
N SER C 611 -36.48 16.66 18.15
CA SER C 611 -36.48 17.77 19.10
C SER C 611 -36.01 17.31 20.48
N ASP C 612 -36.52 16.15 20.92
CA ASP C 612 -36.26 15.60 22.25
C ASP C 612 -34.83 15.08 22.33
N LEU C 613 -34.36 14.39 21.28
CA LEU C 613 -33.01 13.89 21.22
C LEU C 613 -32.00 15.04 21.32
N MET C 614 -32.25 16.15 20.60
CA MET C 614 -31.33 17.28 20.53
C MET C 614 -31.51 18.25 21.71
N GLN C 615 -32.31 17.87 22.73
CA GLN C 615 -32.62 18.75 23.84
C GLN C 615 -31.36 19.26 24.55
N LEU C 616 -30.46 18.36 24.98
CA LEU C 616 -29.30 18.76 25.79
C LEU C 616 -28.30 19.55 24.96
N PRO C 617 -27.88 19.11 23.75
CA PRO C 617 -27.10 19.97 22.87
C PRO C 617 -27.77 21.31 22.55
N ASN C 618 -29.10 21.36 22.33
CA ASN C 618 -29.76 22.62 21.98
C ASN C 618 -29.77 23.60 23.17
N MET C 619 -29.93 23.08 24.40
CA MET C 619 -29.98 23.92 25.59
C MET C 619 -28.58 24.47 25.89
N ALA C 620 -27.54 23.63 25.82
CA ALA C 620 -26.15 24.09 25.94
C ALA C 620 -25.84 25.18 24.90
N TRP C 621 -26.26 24.93 23.65
CA TRP C 621 -26.12 25.86 22.53
C TRP C 621 -26.78 27.21 22.81
N ASP C 622 -28.06 27.19 23.23
CA ASP C 622 -28.83 28.39 23.51
C ASP C 622 -28.14 29.25 24.57
N THR C 623 -27.69 28.63 25.67
CA THR C 623 -27.01 29.35 26.74
C THR C 623 -25.72 29.97 26.21
N ILE C 624 -24.91 29.21 25.45
CA ILE C 624 -23.66 29.71 24.88
C ILE C 624 -23.93 30.85 23.90
N VAL C 625 -24.78 30.64 22.88
CA VAL C 625 -25.10 31.68 21.90
C VAL C 625 -25.50 32.97 22.62
N GLU C 626 -26.38 32.88 23.64
CA GLU C 626 -26.83 34.04 24.42
C GLU C 626 -25.66 34.74 25.08
N GLN C 627 -24.94 34.01 25.95
CA GLN C 627 -23.81 34.52 26.71
C GLN C 627 -22.69 34.96 25.75
N SER C 628 -22.42 34.14 24.74
CA SER C 628 -21.34 34.35 23.78
C SER C 628 -21.51 35.64 22.97
N THR C 629 -22.75 35.95 22.55
CA THR C 629 -23.04 37.15 21.77
C THR C 629 -23.24 38.36 22.69
N ALA C 630 -23.79 38.12 23.88
CA ALA C 630 -23.82 39.11 24.96
C ALA C 630 -22.41 39.61 25.25
N ASN C 631 -21.41 38.70 25.19
CA ASN C 631 -20.03 38.98 25.54
C ASN C 631 -19.08 38.19 24.64
N PRO C 632 -18.62 38.74 23.49
CA PRO C 632 -17.74 38.02 22.56
C PRO C 632 -16.43 37.49 23.17
N THR C 633 -16.06 38.07 24.32
CA THR C 633 -14.95 37.63 25.16
C THR C 633 -14.99 36.13 25.47
N LEU C 634 -16.17 35.59 25.83
CA LEU C 634 -16.33 34.28 26.45
C LEU C 634 -15.83 33.14 25.55
N LEU C 635 -15.67 33.44 24.26
CA LEU C 635 -15.27 32.49 23.24
C LEU C 635 -13.77 32.19 23.32
N LEU C 636 -12.98 33.09 23.96
CA LEU C 636 -11.54 32.90 24.14
C LEU C 636 -11.27 31.71 25.07
N ASP C 637 -12.21 31.44 26.00
CA ASP C 637 -12.12 30.34 26.95
C ASP C 637 -12.04 29.00 26.22
N SER C 638 -10.87 28.35 26.40
CA SER C 638 -10.57 26.99 25.98
C SER C 638 -11.76 26.04 26.16
N GLU C 639 -12.41 26.06 27.35
CA GLU C 639 -13.42 25.08 27.71
C GLU C 639 -14.71 25.29 26.90
N THR C 640 -15.10 26.55 26.66
CA THR C 640 -16.27 26.89 25.88
C THR C 640 -16.11 26.40 24.43
N VAL C 641 -14.92 26.63 23.86
CA VAL C 641 -14.60 26.23 22.49
C VAL C 641 -14.82 24.72 22.33
N LYS C 642 -14.42 23.96 23.36
CA LYS C 642 -14.53 22.51 23.37
C LYS C 642 -15.98 22.06 23.45
N ILE C 643 -16.77 22.68 24.35
CA ILE C 643 -18.21 22.46 24.43
C ILE C 643 -18.87 22.74 23.08
N ILE C 644 -18.57 23.88 22.45
CA ILE C 644 -19.17 24.27 21.18
C ILE C 644 -18.85 23.23 20.11
N ALA C 645 -17.57 22.84 20.01
CA ALA C 645 -17.13 21.88 19.00
C ALA C 645 -17.91 20.58 19.20
N ASN C 646 -18.10 20.16 20.46
CA ASN C 646 -18.80 18.91 20.75
C ASN C 646 -20.30 18.99 20.44
N ILE C 647 -20.92 20.19 20.61
CA ILE C 647 -22.31 20.43 20.19
C ILE C 647 -22.41 20.26 18.68
N ILE C 648 -21.51 20.91 17.92
CA ILE C 648 -21.56 20.82 16.47
C ILE C 648 -21.36 19.36 16.06
N LYS C 649 -20.37 18.66 16.65
CA LYS C 649 -20.10 17.27 16.32
C LYS C 649 -21.33 16.38 16.58
N THR C 650 -22.11 16.69 17.63
CA THR C 650 -23.30 15.91 17.94
C THR C 650 -24.34 16.10 16.83
N ASN C 651 -24.49 17.36 16.38
CA ASN C 651 -25.32 17.69 15.21
C ASN C 651 -24.87 16.91 13.96
N VAL C 652 -23.55 16.85 13.70
CA VAL C 652 -23.03 16.08 12.56
C VAL C 652 -23.41 14.60 12.67
N ALA C 653 -23.27 14.03 13.88
CA ALA C 653 -23.49 12.60 14.08
C ALA C 653 -24.96 12.26 13.79
N VAL C 654 -25.87 13.11 14.28
CA VAL C 654 -27.29 12.88 14.10
C VAL C 654 -27.70 13.14 12.64
N CYS C 655 -27.16 14.22 12.04
CA CYS C 655 -27.39 14.49 10.63
C CYS C 655 -26.86 13.36 9.73
N THR C 656 -25.78 12.69 10.15
CA THR C 656 -25.22 11.58 9.39
C THR C 656 -26.24 10.46 9.24
N SER C 657 -26.99 10.13 10.31
CA SER C 657 -27.91 9.01 10.24
C SER C 657 -29.31 9.42 9.77
N MET C 658 -29.63 10.73 9.76
CA MET C 658 -30.99 11.18 9.47
C MET C 658 -31.09 11.85 8.08
N GLY C 659 -29.97 12.35 7.54
CA GLY C 659 -29.98 13.08 6.26
C GLY C 659 -31.12 14.08 6.13
N ALA C 660 -31.98 13.90 5.12
CA ALA C 660 -33.09 14.81 4.81
C ALA C 660 -33.98 15.10 6.03
N ASP C 661 -34.11 14.12 6.93
CA ASP C 661 -34.95 14.24 8.12
C ASP C 661 -34.34 15.22 9.13
N PHE C 662 -33.07 15.60 8.98
CA PHE C 662 -32.40 16.44 9.95
C PHE C 662 -32.80 17.91 9.82
N TYR C 663 -33.46 18.30 8.72
CA TYR C 663 -33.66 19.70 8.36
C TYR C 663 -34.22 20.56 9.50
N PRO C 664 -35.25 20.14 10.26
CA PRO C 664 -35.82 21.01 11.30
C PRO C 664 -34.77 21.35 12.36
N GLN C 665 -33.87 20.42 12.68
CA GLN C 665 -32.81 20.68 13.64
C GLN C 665 -31.81 21.68 13.05
N LEU C 666 -31.39 21.48 11.79
CA LEU C 666 -30.50 22.42 11.12
C LEU C 666 -31.11 23.82 11.12
N GLY C 667 -32.43 23.87 10.89
CA GLY C 667 -33.19 25.11 10.90
C GLY C 667 -33.16 25.83 12.24
N HIS C 668 -33.19 25.07 13.36
CA HIS C 668 -33.13 25.65 14.70
C HIS C 668 -31.80 26.38 14.95
N ILE C 669 -30.68 25.85 14.43
CA ILE C 669 -29.36 26.37 14.77
C ILE C 669 -28.75 27.21 13.64
N TYR C 670 -29.30 27.13 12.41
CA TYR C 670 -28.59 27.54 11.21
C TYR C 670 -28.06 28.98 11.30
N TYR C 671 -28.91 29.96 11.63
CA TYR C 671 -28.51 31.36 11.55
C TYR C 671 -27.46 31.69 12.62
N ASN C 672 -27.64 31.22 13.86
CA ASN C 672 -26.66 31.47 14.92
C ASN C 672 -25.37 30.68 14.68
N MET C 673 -25.46 29.51 14.03
CA MET C 673 -24.29 28.74 13.66
C MET C 673 -23.42 29.54 12.68
N LEU C 674 -24.04 30.24 11.71
CA LEU C 674 -23.27 31.03 10.75
C LEU C 674 -22.74 32.31 11.39
N GLN C 675 -23.41 32.85 12.41
CA GLN C 675 -22.88 33.99 13.18
C GLN C 675 -21.66 33.55 13.99
N LEU C 676 -21.71 32.37 14.62
CA LEU C 676 -20.57 31.78 15.31
C LEU C 676 -19.38 31.57 14.35
N TYR C 677 -19.64 31.09 13.13
CA TYR C 677 -18.62 30.93 12.10
C TYR C 677 -17.88 32.25 11.87
N ARG C 678 -18.61 33.35 11.68
CA ARG C 678 -18.03 34.68 11.54
C ARG C 678 -17.25 35.11 12.78
N ALA C 679 -17.79 34.89 13.97
CA ALA C 679 -17.17 35.38 15.20
C ALA C 679 -15.84 34.65 15.43
N VAL C 680 -15.85 33.32 15.26
CA VAL C 680 -14.67 32.47 15.36
C VAL C 680 -13.61 32.87 14.33
N SER C 681 -14.03 33.14 13.07
CA SER C 681 -13.17 33.61 12.00
C SER C 681 -12.44 34.91 12.37
N SER C 682 -13.15 35.86 13.00
CA SER C 682 -12.59 37.11 13.48
C SER C 682 -11.45 36.87 14.47
N MET C 683 -11.72 36.04 15.50
CA MET C 683 -10.75 35.67 16.51
C MET C 683 -9.51 35.02 15.89
N ILE C 684 -9.68 34.08 14.96
CA ILE C 684 -8.55 33.46 14.27
C ILE C 684 -7.71 34.52 13.54
N SER C 685 -8.36 35.39 12.75
CA SER C 685 -7.72 36.51 12.05
C SER C 685 -6.92 37.38 13.00
N THR C 686 -7.53 37.74 14.13
CA THR C 686 -6.97 38.58 15.18
C THR C 686 -5.74 37.94 15.82
N GLN C 687 -5.83 36.63 16.10
CA GLN C 687 -4.78 35.88 16.75
C GLN C 687 -3.57 35.76 15.83
N VAL C 688 -3.78 35.55 14.53
CA VAL C 688 -2.68 35.43 13.56
C VAL C 688 -1.96 36.77 13.41
N ALA C 689 -2.72 37.88 13.48
CA ALA C 689 -2.15 39.22 13.43
C ALA C 689 -1.26 39.48 14.65
N ALA C 690 -1.78 39.14 15.85
CA ALA C 690 -1.13 39.41 17.12
C ALA C 690 0.06 38.48 17.38
N GLU C 691 0.03 37.23 16.88
CA GLU C 691 1.00 36.21 17.29
C GLU C 691 1.82 35.67 16.12
N GLY C 692 1.40 35.91 14.87
CA GLY C 692 2.05 35.36 13.68
C GLY C 692 1.44 34.03 13.22
N LEU C 693 1.91 33.51 12.07
CA LEU C 693 1.47 32.24 11.53
C LEU C 693 1.52 31.11 12.57
N ILE C 694 2.41 31.23 13.57
CA ILE C 694 2.54 30.24 14.64
C ILE C 694 1.20 30.04 15.37
N ALA C 695 0.38 31.09 15.45
CA ALA C 695 -0.94 31.05 16.08
C ALA C 695 -1.75 29.85 15.58
N THR C 696 -1.64 29.52 14.28
CA THR C 696 -2.41 28.45 13.69
C THR C 696 -1.99 27.08 14.26
N LYS C 697 -0.85 27.00 14.99
CA LYS C 697 -0.43 25.76 15.64
C LYS C 697 -0.94 25.66 17.08
N THR C 698 -1.36 26.79 17.69
CA THR C 698 -1.72 26.84 19.10
C THR C 698 -3.00 26.05 19.38
N PRO C 699 -3.16 25.45 20.57
CA PRO C 699 -4.39 24.71 20.90
C PRO C 699 -5.67 25.56 20.78
N LYS C 700 -5.59 26.85 21.12
CA LYS C 700 -6.74 27.75 21.09
C LYS C 700 -7.23 27.98 19.66
N VAL C 701 -6.32 28.31 18.73
CA VAL C 701 -6.70 28.56 17.34
C VAL C 701 -7.13 27.26 16.66
N ARG C 702 -6.48 26.14 16.96
CA ARG C 702 -6.88 24.84 16.42
C ARG C 702 -8.29 24.47 16.91
N GLY C 703 -8.58 24.72 18.19
CA GLY C 703 -9.93 24.65 18.75
C GLY C 703 -10.95 25.47 17.95
N LEU C 704 -10.59 26.72 17.60
CA LEU C 704 -11.47 27.61 16.87
C LEU C 704 -11.69 27.10 15.45
N ARG C 705 -10.62 26.62 14.80
CA ARG C 705 -10.70 26.12 13.44
C ARG C 705 -11.54 24.84 13.41
N THR C 706 -11.44 24.02 14.47
CA THR C 706 -12.26 22.82 14.59
C THR C 706 -13.73 23.21 14.52
N ILE C 707 -14.12 24.31 15.19
CA ILE C 707 -15.49 24.78 15.12
C ILE C 707 -15.89 25.06 13.68
N LYS C 708 -15.06 25.84 12.94
CA LYS C 708 -15.34 26.16 11.54
C LYS C 708 -15.49 24.91 10.68
N LYS C 709 -14.56 23.94 10.83
CA LYS C 709 -14.54 22.72 10.04
C LYS C 709 -15.77 21.86 10.33
N GLU C 710 -16.19 21.76 11.60
CA GLU C 710 -17.38 20.99 11.95
C GLU C 710 -18.65 21.66 11.42
N ILE C 711 -18.70 23.00 11.41
CA ILE C 711 -19.83 23.71 10.83
C ILE C 711 -19.95 23.37 9.34
N LEU C 712 -18.84 23.46 8.59
CA LEU C 712 -18.79 23.13 7.17
C LEU C 712 -19.17 21.66 6.95
N LYS C 713 -18.71 20.76 7.85
CA LYS C 713 -19.03 19.36 7.76
C LYS C 713 -20.53 19.15 7.97
N LEU C 714 -21.13 19.85 8.93
CA LEU C 714 -22.56 19.71 9.16
C LEU C 714 -23.37 20.11 7.91
N VAL C 715 -23.08 21.29 7.33
CA VAL C 715 -23.78 21.81 6.16
C VAL C 715 -23.57 20.89 4.96
N GLU C 716 -22.34 20.39 4.76
CA GLU C 716 -21.99 19.48 3.69
C GLU C 716 -22.80 18.19 3.86
N THR C 717 -22.84 17.64 5.09
CA THR C 717 -23.56 16.41 5.38
C THR C 717 -25.04 16.56 5.01
N TYR C 718 -25.67 17.66 5.44
CA TYR C 718 -27.09 17.85 5.19
C TYR C 718 -27.34 17.98 3.69
N ILE C 719 -26.59 18.88 3.02
CA ILE C 719 -26.87 19.22 1.64
C ILE C 719 -26.69 17.98 0.75
N SER C 720 -25.69 17.13 1.08
CA SER C 720 -25.40 15.93 0.32
C SER C 720 -26.55 14.91 0.36
N LYS C 721 -27.45 14.99 1.36
CA LYS C 721 -28.56 14.04 1.50
C LYS C 721 -29.91 14.72 1.40
N ALA C 722 -29.94 16.02 1.09
CA ALA C 722 -31.19 16.79 1.16
C ALA C 722 -32.12 16.32 0.04
N ARG C 723 -33.44 16.34 0.33
CA ARG C 723 -34.48 16.00 -0.63
C ARG C 723 -35.13 17.27 -1.15
N ASN C 724 -35.29 18.29 -0.30
CA ASN C 724 -35.93 19.53 -0.70
C ASN C 724 -34.85 20.55 -1.09
N LEU C 725 -34.52 20.58 -2.39
CA LEU C 725 -33.46 21.40 -2.94
C LEU C 725 -33.90 22.86 -3.01
N ASP C 726 -35.21 23.10 -3.11
CA ASP C 726 -35.75 24.45 -3.16
C ASP C 726 -35.44 25.18 -1.85
N ASP C 727 -35.58 24.48 -0.71
CA ASP C 727 -35.22 25.03 0.59
C ASP C 727 -33.71 25.21 0.70
N VAL C 728 -32.93 24.27 0.15
CA VAL C 728 -31.48 24.39 0.17
C VAL C 728 -31.11 25.72 -0.48
N VAL C 729 -31.70 26.02 -1.67
CA VAL C 729 -31.39 27.22 -2.44
C VAL C 729 -31.98 28.47 -1.78
N LYS C 730 -33.24 28.39 -1.32
CA LYS C 730 -33.98 29.54 -0.81
C LYS C 730 -33.49 29.98 0.58
N VAL C 731 -33.06 29.01 1.42
CA VAL C 731 -32.84 29.22 2.84
C VAL C 731 -31.37 29.06 3.20
N LEU C 732 -30.69 28.04 2.67
CA LEU C 732 -29.36 27.67 3.15
C LEU C 732 -28.23 28.39 2.39
N VAL C 733 -28.29 28.41 1.04
CA VAL C 733 -27.12 28.70 0.22
C VAL C 733 -26.65 30.13 0.45
N GLU C 734 -27.55 31.11 0.49
CA GLU C 734 -27.12 32.50 0.43
C GLU C 734 -26.41 32.89 1.72
N PRO C 735 -26.99 32.60 2.90
CA PRO C 735 -26.28 32.82 4.15
C PRO C 735 -24.94 32.06 4.20
N LEU C 736 -24.86 30.86 3.62
CA LEU C 736 -23.64 30.06 3.66
C LEU C 736 -22.54 30.77 2.89
N LEU C 737 -22.84 31.20 1.65
CA LEU C 737 -21.86 31.84 0.77
C LEU C 737 -21.39 33.14 1.40
N ASN C 738 -22.31 33.90 2.03
CA ASN C 738 -21.95 35.17 2.64
C ASN C 738 -21.04 34.95 3.85
N ALA C 739 -21.30 33.88 4.62
CA ALA C 739 -20.52 33.55 5.79
C ALA C 739 -19.12 33.01 5.46
N VAL C 740 -18.92 32.29 4.34
CA VAL C 740 -17.70 31.51 4.20
C VAL C 740 -16.78 31.99 3.06
N LEU C 741 -17.31 32.68 2.02
CA LEU C 741 -16.53 32.88 0.79
C LEU C 741 -15.53 34.02 0.97
N GLU C 742 -16.00 35.17 1.46
CA GLU C 742 -15.12 36.32 1.66
C GLU C 742 -14.10 35.99 2.75
N ASP C 743 -14.54 35.31 3.82
CA ASP C 743 -13.62 34.88 4.88
C ASP C 743 -12.47 34.02 4.31
N TYR C 744 -12.76 33.10 3.39
CA TYR C 744 -11.75 32.26 2.76
C TYR C 744 -10.78 33.12 1.95
N MET C 745 -11.33 34.00 1.08
CA MET C 745 -10.57 34.86 0.19
C MET C 745 -9.64 35.79 0.97
N ASN C 746 -10.09 36.33 2.11
CA ASN C 746 -9.45 37.44 2.78
C ASN C 746 -8.58 36.99 3.95
N ASN C 747 -8.48 35.68 4.19
CA ASN C 747 -7.50 35.12 5.12
C ASN C 747 -6.18 34.86 4.36
N VAL C 748 -5.06 34.88 5.08
CA VAL C 748 -3.76 34.50 4.54
C VAL C 748 -3.79 33.01 4.20
N PRO C 749 -3.00 32.54 3.21
CA PRO C 749 -3.05 31.13 2.80
C PRO C 749 -3.12 30.12 3.95
N ASP C 750 -2.33 30.32 5.01
CA ASP C 750 -2.15 29.37 6.10
C ASP C 750 -3.39 29.28 7.00
N ALA C 751 -4.32 30.23 6.88
CA ALA C 751 -5.52 30.27 7.70
C ALA C 751 -6.77 29.87 6.91
N ARG C 752 -6.64 29.64 5.59
CA ARG C 752 -7.73 29.17 4.75
C ARG C 752 -7.99 27.68 4.97
N ASP C 753 -9.26 27.32 5.19
CA ASP C 753 -9.68 25.94 5.39
C ASP C 753 -10.04 25.30 4.05
N ALA C 754 -9.31 24.23 3.69
CA ALA C 754 -9.60 23.42 2.52
C ALA C 754 -11.03 22.85 2.58
N GLU C 755 -11.59 22.63 3.78
CA GLU C 755 -12.97 22.19 3.96
C GLU C 755 -13.98 23.13 3.27
N VAL C 756 -13.65 24.41 3.12
CA VAL C 756 -14.51 25.36 2.43
C VAL C 756 -14.71 24.87 0.99
N LEU C 757 -13.62 24.49 0.32
CA LEU C 757 -13.66 24.01 -1.05
C LEU C 757 -14.52 22.75 -1.13
N ASN C 758 -14.38 21.85 -0.15
CA ASN C 758 -15.11 20.59 -0.09
C ASN C 758 -16.61 20.84 0.06
N CYS C 759 -16.98 21.78 0.95
CA CYS C 759 -18.36 22.17 1.17
C CYS C 759 -18.97 22.73 -0.11
N MET C 760 -18.24 23.64 -0.78
CA MET C 760 -18.68 24.26 -2.03
C MET C 760 -18.85 23.23 -3.14
N THR C 761 -18.00 22.19 -3.16
CA THR C 761 -18.12 21.12 -4.14
C THR C 761 -19.48 20.42 -4.00
N THR C 762 -19.88 20.13 -2.75
CA THR C 762 -21.16 19.47 -2.47
C THR C 762 -22.29 20.39 -2.89
N VAL C 763 -22.16 21.69 -2.58
CA VAL C 763 -23.19 22.66 -2.93
C VAL C 763 -23.39 22.66 -4.45
N VAL C 764 -22.29 22.76 -5.23
CA VAL C 764 -22.39 22.81 -6.68
C VAL C 764 -22.95 21.49 -7.22
N GLU C 765 -22.45 20.36 -6.69
CA GLU C 765 -22.94 19.03 -7.03
C GLU C 765 -24.47 18.94 -6.92
N LYS C 766 -25.04 19.38 -5.79
CA LYS C 766 -26.44 19.13 -5.49
C LYS C 766 -27.34 20.17 -6.12
N VAL C 767 -26.98 21.46 -6.08
CA VAL C 767 -27.91 22.50 -6.52
C VAL C 767 -27.25 23.50 -7.49
N GLY C 768 -26.11 23.13 -8.08
CA GLY C 768 -25.35 24.02 -8.96
C GLY C 768 -26.16 24.61 -10.12
N HIS C 769 -27.00 23.77 -10.75
CA HIS C 769 -27.91 24.14 -11.83
C HIS C 769 -28.90 25.24 -11.40
N MET C 770 -29.23 25.34 -10.10
CA MET C 770 -30.23 26.28 -9.60
C MET C 770 -29.63 27.60 -9.07
N ILE C 771 -28.29 27.71 -8.98
CA ILE C 771 -27.63 28.90 -8.43
C ILE C 771 -26.49 29.35 -9.36
N PRO C 772 -26.78 29.70 -10.64
CA PRO C 772 -25.72 30.14 -11.55
C PRO C 772 -24.92 31.34 -11.04
N GLN C 773 -25.59 32.32 -10.39
CA GLN C 773 -24.90 33.48 -9.82
C GLN C 773 -24.07 33.06 -8.60
N GLY C 774 -24.57 32.13 -7.78
CA GLY C 774 -23.81 31.57 -6.67
C GLY C 774 -22.50 30.89 -7.11
N VAL C 775 -22.53 30.13 -8.21
CA VAL C 775 -21.35 29.44 -8.72
C VAL C 775 -20.30 30.46 -9.14
N ILE C 776 -20.73 31.51 -9.86
CA ILE C 776 -19.85 32.60 -10.26
C ILE C 776 -19.15 33.19 -9.03
N LEU C 777 -19.92 33.44 -7.95
CA LEU C 777 -19.40 33.99 -6.70
C LEU C 777 -18.39 33.04 -6.05
N ILE C 778 -18.67 31.73 -6.08
CA ILE C 778 -17.73 30.71 -5.60
C ILE C 778 -16.42 30.84 -6.37
N LEU C 779 -16.46 30.83 -7.71
CA LEU C 779 -15.25 30.94 -8.52
C LEU C 779 -14.48 32.23 -8.22
N GLN C 780 -15.18 33.37 -8.17
CA GLN C 780 -14.56 34.66 -7.91
C GLN C 780 -13.87 34.65 -6.55
N SER C 781 -14.42 33.93 -5.56
CA SER C 781 -13.90 33.96 -4.21
C SER C 781 -12.70 33.04 -4.02
N VAL C 782 -12.66 31.87 -4.69
CA VAL C 782 -11.70 30.83 -4.35
C VAL C 782 -10.70 30.54 -5.47
N PHE C 783 -10.98 30.93 -6.72
CA PHE C 783 -10.23 30.41 -7.88
C PHE C 783 -8.79 30.92 -7.89
N GLU C 784 -8.59 32.23 -8.04
CA GLU C 784 -7.26 32.79 -8.21
C GLU C 784 -6.42 32.65 -6.94
N CYS C 785 -7.03 32.80 -5.76
CA CYS C 785 -6.25 32.78 -4.53
C CYS C 785 -5.84 31.35 -4.18
N THR C 786 -6.66 30.34 -4.52
CA THR C 786 -6.26 28.96 -4.30
C THR C 786 -5.19 28.53 -5.34
N LEU C 787 -5.37 28.88 -6.61
CA LEU C 787 -4.40 28.58 -7.66
C LEU C 787 -3.01 29.13 -7.27
N ASP C 788 -2.97 30.35 -6.73
CA ASP C 788 -1.73 30.98 -6.31
C ASP C 788 -1.07 30.24 -5.14
N MET C 789 -1.84 29.54 -4.29
CA MET C 789 -1.27 28.73 -3.22
C MET C 789 -0.60 27.45 -3.76
N ILE C 790 -1.07 26.89 -4.89
CA ILE C 790 -0.73 25.54 -5.32
C ILE C 790 0.09 25.51 -6.62
N ASN C 791 0.42 26.68 -7.21
CA ASN C 791 1.08 26.75 -8.50
C ASN C 791 2.58 27.09 -8.40
N LYS C 792 3.18 27.00 -7.21
CA LYS C 792 4.61 27.25 -7.04
C LYS C 792 5.41 25.95 -6.97
N ASP C 793 4.77 24.83 -6.61
CA ASP C 793 5.40 23.53 -6.50
C ASP C 793 4.27 22.50 -6.45
N PHE C 794 4.60 21.22 -6.25
CA PHE C 794 3.61 20.15 -6.27
C PHE C 794 3.24 19.67 -4.86
N THR C 795 3.87 20.25 -3.81
CA THR C 795 3.81 19.74 -2.44
C THR C 795 2.99 20.64 -1.50
N GLU C 796 3.10 21.96 -1.62
CA GLU C 796 2.46 22.85 -0.66
C GLU C 796 0.93 22.69 -0.71
N TYR C 797 0.30 22.74 0.47
CA TYR C 797 -1.15 22.81 0.63
C TYR C 797 -1.83 21.63 -0.05
N PRO C 798 -1.47 20.37 0.35
CA PRO C 798 -1.96 19.19 -0.36
C PRO C 798 -3.49 19.03 -0.32
N GLU C 799 -4.16 19.42 0.78
CA GLU C 799 -5.61 19.29 0.83
C GLU C 799 -6.29 20.30 -0.11
N HIS C 800 -5.79 21.54 -0.16
CA HIS C 800 -6.34 22.59 -1.03
C HIS C 800 -6.25 22.15 -2.50
N ARG C 801 -5.08 21.60 -2.83
CA ARG C 801 -4.74 21.02 -4.13
C ARG C 801 -5.82 20.04 -4.58
N VAL C 802 -6.10 19.05 -3.74
CA VAL C 802 -7.09 18.02 -4.05
C VAL C 802 -8.48 18.64 -4.16
N GLU C 803 -8.89 19.43 -3.15
CA GLU C 803 -10.24 19.96 -3.12
C GLU C 803 -10.44 20.95 -4.27
N PHE C 804 -9.38 21.66 -4.68
CA PHE C 804 -9.48 22.69 -5.71
C PHE C 804 -9.93 22.07 -7.03
N TYR C 805 -9.30 20.95 -7.43
CA TYR C 805 -9.60 20.34 -8.73
C TYR C 805 -10.91 19.57 -8.69
N LYS C 806 -11.33 19.09 -7.50
CA LYS C 806 -12.66 18.51 -7.31
C LYS C 806 -13.72 19.56 -7.55
N LEU C 807 -13.50 20.78 -7.02
CA LEU C 807 -14.42 21.90 -7.19
C LEU C 807 -14.51 22.33 -8.65
N LEU C 808 -13.37 22.54 -9.32
CA LEU C 808 -13.37 22.92 -10.74
C LEU C 808 -14.05 21.85 -11.59
N LYS C 809 -13.85 20.57 -11.26
CA LYS C 809 -14.46 19.46 -11.99
C LYS C 809 -15.98 19.57 -11.94
N VAL C 810 -16.54 19.73 -10.74
CA VAL C 810 -17.99 19.77 -10.61
C VAL C 810 -18.53 21.05 -11.25
N ILE C 811 -17.83 22.18 -11.13
CA ILE C 811 -18.32 23.40 -11.76
C ILE C 811 -18.35 23.20 -13.28
N ASN C 812 -17.33 22.54 -13.83
CA ASN C 812 -17.21 22.31 -15.26
C ASN C 812 -18.32 21.36 -15.73
N GLU C 813 -18.77 20.45 -14.84
CA GLU C 813 -19.86 19.52 -15.13
C GLU C 813 -21.25 20.15 -15.05
N LYS C 814 -21.51 20.98 -14.01
CA LYS C 814 -22.85 21.43 -13.64
C LYS C 814 -23.16 22.87 -14.06
N SER C 815 -22.15 23.73 -14.05
CA SER C 815 -22.37 25.14 -14.33
C SER C 815 -21.25 25.72 -15.18
N PHE C 816 -21.02 25.11 -16.35
CA PHE C 816 -20.00 25.52 -17.31
C PHE C 816 -20.12 27.00 -17.65
N ALA C 817 -21.36 27.53 -17.58
CA ALA C 817 -21.66 28.92 -17.87
C ALA C 817 -20.79 29.85 -17.02
N ALA C 818 -20.40 29.44 -15.81
CA ALA C 818 -19.56 30.24 -14.92
C ALA C 818 -18.18 30.47 -15.52
N PHE C 819 -17.68 29.51 -16.33
CA PHE C 819 -16.41 29.63 -17.03
C PHE C 819 -16.54 30.54 -18.27
N LEU C 820 -17.71 30.54 -18.95
CA LEU C 820 -18.02 31.50 -20.02
C LEU C 820 -17.98 32.94 -19.53
N GLU C 821 -18.32 33.19 -18.26
CA GLU C 821 -18.40 34.53 -17.69
C GLU C 821 -17.03 35.06 -17.28
N LEU C 822 -15.99 34.20 -17.23
CA LEU C 822 -14.66 34.64 -16.85
C LEU C 822 -14.11 35.60 -17.90
N PRO C 823 -13.37 36.67 -17.50
CA PRO C 823 -12.62 37.48 -18.46
C PRO C 823 -11.56 36.63 -19.16
N PRO C 824 -11.20 36.90 -20.43
CA PRO C 824 -10.18 36.12 -21.13
C PRO C 824 -8.96 35.71 -20.28
N ALA C 825 -8.39 36.65 -19.51
CA ALA C 825 -7.19 36.41 -18.72
C ALA C 825 -7.42 35.34 -17.66
N ALA C 826 -8.60 35.35 -17.05
CA ALA C 826 -8.98 34.40 -16.02
C ALA C 826 -9.27 33.03 -16.64
N PHE C 827 -9.86 33.01 -17.85
CA PHE C 827 -10.12 31.78 -18.57
C PHE C 827 -8.80 31.11 -18.94
N LYS C 828 -7.81 31.93 -19.29
CA LYS C 828 -6.44 31.48 -19.55
C LYS C 828 -5.85 30.84 -18.30
N LEU C 829 -6.05 31.44 -17.12
CA LEU C 829 -5.59 30.85 -15.88
C LEU C 829 -6.26 29.49 -15.63
N PHE C 830 -7.52 29.34 -16.07
CA PHE C 830 -8.24 28.09 -15.95
C PHE C 830 -7.57 27.00 -16.79
N VAL C 831 -7.20 27.32 -18.04
CA VAL C 831 -6.53 26.36 -18.89
C VAL C 831 -5.18 25.99 -18.28
N ASP C 832 -4.44 26.99 -17.80
CA ASP C 832 -3.17 26.81 -17.08
C ASP C 832 -3.33 25.86 -15.91
N ALA C 833 -4.41 26.04 -15.13
CA ALA C 833 -4.69 25.22 -13.96
C ALA C 833 -4.92 23.76 -14.37
N ILE C 834 -5.62 23.53 -15.48
CA ILE C 834 -5.93 22.18 -15.94
C ILE C 834 -4.63 21.46 -16.31
N CYS C 835 -3.76 22.12 -17.10
CA CYS C 835 -2.49 21.54 -17.53
C CYS C 835 -1.55 21.29 -16.35
N TRP C 836 -1.55 22.20 -15.38
CA TRP C 836 -0.83 22.06 -14.12
C TRP C 836 -1.20 20.76 -13.38
N ALA C 837 -2.50 20.46 -13.30
CA ALA C 837 -3.00 19.22 -12.73
C ALA C 837 -2.46 17.98 -13.47
N PHE C 838 -2.37 18.04 -14.82
CA PHE C 838 -1.78 16.97 -15.64
C PHE C 838 -0.38 16.60 -15.18
N LYS C 839 0.41 17.60 -14.75
CA LYS C 839 1.81 17.43 -14.42
C LYS C 839 2.04 16.88 -13.01
N HIS C 840 0.96 16.73 -12.20
CA HIS C 840 1.04 16.20 -10.86
C HIS C 840 1.32 14.70 -10.89
N ASN C 841 2.12 14.24 -9.91
CA ASN C 841 2.37 12.84 -9.61
C ASN C 841 1.24 12.31 -8.70
N ASN C 842 0.76 13.16 -7.78
CA ASN C 842 -0.41 12.90 -6.94
C ASN C 842 -1.58 12.49 -7.84
N ARG C 843 -2.12 11.28 -7.60
CA ARG C 843 -3.07 10.69 -8.53
C ARG C 843 -4.46 11.33 -8.40
N ASP C 844 -4.84 11.86 -7.24
CA ASP C 844 -6.14 12.50 -7.10
C ASP C 844 -6.22 13.67 -8.09
N VAL C 845 -5.19 14.53 -8.07
CA VAL C 845 -5.16 15.75 -8.88
C VAL C 845 -5.08 15.42 -10.37
N GLU C 846 -4.14 14.54 -10.74
CA GLU C 846 -3.81 14.23 -12.14
C GLU C 846 -5.07 13.75 -12.87
N VAL C 847 -5.83 12.85 -12.23
CA VAL C 847 -7.00 12.21 -12.78
C VAL C 847 -8.12 13.25 -12.94
N ASN C 848 -8.32 14.10 -11.93
CA ASN C 848 -9.29 15.20 -12.03
C ASN C 848 -8.89 16.17 -13.13
N GLY C 849 -7.59 16.49 -13.22
CA GLY C 849 -7.05 17.35 -14.27
C GLY C 849 -7.43 16.85 -15.67
N LEU C 850 -7.18 15.56 -15.93
CA LEU C 850 -7.46 14.97 -17.22
C LEU C 850 -8.96 14.93 -17.52
N GLN C 851 -9.78 14.64 -16.50
CA GLN C 851 -11.23 14.59 -16.63
C GLN C 851 -11.78 16.00 -16.93
N ILE C 852 -11.27 17.02 -16.23
CA ILE C 852 -11.69 18.40 -16.51
C ILE C 852 -11.42 18.74 -17.98
N ALA C 853 -10.22 18.42 -18.48
CA ALA C 853 -9.83 18.67 -19.87
C ALA C 853 -10.82 18.02 -20.86
N LEU C 854 -11.13 16.74 -20.60
CA LEU C 854 -12.07 15.93 -21.39
C LEU C 854 -13.43 16.62 -21.44
N ASP C 855 -13.98 16.89 -20.25
CA ASP C 855 -15.27 17.53 -20.04
C ASP C 855 -15.31 18.91 -20.69
N LEU C 856 -14.21 19.67 -20.59
CA LEU C 856 -14.12 20.99 -21.17
C LEU C 856 -14.21 20.91 -22.69
N VAL C 857 -13.50 19.97 -23.31
CA VAL C 857 -13.56 19.76 -24.75
C VAL C 857 -15.00 19.44 -25.15
N LYS C 858 -15.64 18.55 -24.36
CA LYS C 858 -17.04 18.18 -24.55
C LYS C 858 -17.92 19.43 -24.44
N ASN C 859 -17.72 20.28 -23.42
CA ASN C 859 -18.52 21.49 -23.22
C ASN C 859 -18.36 22.46 -24.38
N ILE C 860 -17.15 22.59 -24.95
CA ILE C 860 -16.91 23.47 -26.09
C ILE C 860 -17.57 22.90 -27.34
N GLU C 861 -17.43 21.59 -27.56
CA GLU C 861 -18.06 20.90 -28.68
C GLU C 861 -19.57 21.19 -28.70
N ARG C 862 -20.22 21.09 -27.52
CA ARG C 862 -21.67 21.28 -27.35
C ARG C 862 -22.15 22.62 -27.90
N MET C 863 -21.32 23.69 -27.78
CA MET C 863 -21.71 25.04 -28.16
C MET C 863 -21.91 25.18 -29.66
N GLY C 864 -21.40 24.21 -30.43
CA GLY C 864 -21.50 24.23 -31.89
C GLY C 864 -20.59 25.30 -32.48
N ASN C 865 -20.94 25.79 -33.68
CA ASN C 865 -20.12 26.72 -34.43
C ASN C 865 -20.48 28.16 -34.06
N VAL C 866 -19.88 28.67 -32.96
CA VAL C 866 -20.05 30.05 -32.51
C VAL C 866 -18.67 30.62 -32.15
N PRO C 867 -18.51 31.97 -32.10
CA PRO C 867 -17.23 32.58 -31.79
C PRO C 867 -16.45 32.03 -30.59
N PHE C 868 -17.12 31.75 -29.47
CA PHE C 868 -16.40 31.37 -28.26
C PHE C 868 -15.66 30.04 -28.47
N ALA C 869 -16.33 29.07 -29.09
CA ALA C 869 -15.81 27.75 -29.46
C ALA C 869 -14.66 27.84 -30.46
N ASN C 870 -14.80 28.69 -31.49
CA ASN C 870 -13.77 28.89 -32.50
C ASN C 870 -12.53 29.57 -31.88
N GLU C 871 -12.74 30.56 -31.00
CA GLU C 871 -11.67 31.25 -30.28
C GLU C 871 -10.97 30.30 -29.30
N PHE C 872 -11.74 29.40 -28.66
CA PHE C 872 -11.19 28.42 -27.75
C PHE C 872 -10.18 27.52 -28.48
N HIS C 873 -10.58 26.99 -29.64
CA HIS C 873 -9.73 26.13 -30.46
C HIS C 873 -8.47 26.85 -30.95
N LYS C 874 -8.63 28.05 -31.52
CA LYS C 874 -7.52 28.87 -31.99
C LYS C 874 -6.51 29.14 -30.88
N ASN C 875 -6.99 29.30 -29.63
CA ASN C 875 -6.18 29.72 -28.50
C ASN C 875 -5.60 28.54 -27.71
N TYR C 876 -6.28 27.38 -27.72
CA TYR C 876 -5.99 26.36 -26.72
C TYR C 876 -5.85 24.95 -27.27
N PHE C 877 -6.24 24.68 -28.52
CA PHE C 877 -6.23 23.31 -29.06
C PHE C 877 -4.82 22.73 -28.99
N PHE C 878 -3.84 23.53 -29.45
CA PHE C 878 -2.45 23.10 -29.52
C PHE C 878 -1.81 23.05 -28.13
N ILE C 879 -2.21 23.96 -27.22
CA ILE C 879 -1.77 23.85 -25.84
C ILE C 879 -2.19 22.51 -25.24
N PHE C 880 -3.44 22.05 -25.46
CA PHE C 880 -3.89 20.77 -24.89
C PHE C 880 -3.21 19.57 -25.56
N VAL C 881 -3.00 19.63 -26.88
CA VAL C 881 -2.37 18.54 -27.60
C VAL C 881 -0.91 18.35 -27.13
N SER C 882 -0.16 19.45 -26.98
CA SER C 882 1.26 19.40 -26.62
C SER C 882 1.45 19.08 -25.14
N GLU C 883 0.61 19.66 -24.27
CA GLU C 883 0.66 19.37 -22.85
C GLU C 883 0.34 17.89 -22.61
N THR C 884 -0.63 17.33 -23.35
CA THR C 884 -0.97 15.91 -23.23
C THR C 884 0.18 15.02 -23.73
N PHE C 885 0.81 15.38 -24.85
CA PHE C 885 1.98 14.65 -25.32
C PHE C 885 3.13 14.70 -24.32
N PHE C 886 3.36 15.86 -23.66
CA PHE C 886 4.42 16.00 -22.68
C PHE C 886 4.32 14.92 -21.59
N VAL C 887 3.14 14.78 -20.97
CA VAL C 887 2.94 13.88 -19.83
C VAL C 887 2.88 12.42 -20.31
N LEU C 888 2.48 12.19 -21.57
CA LEU C 888 2.51 10.85 -22.17
C LEU C 888 3.95 10.34 -22.32
N THR C 889 4.89 11.20 -22.73
CA THR C 889 6.20 10.80 -23.22
C THR C 889 7.34 11.05 -22.21
N ASP C 890 7.07 11.65 -21.03
CA ASP C 890 8.19 12.08 -20.19
C ASP C 890 8.52 11.02 -19.13
N SER C 891 7.74 9.94 -19.06
CA SER C 891 8.00 8.79 -18.20
C SER C 891 7.73 9.05 -16.70
N ASP C 892 7.25 10.26 -16.35
CA ASP C 892 7.04 10.63 -14.96
C ASP C 892 5.55 10.63 -14.60
N HIS C 893 4.66 10.13 -15.50
CA HIS C 893 3.22 10.26 -15.36
C HIS C 893 2.48 9.03 -15.90
N LYS C 894 2.99 7.82 -15.59
CA LYS C 894 2.52 6.59 -16.20
C LYS C 894 1.13 6.20 -15.69
N SER C 895 0.76 6.60 -14.47
CA SER C 895 -0.50 6.21 -13.88
C SER C 895 -1.68 6.84 -14.63
N GLY C 896 -1.43 8.00 -15.28
CA GLY C 896 -2.43 8.69 -16.08
C GLY C 896 -2.52 8.27 -17.55
N PHE C 897 -1.81 7.20 -17.95
CA PHE C 897 -1.65 6.86 -19.36
C PHE C 897 -3.02 6.75 -20.06
N SER C 898 -3.95 6.01 -19.46
CA SER C 898 -5.28 5.73 -20.02
C SER C 898 -6.07 7.00 -20.33
N LYS C 899 -6.08 7.94 -19.39
CA LYS C 899 -6.87 9.15 -19.55
C LYS C 899 -6.14 10.14 -20.45
N GLN C 900 -4.80 10.14 -20.42
CA GLN C 900 -4.03 10.93 -21.38
C GLN C 900 -4.36 10.48 -22.80
N ALA C 901 -4.42 9.15 -23.01
CA ALA C 901 -4.69 8.58 -24.33
C ALA C 901 -6.09 8.96 -24.83
N LEU C 902 -7.08 8.84 -23.93
CA LEU C 902 -8.46 9.19 -24.20
C LEU C 902 -8.55 10.65 -24.63
N LEU C 903 -7.87 11.54 -23.88
CA LEU C 903 -7.85 12.96 -24.20
C LEU C 903 -7.21 13.20 -25.56
N LEU C 904 -6.04 12.59 -25.83
CA LEU C 904 -5.36 12.81 -27.10
C LEU C 904 -6.23 12.29 -28.25
N MET C 905 -6.89 11.15 -28.05
CA MET C 905 -7.77 10.59 -29.05
C MET C 905 -8.93 11.56 -29.37
N LYS C 906 -9.52 12.18 -28.35
CA LYS C 906 -10.59 13.15 -28.56
C LYS C 906 -10.10 14.31 -29.42
N LEU C 907 -8.93 14.86 -29.06
CA LEU C 907 -8.37 16.03 -29.72
C LEU C 907 -8.05 15.76 -31.20
N ILE C 908 -7.45 14.60 -31.50
CA ILE C 908 -7.11 14.20 -32.86
C ILE C 908 -8.38 13.92 -33.67
N SER C 909 -9.38 13.25 -33.09
CA SER C 909 -10.63 12.92 -33.77
C SER C 909 -11.42 14.18 -34.17
N LEU C 910 -11.35 15.26 -33.35
CA LEU C 910 -11.97 16.54 -33.67
C LEU C 910 -11.51 17.08 -35.02
N VAL C 911 -10.20 16.97 -35.29
CA VAL C 911 -9.61 17.47 -36.54
C VAL C 911 -9.83 16.45 -37.66
N TYR C 912 -9.70 15.14 -37.38
CA TYR C 912 -9.87 14.12 -38.41
C TYR C 912 -11.32 14.13 -38.96
N ASP C 913 -12.30 14.52 -38.13
CA ASP C 913 -13.72 14.55 -38.51
C ASP C 913 -14.13 15.91 -39.07
N ASN C 914 -13.20 16.88 -39.08
CA ASN C 914 -13.44 18.22 -39.57
C ASN C 914 -14.45 18.94 -38.68
N LYS C 915 -14.43 18.62 -37.37
CA LYS C 915 -15.42 19.14 -36.44
C LYS C 915 -14.98 20.50 -35.87
N ILE C 916 -13.87 21.07 -36.38
CA ILE C 916 -13.42 22.40 -36.00
C ILE C 916 -13.54 23.31 -37.21
N SER C 917 -14.28 24.42 -37.04
CA SER C 917 -14.87 25.17 -38.13
C SER C 917 -13.86 26.14 -38.77
N VAL C 918 -12.87 26.61 -37.99
CA VAL C 918 -11.92 27.62 -38.42
C VAL C 918 -10.53 27.01 -38.65
N PRO C 919 -9.66 27.65 -39.45
CA PRO C 919 -8.25 27.26 -39.50
C PRO C 919 -7.59 27.41 -38.13
N LEU C 920 -6.78 26.42 -37.74
CA LEU C 920 -6.03 26.45 -36.49
C LEU C 920 -4.70 27.20 -36.65
N TYR C 921 -4.23 27.32 -37.90
CA TYR C 921 -3.01 28.05 -38.23
C TYR C 921 -3.35 29.52 -38.50
N GLN C 922 -2.44 30.46 -38.13
CA GLN C 922 -2.60 31.89 -38.39
C GLN C 922 -2.11 32.22 -39.80
N GLU C 923 -2.62 33.31 -40.40
CA GLU C 923 -2.42 33.59 -41.82
C GLU C 923 -0.93 33.76 -42.14
N ALA C 924 -0.55 33.32 -43.35
CA ALA C 924 0.78 33.40 -43.94
C ALA C 924 1.74 32.39 -43.29
N GLU C 925 1.20 31.26 -42.84
CA GLU C 925 1.96 30.20 -42.20
C GLU C 925 1.89 28.91 -43.01
N VAL C 926 0.96 28.87 -43.98
CA VAL C 926 0.63 27.67 -44.76
C VAL C 926 -0.33 28.12 -45.87
N PRO C 927 -0.32 27.50 -47.07
CA PRO C 927 -1.29 27.85 -48.13
C PRO C 927 -2.70 27.97 -47.55
N GLN C 928 -3.44 29.02 -47.94
CA GLN C 928 -4.60 29.51 -47.18
C GLN C 928 -5.77 28.52 -47.25
N GLY C 929 -5.86 27.68 -48.29
CA GLY C 929 -6.89 26.65 -48.37
C GLY C 929 -6.70 25.45 -47.42
N THR C 930 -5.52 25.31 -46.79
CA THR C 930 -5.04 24.06 -46.18
C THR C 930 -5.96 23.53 -45.07
N SER C 931 -6.24 22.22 -45.11
CA SER C 931 -7.07 21.54 -44.11
C SER C 931 -6.35 21.50 -42.75
N ASN C 932 -7.13 21.55 -41.66
CA ASN C 932 -6.61 21.41 -40.32
C ASN C 932 -5.92 20.07 -40.12
N GLN C 933 -6.33 19.01 -40.85
CA GLN C 933 -5.71 17.69 -40.77
C GLN C 933 -4.25 17.74 -41.22
N VAL C 934 -4.00 18.44 -42.35
CA VAL C 934 -2.68 18.60 -42.93
C VAL C 934 -1.79 19.39 -41.98
N TYR C 935 -2.35 20.45 -41.36
CA TYR C 935 -1.60 21.31 -40.46
C TYR C 935 -1.30 20.59 -39.13
N LEU C 936 -2.26 19.82 -38.59
CA LEU C 936 -2.06 19.08 -37.35
C LEU C 936 -0.92 18.08 -37.53
N SER C 937 -0.92 17.34 -38.66
CA SER C 937 0.15 16.47 -39.10
C SER C 937 1.51 17.15 -39.06
N GLN C 938 1.58 18.32 -39.70
CA GLN C 938 2.79 19.14 -39.82
C GLN C 938 3.27 19.60 -38.44
N TYR C 939 2.35 20.11 -37.61
CA TYR C 939 2.67 20.63 -36.28
C TYR C 939 3.18 19.50 -35.37
N LEU C 940 2.55 18.32 -35.40
CA LEU C 940 2.97 17.22 -34.54
C LEU C 940 4.33 16.69 -35.00
N ALA C 941 4.53 16.59 -36.32
CA ALA C 941 5.77 16.09 -36.89
C ALA C 941 6.93 16.97 -36.40
N ASN C 942 6.74 18.29 -36.54
CA ASN C 942 7.70 19.28 -36.08
C ASN C 942 7.91 19.21 -34.56
N MET C 943 6.83 19.14 -33.78
CA MET C 943 6.93 19.09 -32.33
C MET C 943 7.71 17.85 -31.87
N LEU C 944 7.42 16.68 -32.44
CA LEU C 944 8.05 15.44 -32.00
C LEU C 944 9.50 15.36 -32.45
N SER C 945 9.79 15.91 -33.63
CA SER C 945 11.13 16.02 -34.17
C SER C 945 12.07 16.85 -33.26
N ASN C 946 11.54 17.95 -32.70
CA ASN C 946 12.31 18.82 -31.83
C ASN C 946 12.47 18.18 -30.46
N ALA C 947 11.44 17.46 -29.98
CA ALA C 947 11.46 16.87 -28.67
C ALA C 947 12.27 15.58 -28.66
N PHE C 948 12.32 14.88 -29.81
CA PHE C 948 12.96 13.57 -29.95
C PHE C 948 13.83 13.57 -31.19
N PRO C 949 14.95 14.33 -31.21
CA PRO C 949 15.72 14.53 -32.45
C PRO C 949 16.39 13.27 -33.00
N HIS C 950 16.51 12.22 -32.18
CA HIS C 950 17.10 10.97 -32.63
C HIS C 950 16.13 10.11 -33.47
N LEU C 951 14.83 10.41 -33.43
CA LEU C 951 13.87 9.72 -34.31
C LEU C 951 14.11 10.18 -35.74
N THR C 952 13.89 9.29 -36.72
CA THR C 952 13.83 9.68 -38.14
C THR C 952 12.49 10.31 -38.45
N SER C 953 12.46 11.08 -39.55
CA SER C 953 11.25 11.65 -40.12
C SER C 953 10.25 10.54 -40.41
N GLU C 954 10.76 9.39 -40.89
CA GLU C 954 10.00 8.22 -41.28
C GLU C 954 9.29 7.64 -40.06
N GLN C 955 10.02 7.46 -38.94
CA GLN C 955 9.42 6.98 -37.69
C GLN C 955 8.26 7.88 -37.26
N ILE C 956 8.45 9.20 -37.30
CA ILE C 956 7.47 10.17 -36.82
C ILE C 956 6.25 10.16 -37.74
N ALA C 957 6.48 10.20 -39.05
CA ALA C 957 5.42 10.22 -40.05
C ALA C 957 4.56 8.95 -39.95
N SER C 958 5.18 7.77 -39.76
CA SER C 958 4.48 6.49 -39.65
C SER C 958 3.64 6.41 -38.37
N PHE C 959 4.23 6.90 -37.28
CA PHE C 959 3.58 6.98 -35.99
C PHE C 959 2.32 7.83 -36.10
N LEU C 960 2.46 9.04 -36.66
CA LEU C 960 1.36 9.99 -36.71
C LEU C 960 0.25 9.47 -37.64
N SER C 961 0.65 8.82 -38.76
CA SER C 961 -0.27 8.22 -39.71
C SER C 961 -1.11 7.12 -39.03
N ALA C 962 -0.47 6.25 -38.23
CA ALA C 962 -1.15 5.23 -37.45
C ALA C 962 -2.11 5.85 -36.42
N LEU C 963 -1.61 6.84 -35.68
CA LEU C 963 -2.35 7.55 -34.66
C LEU C 963 -3.66 8.12 -35.21
N THR C 964 -3.61 8.83 -36.34
CA THR C 964 -4.79 9.51 -36.87
C THR C 964 -5.81 8.50 -37.42
N LYS C 965 -5.35 7.36 -37.97
CA LYS C 965 -6.21 6.29 -38.50
C LYS C 965 -6.88 5.49 -37.38
N GLN C 966 -6.34 5.58 -36.16
CA GLN C 966 -6.77 4.75 -35.05
C GLN C 966 -7.48 5.61 -33.99
N CYS C 967 -7.81 6.86 -34.32
CA CYS C 967 -8.35 7.79 -33.33
C CYS C 967 -9.83 7.53 -33.01
N LYS C 968 -10.42 6.43 -33.52
CA LYS C 968 -11.73 5.94 -33.10
C LYS C 968 -11.66 4.55 -32.45
N ASP C 969 -10.46 4.10 -32.04
CA ASP C 969 -10.27 2.76 -31.51
C ASP C 969 -9.24 2.80 -30.37
N LEU C 970 -9.73 2.96 -29.14
CA LEU C 970 -8.90 3.34 -28.00
C LEU C 970 -7.83 2.29 -27.72
N VAL C 971 -8.16 0.99 -27.78
CA VAL C 971 -7.19 -0.05 -27.43
C VAL C 971 -6.05 -0.07 -28.45
N VAL C 972 -6.36 0.16 -29.73
CA VAL C 972 -5.36 0.13 -30.78
C VAL C 972 -4.47 1.39 -30.69
N PHE C 973 -5.09 2.56 -30.53
CA PHE C 973 -4.46 3.87 -30.29
C PHE C 973 -3.45 3.78 -29.15
N LYS C 974 -3.88 3.22 -28.02
CA LYS C 974 -3.04 2.99 -26.87
C LYS C 974 -1.85 2.09 -27.25
N GLY C 975 -2.09 1.03 -28.03
CA GLY C 975 -1.00 0.20 -28.55
C GLY C 975 0.03 1.04 -29.32
N THR C 976 -0.44 1.93 -30.19
CA THR C 976 0.43 2.79 -30.98
C THR C 976 1.23 3.75 -30.09
N LEU C 977 0.57 4.37 -29.10
CA LEU C 977 1.26 5.20 -28.10
C LEU C 977 2.34 4.39 -27.39
N ARG C 978 2.06 3.16 -26.94
CA ARG C 978 3.03 2.37 -26.21
C ARG C 978 4.21 2.00 -27.12
N ASP C 979 3.93 1.75 -28.40
CA ASP C 979 4.96 1.45 -29.39
C ASP C 979 5.93 2.63 -29.50
N PHE C 980 5.37 3.85 -29.51
CA PHE C 980 6.12 5.10 -29.60
C PHE C 980 6.98 5.32 -28.35
N LEU C 981 6.44 5.03 -27.16
CA LEU C 981 7.16 5.09 -25.89
C LEU C 981 8.34 4.11 -25.86
N VAL C 982 8.22 2.95 -26.50
CA VAL C 982 9.36 2.07 -26.67
C VAL C 982 10.39 2.69 -27.63
N GLN C 983 9.93 3.19 -28.80
CA GLN C 983 10.87 3.61 -29.83
C GLN C 983 11.67 4.84 -29.38
N ILE C 984 11.11 5.74 -28.54
CA ILE C 984 11.82 6.96 -28.15
C ILE C 984 12.98 6.64 -27.21
N LYS C 985 13.03 5.42 -26.63
CA LYS C 985 14.07 5.05 -25.68
C LYS C 985 15.28 4.44 -26.36
N GLU C 986 15.23 4.32 -27.70
CA GLU C 986 16.31 3.73 -28.47
C GLU C 986 16.50 4.50 -29.76
N VAL C 987 17.56 4.15 -30.49
CA VAL C 987 17.85 4.66 -31.82
C VAL C 987 17.52 3.57 -32.84
N GLY C 988 16.93 3.98 -33.97
CA GLY C 988 16.77 3.12 -35.14
C GLY C 988 15.57 2.18 -35.02
N GLY C 989 14.52 2.59 -34.30
CA GLY C 989 13.28 1.83 -34.29
C GLY C 989 12.65 1.76 -35.69
N ASP C 990 12.07 0.60 -36.02
CA ASP C 990 11.53 0.31 -37.34
C ASP C 990 10.22 1.08 -37.54
N PRO C 991 10.10 1.96 -38.56
CA PRO C 991 8.85 2.67 -38.78
C PRO C 991 7.66 1.77 -39.13
N THR C 992 7.93 0.60 -39.75
CA THR C 992 6.88 -0.33 -40.13
C THR C 992 6.16 -0.94 -38.91
N ASP C 993 6.75 -0.82 -37.72
CA ASP C 993 6.14 -1.26 -36.47
C ASP C 993 4.75 -0.65 -36.26
N TYR C 994 4.55 0.59 -36.75
CA TYR C 994 3.28 1.30 -36.60
C TYR C 994 2.19 0.79 -37.56
N LEU C 995 2.50 -0.19 -38.43
CA LEU C 995 1.49 -0.85 -39.26
C LEU C 995 0.94 -2.11 -38.57
N PHE C 996 1.36 -2.41 -37.33
CA PHE C 996 0.98 -3.65 -36.67
C PHE C 996 -0.55 -3.84 -36.65
N ALA C 997 -0.96 -5.09 -36.93
CA ALA C 997 -2.36 -5.53 -37.03
C ALA C 997 -2.42 -7.02 -36.67
MG MG D . 14.70 6.40 -1.37
S DMS E . 1.28 -7.38 -11.16
O DMS E . 1.56 -8.57 -10.28
C1 DMS E . 1.57 -7.91 -12.83
C2 DMS E . -0.49 -7.23 -11.27
S DMS F . 14.31 -19.16 0.79
O DMS F . 13.31 -18.11 1.19
C1 DMS F . 14.42 -19.03 -0.98
C2 DMS F . 15.91 -18.51 1.19
C1 EDO G . 11.35 -18.68 9.85
O1 EDO G . 9.97 -18.84 9.56
C2 EDO G . 12.23 -19.73 9.28
O2 EDO G . 13.48 -19.91 9.96
C1 EDO H . -2.54 1.93 10.17
O1 EDO H . -3.39 2.93 10.71
C2 EDO H . -2.78 0.62 10.79
O2 EDO H . -3.69 -0.20 10.04
C1 EDO I . -4.50 -3.69 7.15
O1 EDO I . -5.69 -4.44 7.15
C2 EDO I . -4.67 -2.36 7.76
O2 EDO I . -4.91 -2.39 9.15
PG GTP J . 13.08 6.48 -4.11
O1G GTP J . 12.89 7.46 -5.12
O2G GTP J . 14.22 6.74 -3.26
O3G GTP J . 13.08 5.15 -4.64
O3B GTP J . 11.84 6.56 -3.16
PB GTP J . 11.53 5.91 -1.75
O1B GTP J . 10.83 4.68 -1.99
O2B GTP J . 12.75 5.88 -0.99
O3A GTP J . 10.53 6.92 -1.05
PA GTP J . 10.69 7.80 0.26
O1A GTP J . 10.70 6.89 1.41
O2A GTP J . 11.81 8.70 0.04
O5' GTP J . 9.37 8.65 0.28
C5' GTP J . 8.09 8.08 0.41
C4' GTP J . 7.08 9.18 0.57
O4' GTP J . 5.88 8.60 1.12
C3' GTP J . 7.45 10.28 1.57
O3' GTP J . 6.69 11.46 1.37
C2' GTP J . 7.05 9.61 2.88
O2' GTP J . 6.84 10.51 3.94
C1' GTP J . 5.77 8.90 2.47
N9 GTP J . 5.53 7.66 3.20
C8 GTP J . 6.44 6.70 3.47
N7 GTP J . 5.95 5.70 4.15
C5 GTP J . 4.62 6.03 4.32
C6 GTP J . 3.59 5.33 4.99
O6 GTP J . 3.65 4.26 5.57
N1 GTP J . 2.39 6.03 4.96
C2 GTP J . 2.22 7.24 4.36
N2 GTP J . 0.99 7.76 4.43
N3 GTP J . 3.18 7.90 3.72
C4 GTP J . 4.36 7.26 3.75
CL CL K . 3.72 9.82 12.17
C1 EDO L . 4.43 -17.53 0.62
O1 EDO L . 3.30 -18.38 0.62
C2 EDO L . 4.51 -16.62 1.82
O2 EDO L . 4.89 -17.24 3.05
CL CL M . -37.63 -6.11 11.62
CL CL N . 3.81 -17.89 -30.84
CL CL O . -13.16 -29.45 -11.64
NA NA P . 34.50 -1.76 -25.57
C1 EDO Q . 18.63 6.73 -26.71
O1 EDO Q . 19.49 7.58 -25.93
C2 EDO Q . 17.36 7.44 -26.82
O2 EDO Q . 17.55 8.84 -26.52
C1 GOL R . -2.71 -18.60 9.01
O1 GOL R . -1.89 -19.60 9.61
C2 GOL R . -3.30 -17.62 10.00
O2 GOL R . -2.84 -16.30 9.75
C3 GOL R . -4.82 -17.61 10.01
O3 GOL R . -5.34 -17.40 11.33
S DMS S . 0.44 27.20 -13.62
O DMS S . 0.71 27.55 -15.05
C1 DMS S . -0.72 28.41 -13.01
C2 DMS S . 1.89 27.71 -12.73
S DMS T . -4.40 -15.14 28.55
O DMS T . -5.09 -15.05 27.22
C1 DMS T . -3.59 -13.58 28.84
C2 DMS T . -5.67 -15.02 29.77
C1 GOL U . -15.06 -7.59 18.64
O1 GOL U . -14.53 -8.71 19.35
C2 GOL U . -14.55 -7.50 17.21
O2 GOL U . -13.12 -7.57 17.20
C3 GOL U . -14.96 -6.22 16.50
O3 GOL U . -16.33 -6.20 16.11
S DMS V . -21.93 -16.64 0.41
O DMS V . -21.89 -15.44 1.32
C1 DMS V . -21.13 -17.96 1.30
C2 DMS V . -20.69 -16.35 -0.84
S DMS W . 34.14 -5.03 -26.79
O DMS W . 33.46 -3.71 -27.06
C1 DMS W . 32.87 -6.11 -26.19
C2 DMS W . 34.42 -5.78 -28.37
S1 MPO X . -1.84 -17.56 -7.81
O1 MPO X . -1.99 -17.87 -6.41
O2 MPO X . -0.35 -17.38 -8.23
O4 MPO X . -7.21 -22.49 -5.87
N1 MPO X . -4.70 -21.31 -6.67
C1 MPO X . -2.39 -18.99 -8.73
O3 MPO X . -2.60 -16.45 -8.31
C2 MPO X . -2.80 -20.17 -7.85
C3 MPO X . -4.20 -20.08 -7.32
C4 MPO X . -5.62 -21.97 -7.64
C5 MPO X . -6.51 -23.00 -6.99
C6 MPO X . -6.30 -22.02 -4.89
C7 MPO X . -5.38 -20.94 -5.41
C1 EDO Y . -7.36 -37.53 9.59
O1 EDO Y . -8.41 -38.06 8.83
C2 EDO Y . -7.77 -36.97 10.89
O2 EDO Y . -9.18 -36.89 11.06
C1 EDO Z . 5.09 -33.57 -30.06
O1 EDO Z . 4.59 -32.66 -30.99
C2 EDO Z . 6.50 -33.93 -30.32
O2 EDO Z . 7.25 -32.85 -30.85
C1 EDO AA . -24.03 16.81 23.78
O1 EDO AA . -24.87 17.27 24.82
C2 EDO AA . -23.26 17.92 23.18
O2 EDO AA . -21.86 17.73 23.17
C11 ZLK BA . -30.55 -16.61 31.31
C01 ZLK BA . -33.86 -12.52 29.44
C03 ZLK BA . -31.79 -13.17 30.53
C04 ZLK BA . -31.14 -13.74 31.66
C05 ZLK BA . -31.82 -14.75 32.71
C06 ZLK BA . -30.89 -16.00 32.57
C07 ZLK BA . -30.19 -16.71 33.52
C09 ZLK BA . -28.63 -18.68 33.60
C10 ZLK BA . -29.69 -17.65 31.57
C12 ZLK BA . -30.93 -16.33 29.99
C13 ZLK BA . -30.49 -17.07 28.89
C15 ZLK BA . -32.30 -16.15 27.35
C18 ZLK BA . -34.16 -15.34 25.79
C19 ZLK BA . -35.02 -14.44 26.90
C20 ZLK BA . -36.34 -14.58 26.55
C21 ZLK BA . -36.43 -16.08 25.97
C22 ZLK BA . -34.91 -16.49 25.62
C23 ZLK BA . -29.61 -18.13 29.15
C24 ZLK BA . -29.22 -18.42 30.44
C25 ZLK BA . -29.78 -13.48 31.89
C26 ZLK BA . -29.05 -12.65 31.04
C27 ZLK BA . -29.66 -12.06 29.91
C28 ZLK BA . -31.02 -12.33 29.67
C29 ZLK BA . -28.83 -11.13 28.99
C35 ZLK BA . -24.75 -9.99 29.69
C36 ZLK BA . -23.44 -9.92 29.16
C37 ZLK BA . -22.30 -9.90 29.97
C38 ZLK BA . -22.40 -9.99 31.37
C39 ZLK BA . -23.68 -10.10 31.94
C40 ZLK BA . -24.85 -10.10 31.14
C41 ZLK BA . -26.20 -10.21 31.95
N08 ZLK BA . -29.48 -17.70 32.90
N14 ZLK BA . -30.96 -16.70 27.53
N31 ZLK BA . -27.43 -10.96 29.32
O02 ZLK BA . -33.17 -13.44 30.25
O16 ZLK BA . -33.07 -16.18 28.29
O17 ZLK BA . -32.76 -15.58 26.08
O30 ZLK BA . -29.31 -10.53 28.07
O33 ZLK BA . -26.76 -8.64 28.22
O34 ZLK BA . -25.96 -10.47 27.18
S32 ZLK BA . -26.23 -10.00 28.54
#